data_2AYV
# 
_entry.id   2AYV 
# 
_audit_conform.dict_name       mmcif_pdbx.dic 
_audit_conform.dict_version    5.376 
_audit_conform.dict_location   http://mmcif.pdb.org/dictionaries/ascii/mmcif_pdbx.dic 
# 
loop_
_database_2.database_id 
_database_2.database_code 
_database_2.pdbx_database_accession 
_database_2.pdbx_DOI 
PDB   2AYV         pdb_00002ayv 10.2210/pdb2ayv/pdb 
RCSB  RCSB034466   ?            ?                   
WWPDB D_1000034466 ?            ?                   
# 
_pdbx_database_status.entry_id                        2AYV 
_pdbx_database_status.deposit_site                    RCSB 
_pdbx_database_status.process_site                    RCSB 
_pdbx_database_status.recvd_initial_deposition_date   2005-09-08 
_pdbx_database_status.status_code                     REL 
_pdbx_database_status.status_code_sf                  REL 
_pdbx_database_status.status_code_mr                  ? 
_pdbx_database_status.SG_entry                        Y 
_pdbx_database_status.pdb_format_compatible           Y 
_pdbx_database_status.status_code_cs                  ? 
_pdbx_database_status.methods_development_category    ? 
_pdbx_database_status.status_code_nmr_data            ? 
# 
loop_
_audit_author.name 
_audit_author.pdbx_ordinal 
'Tempel, W.'                           1  
'Dong, A.'                             2  
'Zhao, Y.'                             3  
'Lew, J.'                              4  
'Alam, Z.'                             5  
'Melone, M.'                           6  
'Wasney, G.'                           7  
'Kozieradzki, I.'                      8  
'Vedadi, M.'                           9  
'Arrowsmith, C.'                       10 
'Sundstrom, M.'                        11 
'Weigelt, J.'                          12 
'Edwards, A.'                          13 
'Bochkarev, A.'                        14 
'Hui, R.'                              15 
'Amani, M.'                            16 
'Structural Genomics Consortium (SGC)' 17 
# 
_citation.id                        primary 
_citation.title                     
'Genome-scale protein expression and structural biology of Plasmodium falciparum and related Apicomplexan organisms.' 
_citation.journal_abbrev            Mol.Biochem.Parasitol. 
_citation.journal_volume            151 
_citation.page_first                100 
_citation.page_last                 110 
_citation.year                      2007 
_citation.journal_id_ASTM           MBIPDP 
_citation.country                   NE 
_citation.journal_id_ISSN           0166-6851 
_citation.journal_id_CSD            2085 
_citation.book_publisher            ? 
_citation.pdbx_database_id_PubMed   17125854 
_citation.pdbx_database_id_DOI      10.1016/j.molbiopara.2006.10.011 
# 
loop_
_citation_author.citation_id 
_citation_author.name 
_citation_author.ordinal 
_citation_author.identifier_ORCID 
primary 'Vedadi, M.'       1  ? 
primary 'Lew, J.'          2  ? 
primary 'Artz, J.'         3  ? 
primary 'Amani, M.'        4  ? 
primary 'Zhao, Y.'         5  ? 
primary 'Dong, A.'         6  ? 
primary 'Wasney, G.A.'     7  ? 
primary 'Gao, M.'          8  ? 
primary 'Hills, T.'        9  ? 
primary 'Brokx, S.'        10 ? 
primary 'Qiu, W.'          11 ? 
primary 'Sharma, S.'       12 ? 
primary 'Diassiti, A.'     13 ? 
primary 'Alam, Z.'         14 ? 
primary 'Melone, M.'       15 ? 
primary 'Mulichak, A.'     16 ? 
primary 'Wernimont, A.'    17 ? 
primary 'Bray, J.'         18 ? 
primary 'Loppnau, P.'      19 ? 
primary 'Plotnikova, O.'   20 ? 
primary 'Newberry, K.'     21 ? 
primary 'Sundararajan, E.' 22 ? 
primary 'Houston, S.'      23 ? 
primary 'Walker, J.'       24 ? 
primary 'Tempel, W.'       25 ? 
primary 'Bochkarev, A.'    26 ? 
primary 'Kozieradzki, I.'  27 ? 
primary 'Edwards, A.'      28 ? 
primary 'Arrowsmith, C.'   29 ? 
primary 'Roos, D.'         30 ? 
primary 'Kain, K.'         31 ? 
primary 'Hui, R.'          32 ? 
# 
_cell.length_a           46.553 
_cell.length_b           85.611 
_cell.length_c           89.612 
_cell.angle_alpha        90.00 
_cell.angle_beta         90.00 
_cell.angle_gamma        90.00 
_cell.entry_id           2AYV 
_cell.pdbx_unique_axis   ? 
_cell.Z_PDB              8 
# 
_symmetry.space_group_name_H-M             'I 2 2 2' 
_symmetry.Int_Tables_number                23 
_symmetry.entry_id                         2AYV 
_symmetry.pdbx_full_space_group_name_H-M   ? 
_symmetry.cell_setting                     ? 
_symmetry.space_group_name_Hall            ? 
# 
loop_
_entity.id 
_entity.type 
_entity.src_method 
_entity.pdbx_description 
_entity.formula_weight 
_entity.pdbx_number_of_molecules 
_entity.pdbx_ec 
_entity.pdbx_mutation 
_entity.pdbx_fragment 
_entity.details 
1 polymer     man 'ubiquitin-conjugating enzyme E2' 18815.109 1  6.3.2.19 ? ? ? 
2 non-polymer syn 'UNKNOWN ATOM OR ION'             ?         10 ?        ? ? ? 
3 water       nat water                             18.015    16 ?        ? ? ? 
# 
_entity_poly.entity_id                      1 
_entity_poly.type                           'polypeptide(L)' 
_entity_poly.nstd_linkage                   no 
_entity_poly.nstd_monomer                   no 
_entity_poly.pdbx_seq_one_letter_code       
;MGSSHHHHHHSSGRENLYFQGALKRINKELNDLSKDPPTNCSAGPVGDDMFHWQATIMGPEDSPYSGGVFFLNIHFPSDY
PFKPPKVNFTTKIYHPNINSQGAICLDILKDQWSPALTISKVLLSISSLLTDPNPDDPLVPEIAHLYKSDRMRYDQTARE
WSQKYA
;
_entity_poly.pdbx_seq_one_letter_code_can   
;MGSSHHHHHHSSGRENLYFQGALKRINKELNDLSKDPPTNCSAGPVGDDMFHWQATIMGPEDSPYSGGVFFLNIHFPSDY
PFKPPKVNFTTKIYHPNINSQGAICLDILKDQWSPALTISKVLLSISSLLTDPNPDDPLVPEIAHLYKSDRMRYDQTARE
WSQKYA
;
_entity_poly.pdbx_strand_id                 A 
_entity_poly.pdbx_target_identifier         ? 
# 
loop_
_entity_poly_seq.entity_id 
_entity_poly_seq.num 
_entity_poly_seq.mon_id 
_entity_poly_seq.hetero 
1 1   MET n 
1 2   GLY n 
1 3   SER n 
1 4   SER n 
1 5   HIS n 
1 6   HIS n 
1 7   HIS n 
1 8   HIS n 
1 9   HIS n 
1 10  HIS n 
1 11  SER n 
1 12  SER n 
1 13  GLY n 
1 14  ARG n 
1 15  GLU n 
1 16  ASN n 
1 17  LEU n 
1 18  TYR n 
1 19  PHE n 
1 20  GLN n 
1 21  GLY n 
1 22  ALA n 
1 23  LEU n 
1 24  LYS n 
1 25  ARG n 
1 26  ILE n 
1 27  ASN n 
1 28  LYS n 
1 29  GLU n 
1 30  LEU n 
1 31  ASN n 
1 32  ASP n 
1 33  LEU n 
1 34  SER n 
1 35  LYS n 
1 36  ASP n 
1 37  PRO n 
1 38  PRO n 
1 39  THR n 
1 40  ASN n 
1 41  CYS n 
1 42  SER n 
1 43  ALA n 
1 44  GLY n 
1 45  PRO n 
1 46  VAL n 
1 47  GLY n 
1 48  ASP n 
1 49  ASP n 
1 50  MET n 
1 51  PHE n 
1 52  HIS n 
1 53  TRP n 
1 54  GLN n 
1 55  ALA n 
1 56  THR n 
1 57  ILE n 
1 58  MET n 
1 59  GLY n 
1 60  PRO n 
1 61  GLU n 
1 62  ASP n 
1 63  SER n 
1 64  PRO n 
1 65  TYR n 
1 66  SER n 
1 67  GLY n 
1 68  GLY n 
1 69  VAL n 
1 70  PHE n 
1 71  PHE n 
1 72  LEU n 
1 73  ASN n 
1 74  ILE n 
1 75  HIS n 
1 76  PHE n 
1 77  PRO n 
1 78  SER n 
1 79  ASP n 
1 80  TYR n 
1 81  PRO n 
1 82  PHE n 
1 83  LYS n 
1 84  PRO n 
1 85  PRO n 
1 86  LYS n 
1 87  VAL n 
1 88  ASN n 
1 89  PHE n 
1 90  THR n 
1 91  THR n 
1 92  LYS n 
1 93  ILE n 
1 94  TYR n 
1 95  HIS n 
1 96  PRO n 
1 97  ASN n 
1 98  ILE n 
1 99  ASN n 
1 100 SER n 
1 101 GLN n 
1 102 GLY n 
1 103 ALA n 
1 104 ILE n 
1 105 CYS n 
1 106 LEU n 
1 107 ASP n 
1 108 ILE n 
1 109 LEU n 
1 110 LYS n 
1 111 ASP n 
1 112 GLN n 
1 113 TRP n 
1 114 SER n 
1 115 PRO n 
1 116 ALA n 
1 117 LEU n 
1 118 THR n 
1 119 ILE n 
1 120 SER n 
1 121 LYS n 
1 122 VAL n 
1 123 LEU n 
1 124 LEU n 
1 125 SER n 
1 126 ILE n 
1 127 SER n 
1 128 SER n 
1 129 LEU n 
1 130 LEU n 
1 131 THR n 
1 132 ASP n 
1 133 PRO n 
1 134 ASN n 
1 135 PRO n 
1 136 ASP n 
1 137 ASP n 
1 138 PRO n 
1 139 LEU n 
1 140 VAL n 
1 141 PRO n 
1 142 GLU n 
1 143 ILE n 
1 144 ALA n 
1 145 HIS n 
1 146 LEU n 
1 147 TYR n 
1 148 LYS n 
1 149 SER n 
1 150 ASP n 
1 151 ARG n 
1 152 MET n 
1 153 ARG n 
1 154 TYR n 
1 155 ASP n 
1 156 GLN n 
1 157 THR n 
1 158 ALA n 
1 159 ARG n 
1 160 GLU n 
1 161 TRP n 
1 162 SER n 
1 163 GLN n 
1 164 LYS n 
1 165 TYR n 
1 166 ALA n 
# 
_entity_src_gen.entity_id                          1 
_entity_src_gen.pdbx_src_id                        1 
_entity_src_gen.pdbx_alt_source_flag               sample 
_entity_src_gen.pdbx_seq_type                      ? 
_entity_src_gen.pdbx_beg_seq_num                   ? 
_entity_src_gen.pdbx_end_seq_num                   ? 
_entity_src_gen.gene_src_common_name               ? 
_entity_src_gen.gene_src_genus                     Toxoplasma 
_entity_src_gen.pdbx_gene_src_gene                 ? 
_entity_src_gen.gene_src_species                   ? 
_entity_src_gen.gene_src_strain                    ? 
_entity_src_gen.gene_src_tissue                    ? 
_entity_src_gen.gene_src_tissue_fraction           ? 
_entity_src_gen.gene_src_details                   ? 
_entity_src_gen.pdbx_gene_src_fragment             ? 
_entity_src_gen.pdbx_gene_src_scientific_name      'Toxoplasma gondii' 
_entity_src_gen.pdbx_gene_src_ncbi_taxonomy_id     5811 
_entity_src_gen.pdbx_gene_src_variant              ? 
_entity_src_gen.pdbx_gene_src_cell_line            ? 
_entity_src_gen.pdbx_gene_src_atcc                 ? 
_entity_src_gen.pdbx_gene_src_organ                ? 
_entity_src_gen.pdbx_gene_src_organelle            ? 
_entity_src_gen.pdbx_gene_src_cell                 ? 
_entity_src_gen.pdbx_gene_src_cellular_location    ? 
_entity_src_gen.host_org_common_name               ? 
_entity_src_gen.pdbx_host_org_scientific_name      'Escherichia coli' 
_entity_src_gen.pdbx_host_org_ncbi_taxonomy_id     562 
_entity_src_gen.host_org_genus                     Escherichia 
_entity_src_gen.pdbx_host_org_gene                 ? 
_entity_src_gen.pdbx_host_org_organ                ? 
_entity_src_gen.host_org_species                   ? 
_entity_src_gen.pdbx_host_org_tissue               ? 
_entity_src_gen.pdbx_host_org_tissue_fraction      ? 
_entity_src_gen.pdbx_host_org_strain               'BL21 (DE3) CodonPlus-RIL' 
_entity_src_gen.pdbx_host_org_variant              ? 
_entity_src_gen.pdbx_host_org_cell_line            ? 
_entity_src_gen.pdbx_host_org_atcc                 ? 
_entity_src_gen.pdbx_host_org_culture_collection   ? 
_entity_src_gen.pdbx_host_org_cell                 ? 
_entity_src_gen.pdbx_host_org_organelle            ? 
_entity_src_gen.pdbx_host_org_cellular_location    ? 
_entity_src_gen.pdbx_host_org_vector_type          plasmid 
_entity_src_gen.pdbx_host_org_vector               ? 
_entity_src_gen.host_org_details                   ? 
_entity_src_gen.expression_system_id               ? 
_entity_src_gen.plasmid_name                       p15TvL 
_entity_src_gen.plasmid_details                    ? 
_entity_src_gen.pdbx_description                   ? 
# 
_struct_ref.id                         1 
_struct_ref.entity_id                  1 
_struct_ref.db_name                    PDB 
_struct_ref.db_code                    2AYV 
_struct_ref.pdbx_db_accession          2AYV 
_struct_ref.pdbx_db_isoform            ? 
_struct_ref.pdbx_seq_one_letter_code   ? 
_struct_ref.pdbx_align_begin           ? 
# 
_struct_ref_seq.align_id                      1 
_struct_ref_seq.ref_id                        1 
_struct_ref_seq.pdbx_PDB_id_code              2AYV 
_struct_ref_seq.pdbx_strand_id                A 
_struct_ref_seq.seq_align_beg                 1 
_struct_ref_seq.pdbx_seq_align_beg_ins_code   ? 
_struct_ref_seq.seq_align_end                 166 
_struct_ref_seq.pdbx_seq_align_end_ins_code   ? 
_struct_ref_seq.pdbx_db_accession             2AYV 
_struct_ref_seq.db_align_beg                  -19 
_struct_ref_seq.pdbx_db_align_beg_ins_code    ? 
_struct_ref_seq.db_align_end                  146 
_struct_ref_seq.pdbx_db_align_end_ins_code    ? 
_struct_ref_seq.pdbx_auth_seq_align_beg       -19 
_struct_ref_seq.pdbx_auth_seq_align_end       146 
# 
loop_
_chem_comp.id 
_chem_comp.type 
_chem_comp.mon_nstd_flag 
_chem_comp.name 
_chem_comp.pdbx_synonyms 
_chem_comp.formula 
_chem_comp.formula_weight 
ALA 'L-peptide linking' y ALANINE               ? 'C3 H7 N O2'     89.093  
ARG 'L-peptide linking' y ARGININE              ? 'C6 H15 N4 O2 1' 175.209 
ASN 'L-peptide linking' y ASPARAGINE            ? 'C4 H8 N2 O3'    132.118 
ASP 'L-peptide linking' y 'ASPARTIC ACID'       ? 'C4 H7 N O4'     133.103 
CYS 'L-peptide linking' y CYSTEINE              ? 'C3 H7 N O2 S'   121.158 
GLN 'L-peptide linking' y GLUTAMINE             ? 'C5 H10 N2 O3'   146.144 
GLU 'L-peptide linking' y 'GLUTAMIC ACID'       ? 'C5 H9 N O4'     147.129 
GLY 'peptide linking'   y GLYCINE               ? 'C2 H5 N O2'     75.067  
HIS 'L-peptide linking' y HISTIDINE             ? 'C6 H10 N3 O2 1' 156.162 
HOH non-polymer         . WATER                 ? 'H2 O'           18.015  
ILE 'L-peptide linking' y ISOLEUCINE            ? 'C6 H13 N O2'    131.173 
LEU 'L-peptide linking' y LEUCINE               ? 'C6 H13 N O2'    131.173 
LYS 'L-peptide linking' y LYSINE                ? 'C6 H15 N2 O2 1' 147.195 
MET 'L-peptide linking' y METHIONINE            ? 'C5 H11 N O2 S'  149.211 
PHE 'L-peptide linking' y PHENYLALANINE         ? 'C9 H11 N O2'    165.189 
PRO 'L-peptide linking' y PROLINE               ? 'C5 H9 N O2'     115.130 
SER 'L-peptide linking' y SERINE                ? 'C3 H7 N O3'     105.093 
THR 'L-peptide linking' y THREONINE             ? 'C4 H9 N O3'     119.119 
TRP 'L-peptide linking' y TRYPTOPHAN            ? 'C11 H12 N2 O2'  204.225 
TYR 'L-peptide linking' y TYROSINE              ? 'C9 H11 N O3'    181.189 
UNX non-polymer         . 'UNKNOWN ATOM OR ION' ? ?                ?       
VAL 'L-peptide linking' y VALINE                ? 'C5 H11 N O2'    117.146 
# 
_exptl.crystals_number   1 
_exptl.method            'X-RAY DIFFRACTION' 
_exptl.entry_id          2AYV 
# 
_exptl_crystal.id                    1 
_exptl_crystal.density_percent_sol   53.7 
_exptl_crystal.density_Matthews      2.7 
_exptl_crystal.density_meas          ? 
_exptl_crystal.description           ? 
_exptl_crystal.F_000                 ? 
_exptl_crystal.preparation           ? 
# 
_exptl_crystal_grow.crystal_id      1 
_exptl_crystal_grow.method          'VAPOR DIFFUSION, SITTING DROP' 
_exptl_crystal_grow.pH              4.6 
_exptl_crystal_grow.temp            291 
_exptl_crystal_grow.pdbx_details    
'3.5M sodium formate, 0.1M sodium acetate, pH 4.6, vapor diffusion, sitting drop, temperature 291K' 
_exptl_crystal_grow.temp_details    ? 
_exptl_crystal_grow.pdbx_pH_range   . 
# 
_diffrn.id                     1 
_diffrn.ambient_temp           100 
_diffrn.ambient_temp_details   ? 
_diffrn.crystal_id             1 
# 
_diffrn_detector.diffrn_id              1 
_diffrn_detector.detector               'IMAGE PLATE' 
_diffrn_detector.type                   'RIGAKU RAXIS' 
_diffrn_detector.pdbx_collection_date   2005-09-06 
_diffrn_detector.details                ? 
# 
_diffrn_radiation.diffrn_id                        1 
_diffrn_radiation.pdbx_diffrn_protocol             'SINGLE WAVELENGTH' 
_diffrn_radiation.wavelength_id                    1 
_diffrn_radiation.monochromator                    ? 
_diffrn_radiation.pdbx_monochromatic_or_laue_m_l   M 
_diffrn_radiation.pdbx_scattering_type             x-ray 
# 
_diffrn_radiation_wavelength.id           1 
_diffrn_radiation_wavelength.wavelength   1.5418 
_diffrn_radiation_wavelength.wt           1.0 
# 
_diffrn_source.diffrn_id                   1 
_diffrn_source.source                      'ROTATING ANODE' 
_diffrn_source.type                        'RIGAKU FR-E' 
_diffrn_source.pdbx_wavelength_list        1.5418 
_diffrn_source.pdbx_wavelength             ? 
_diffrn_source.pdbx_synchrotron_site       ? 
_diffrn_source.pdbx_synchrotron_beamline   ? 
# 
_reflns.entry_id                     2AYV 
_reflns.d_resolution_low             20.00 
_reflns.d_resolution_high            2.00 
_reflns.number_obs                   12360 
_reflns.percent_possible_obs         99.200 
_reflns.pdbx_Rmerge_I_obs            0.038 
_reflns.pdbx_chi_squared             1.021 
_reflns.pdbx_redundancy              5.700 
_reflns.pdbx_scaling_rejects         ? 
_reflns.pdbx_netI_over_sigmaI        ? 
_reflns.pdbx_Rsym_value              ? 
_reflns.observed_criterion_sigma_F   ? 
_reflns.observed_criterion_sigma_I   ? 
_reflns.number_all                   ? 
_reflns.B_iso_Wilson_estimate        ? 
_reflns.R_free_details               ? 
_reflns.limit_h_max                  ? 
_reflns.limit_h_min                  ? 
_reflns.limit_k_max                  ? 
_reflns.limit_k_min                  ? 
_reflns.limit_l_max                  ? 
_reflns.limit_l_min                  ? 
_reflns.observed_criterion_F_max     ? 
_reflns.observed_criterion_F_min     ? 
_reflns.pdbx_ordinal                 1 
_reflns.pdbx_diffrn_id               1 
# 
loop_
_reflns_shell.d_res_low 
_reflns_shell.d_res_high 
_reflns_shell.number_measured_obs 
_reflns_shell.percent_possible_obs 
_reflns_shell.Rmerge_I_obs 
_reflns_shell.pdbx_chi_squared 
_reflns_shell.pdbx_redundancy 
_reflns_shell.number_unique_obs 
_reflns_shell.meanI_over_sigI_obs 
_reflns_shell.pdbx_Rsym_value 
_reflns_shell.percent_possible_all 
_reflns_shell.number_unique_all 
_reflns_shell.number_measured_all 
_reflns_shell.pdbx_ordinal 
_reflns_shell.pdbx_diffrn_id 
2.15  2.00 2351 96.200  0.331 1.100 5.400 ? ? ? ? ? ? 1 1 
2.37  2.15 2444 99.900  0.195 1.050 5.700 ? ? ? ? ? ? 2 1 
2.71  2.37 2467 100.000 0.092 0.992 5.800 ? ? ? ? ? ? 3 1 
3.42  2.71 2494 100.000 0.041 1.035 5.900 ? ? ? ? ? ? 4 1 
20.00 3.42 2604 99.900  0.025 0.941 5.800 ? ? ? ? ? ? 5 1 
# 
_refine.details                                  ? 
_refine.B_iso_mean                               20.822 
_refine.aniso_B[1][1]                            1.984 
_refine.aniso_B[2][2]                            0.390 
_refine.aniso_B[3][3]                            -2.374 
_refine.aniso_B[1][2]                            0.000 
_refine.aniso_B[1][3]                            0.000 
_refine.aniso_B[2][3]                            0.000 
_refine.solvent_model_details                    'MASK BULK SOLVENT' 
_refine.pdbx_solvent_vdw_probe_radii             1.200 
_refine.pdbx_solvent_ion_probe_radii             0.800 
_refine.pdbx_solvent_shrinkage_radii             0.800 
_refine.ls_d_res_high                            2.001 
_refine.ls_d_res_low                             20.000 
_refine.ls_number_reflns_R_free                  597 
_refine.ls_number_reflns_obs                     12359 
_refine.ls_R_factor_R_work                       0.2261 
_refine.ls_R_factor_R_free                       0.258 
_refine.ls_R_factor_all                          0.228 
_refine.ls_wR_factor_R_work                      0.260 
_refine.ls_wR_factor_R_free                      0.275 
_refine.ls_percent_reflns_obs                    99.333 
_refine.ls_percent_reflns_R_free                 4.830 
_refine.correlation_coeff_Fo_to_Fc               0.952 
_refine.correlation_coeff_Fo_to_Fc_free          0.929 
_refine.pdbx_overall_ESU_R                       0.187 
_refine.pdbx_overall_ESU_R_Free                  0.165 
_refine.overall_SU_ML                            0.167 
_refine.overall_SU_B                             12.897 
_refine.entry_id                                 2AYV 
_refine.pdbx_ls_sigma_F                          ? 
_refine.pdbx_ls_sigma_I                          ? 
_refine.ls_number_reflns_all                     ? 
_refine.ls_R_factor_obs                          ? 
_refine.ls_redundancy_reflns_obs                 ? 
_refine.pdbx_data_cutoff_high_absF               ? 
_refine.pdbx_data_cutoff_low_absF                ? 
_refine.ls_number_parameters                     ? 
_refine.ls_number_restraints                     ? 
_refine.ls_R_factor_R_free_error                 ? 
_refine.ls_R_factor_R_free_error_details         ? 
_refine.pdbx_method_to_determine_struct          'MOLECULAR REPLACEMENT' 
_refine.pdbx_starting_model                      1X23 
_refine.pdbx_ls_cross_valid_method               THROUGHOUT 
_refine.pdbx_R_Free_selection_details            RANDOM 
_refine.pdbx_stereochem_target_val_spec_case     ? 
_refine.pdbx_stereochemistry_target_values       ? 
_refine.solvent_model_param_bsol                 ? 
_refine.solvent_model_param_ksol                 ? 
_refine.occupancy_max                            ? 
_refine.occupancy_min                            ? 
_refine.pdbx_isotropic_thermal_model             ? 
_refine.B_iso_min                                ? 
_refine.B_iso_max                                ? 
_refine.overall_SU_R_Cruickshank_DPI             ? 
_refine.overall_SU_R_free                        ? 
_refine.pdbx_data_cutoff_high_rms_absF           ? 
_refine.overall_FOM_free_R_set                   ? 
_refine.overall_FOM_work_R_set                   ? 
_refine.pdbx_refine_id                           'X-RAY DIFFRACTION' 
_refine.pdbx_TLS_residual_ADP_flag               'LIKELY RESIDUAL' 
_refine.pdbx_diffrn_id                           1 
_refine.pdbx_overall_phase_error                 ? 
_refine.pdbx_overall_SU_R_free_Cruickshank_DPI   ? 
_refine.pdbx_overall_SU_R_Blow_DPI               ? 
_refine.pdbx_overall_SU_R_free_Blow_DPI          ? 
# 
_refine_hist.pdbx_refine_id                   'X-RAY DIFFRACTION' 
_refine_hist.cycle_id                         LAST 
_refine_hist.pdbx_number_atoms_protein        1132 
_refine_hist.pdbx_number_atoms_nucleic_acid   0 
_refine_hist.pdbx_number_atoms_ligand         10 
_refine_hist.number_atoms_solvent             16 
_refine_hist.number_atoms_total               1158 
_refine_hist.d_res_high                       2.001 
_refine_hist.d_res_low                        20.000 
# 
loop_
_refine_ls_restr.type 
_refine_ls_restr.number 
_refine_ls_restr.dev_ideal 
_refine_ls_restr.dev_ideal_target 
_refine_ls_restr.weight 
_refine_ls_restr.pdbx_refine_id 
_refine_ls_restr.pdbx_restraint_function 
r_bond_refined_d         1176 0.016  0.022  ? 'X-RAY DIFFRACTION' ? 
r_angle_refined_deg      1614 1.408  1.952  ? 'X-RAY DIFFRACTION' ? 
r_dihedral_angle_1_deg   147  6.150  5.000  ? 'X-RAY DIFFRACTION' ? 
r_dihedral_angle_2_deg   51   35.319 24.706 ? 'X-RAY DIFFRACTION' ? 
r_dihedral_angle_3_deg   163  14.402 15.000 ? 'X-RAY DIFFRACTION' ? 
r_dihedral_angle_4_deg   3    8.024  15.000 ? 'X-RAY DIFFRACTION' ? 
r_chiral_restr           174  0.091  0.200  ? 'X-RAY DIFFRACTION' ? 
r_gen_planes_refined     932  0.006  0.020  ? 'X-RAY DIFFRACTION' ? 
r_nbd_refined            528  0.181  0.200  ? 'X-RAY DIFFRACTION' ? 
r_nbtor_refined          800  0.305  0.200  ? 'X-RAY DIFFRACTION' ? 
r_xyhbond_nbd_refined    57   0.141  0.200  ? 'X-RAY DIFFRACTION' ? 
r_symmetry_vdw_refined   42   0.296  0.200  ? 'X-RAY DIFFRACTION' ? 
r_symmetry_hbond_refined 2    0.212  0.200  ? 'X-RAY DIFFRACTION' ? 
r_mcbond_it              768  2.453  2.000  ? 'X-RAY DIFFRACTION' ? 
r_mcangle_it             1216 3.303  3.000  ? 'X-RAY DIFFRACTION' ? 
r_scbond_it              477  2.869  2.000  ? 'X-RAY DIFFRACTION' ? 
r_scangle_it             398  3.666  3.000  ? 'X-RAY DIFFRACTION' ? 
# 
loop_
_refine_ls_shell.pdbx_total_number_of_bins_used 
_refine_ls_shell.d_res_low 
_refine_ls_shell.d_res_high 
_refine_ls_shell.number_reflns_all 
_refine_ls_shell.percent_reflns_obs 
_refine_ls_shell.number_reflns_R_work 
_refine_ls_shell.R_factor_R_work 
_refine_ls_shell.number_reflns_R_free 
_refine_ls_shell.R_factor_R_free 
_refine_ls_shell.number_reflns_obs 
_refine_ls_shell.R_factor_R_free_error 
_refine_ls_shell.percent_reflns_R_free 
_refine_ls_shell.redundancy_reflns_obs 
_refine_ls_shell.pdbx_refine_id 
_refine_ls_shell.R_factor_all 
20 2.052  2.001 881 92.849  780 0.327 38 0.434 . . . . 'X-RAY DIFFRACTION' . 
20 2.108  2.052 880 98.636  824 0.294 44 0.366 . . . . 'X-RAY DIFFRACTION' . 
20 2.168  2.108 845 99.645  789 0.284 53 0.252 . . . . 'X-RAY DIFFRACTION' . 
20 2.234  2.168 838 99.761  799 0.256 37 0.374 . . . . 'X-RAY DIFFRACTION' . 
20 2.306  2.234 804 100.000 766 0.246 38 0.27  . . . . 'X-RAY DIFFRACTION' . 
20 2.386  2.306 785 100.000 747 0.264 38 0.258 . . . . 'X-RAY DIFFRACTION' . 
20 2.475  2.386 739 100.000 706 0.242 33 0.337 . . . . 'X-RAY DIFFRACTION' . 
20 2.574  2.475 731 100.000 696 0.247 35 0.376 . . . . 'X-RAY DIFFRACTION' . 
20 2.687  2.574 699 100.000 665 0.239 34 0.245 . . . . 'X-RAY DIFFRACTION' . 
20 2.815  2.687 671 100.000 646 0.254 25 0.22  . . . . 'X-RAY DIFFRACTION' . 
20 2.964  2.815 634 100.000 608 0.246 26 0.229 . . . . 'X-RAY DIFFRACTION' . 
20 3.140  2.964 615 100.000 583 0.247 32 0.306 . . . . 'X-RAY DIFFRACTION' . 
20 3.351  3.140 568 100.000 537 0.236 31 0.283 . . . . 'X-RAY DIFFRACTION' . 
20 3.611  3.351 545 100.000 522 0.223 23 0.255 . . . . 'X-RAY DIFFRACTION' . 
20 3.943  3.611 491 99.796  459 0.197 31 0.269 . . . . 'X-RAY DIFFRACTION' . 
20 4.387  3.943 464 100.000 443 0.182 21 0.244 . . . . 'X-RAY DIFFRACTION' . 
20 5.025  4.387 403 100.000 388 0.181 15 0.165 . . . . 'X-RAY DIFFRACTION' . 
20 6.060  5.025 362 100.000 336 0.235 26 0.244 . . . . 'X-RAY DIFFRACTION' . 
20 8.202  6.060 290 100.000 279 0.234 11 0.194 . . . . 'X-RAY DIFFRACTION' . 
20 20.000 8.202 197 98.985  189 0.187 6  0.193 . . . . 'X-RAY DIFFRACTION' . 
# 
_struct.entry_id                  2AYV 
_struct.title                     'Crystal structure of a putative ubiquitin-conjugating enzyme E2 from Toxoplasma gondii' 
_struct.pdbx_model_details        ? 
_struct.pdbx_CASP_flag            ? 
_struct.pdbx_model_type_details   ? 
# 
_struct_keywords.text            
'Structural Genomics, Structural Genomics Consortium, ubiquitin, ubiquitin-conjugating enzyme, SGC, LIGASE' 
_struct_keywords.entry_id        2AYV 
_struct_keywords.pdbx_keywords   LIGASE 
# 
loop_
_struct_asym.id 
_struct_asym.pdbx_blank_PDB_chainid_flag 
_struct_asym.pdbx_modified 
_struct_asym.entity_id 
_struct_asym.details 
A N N 1 ? 
B N N 2 ? 
C N N 2 ? 
D N N 2 ? 
E N N 2 ? 
F N N 2 ? 
G N N 2 ? 
H N N 2 ? 
I N N 2 ? 
J N N 2 ? 
K N N 2 ? 
L N N 3 ? 
# 
_struct_biol.id   1 
# 
loop_
_struct_conf.conf_type_id 
_struct_conf.id 
_struct_conf.pdbx_PDB_helix_id 
_struct_conf.beg_label_comp_id 
_struct_conf.beg_label_asym_id 
_struct_conf.beg_label_seq_id 
_struct_conf.pdbx_beg_PDB_ins_code 
_struct_conf.end_label_comp_id 
_struct_conf.end_label_asym_id 
_struct_conf.end_label_seq_id 
_struct_conf.pdbx_end_PDB_ins_code 
_struct_conf.beg_auth_comp_id 
_struct_conf.beg_auth_asym_id 
_struct_conf.beg_auth_seq_id 
_struct_conf.end_auth_comp_id 
_struct_conf.end_auth_asym_id 
_struct_conf.end_auth_seq_id 
_struct_conf.pdbx_PDB_helix_class 
_struct_conf.details 
_struct_conf.pdbx_PDB_helix_length 
HELX_P HELX_P1 1 GLY A 21  ? ASP A 36  ? GLY A 1   ASP A 16  1 ? 16 
HELX_P HELX_P2 2 LEU A 106 ? LYS A 110 ? LEU A 86  LYS A 90  5 ? 5  
HELX_P HELX_P3 3 THR A 118 ? ASP A 132 ? THR A 98  ASP A 112 1 ? 15 
HELX_P HELX_P4 4 VAL A 140 ? ASP A 150 ? VAL A 120 ASP A 130 1 ? 11 
HELX_P HELX_P5 5 ASP A 150 ? ALA A 166 ? ASP A 130 ALA A 146 1 ? 17 
# 
_struct_conf_type.id          HELX_P 
_struct_conf_type.criteria    ? 
_struct_conf_type.reference   ? 
# 
_struct_mon_prot_cis.pdbx_id                1 
_struct_mon_prot_cis.label_comp_id          TYR 
_struct_mon_prot_cis.label_seq_id           80 
_struct_mon_prot_cis.label_asym_id          A 
_struct_mon_prot_cis.label_alt_id           . 
_struct_mon_prot_cis.pdbx_PDB_ins_code      ? 
_struct_mon_prot_cis.auth_comp_id           TYR 
_struct_mon_prot_cis.auth_seq_id            60 
_struct_mon_prot_cis.auth_asym_id           A 
_struct_mon_prot_cis.pdbx_label_comp_id_2   PRO 
_struct_mon_prot_cis.pdbx_label_seq_id_2    81 
_struct_mon_prot_cis.pdbx_label_asym_id_2   A 
_struct_mon_prot_cis.pdbx_PDB_ins_code_2    ? 
_struct_mon_prot_cis.pdbx_auth_comp_id_2    PRO 
_struct_mon_prot_cis.pdbx_auth_seq_id_2     61 
_struct_mon_prot_cis.pdbx_auth_asym_id_2    A 
_struct_mon_prot_cis.pdbx_PDB_model_num     1 
_struct_mon_prot_cis.pdbx_omega_angle       4.77 
# 
_struct_sheet.id               A 
_struct_sheet.type             ? 
_struct_sheet.number_strands   4 
_struct_sheet.details          ? 
# 
loop_
_struct_sheet_order.sheet_id 
_struct_sheet_order.range_id_1 
_struct_sheet_order.range_id_2 
_struct_sheet_order.offset 
_struct_sheet_order.sense 
A 1 2 ? anti-parallel 
A 2 3 ? anti-parallel 
A 3 4 ? anti-parallel 
# 
loop_
_struct_sheet_range.sheet_id 
_struct_sheet_range.id 
_struct_sheet_range.beg_label_comp_id 
_struct_sheet_range.beg_label_asym_id 
_struct_sheet_range.beg_label_seq_id 
_struct_sheet_range.pdbx_beg_PDB_ins_code 
_struct_sheet_range.end_label_comp_id 
_struct_sheet_range.end_label_asym_id 
_struct_sheet_range.end_label_seq_id 
_struct_sheet_range.pdbx_end_PDB_ins_code 
_struct_sheet_range.beg_auth_comp_id 
_struct_sheet_range.beg_auth_asym_id 
_struct_sheet_range.beg_auth_seq_id 
_struct_sheet_range.end_auth_comp_id 
_struct_sheet_range.end_auth_asym_id 
_struct_sheet_range.end_auth_seq_id 
A 1 CYS A 41 ? PRO A 45 ? CYS A 21 PRO A 25 
A 2 HIS A 52 ? MET A 58 ? HIS A 32 MET A 38 
A 3 VAL A 69 ? HIS A 75 ? VAL A 49 HIS A 55 
A 4 LYS A 86 ? PHE A 89 ? LYS A 66 PHE A 69 
# 
loop_
_pdbx_struct_sheet_hbond.sheet_id 
_pdbx_struct_sheet_hbond.range_id_1 
_pdbx_struct_sheet_hbond.range_id_2 
_pdbx_struct_sheet_hbond.range_1_label_atom_id 
_pdbx_struct_sheet_hbond.range_1_label_comp_id 
_pdbx_struct_sheet_hbond.range_1_label_asym_id 
_pdbx_struct_sheet_hbond.range_1_label_seq_id 
_pdbx_struct_sheet_hbond.range_1_PDB_ins_code 
_pdbx_struct_sheet_hbond.range_1_auth_atom_id 
_pdbx_struct_sheet_hbond.range_1_auth_comp_id 
_pdbx_struct_sheet_hbond.range_1_auth_asym_id 
_pdbx_struct_sheet_hbond.range_1_auth_seq_id 
_pdbx_struct_sheet_hbond.range_2_label_atom_id 
_pdbx_struct_sheet_hbond.range_2_label_comp_id 
_pdbx_struct_sheet_hbond.range_2_label_asym_id 
_pdbx_struct_sheet_hbond.range_2_label_seq_id 
_pdbx_struct_sheet_hbond.range_2_PDB_ins_code 
_pdbx_struct_sheet_hbond.range_2_auth_atom_id 
_pdbx_struct_sheet_hbond.range_2_auth_comp_id 
_pdbx_struct_sheet_hbond.range_2_auth_asym_id 
_pdbx_struct_sheet_hbond.range_2_auth_seq_id 
A 1 2 N SER A 42 ? N SER A 22 O THR A 56 ? O THR A 36 
A 2 3 N ALA A 55 ? N ALA A 35 O LEU A 72 ? O LEU A 52 
A 3 4 N ASN A 73 ? N ASN A 53 O ASN A 88 ? O ASN A 68 
# 
loop_
_struct_site.id 
_struct_site.pdbx_evidence_code 
_struct_site.pdbx_auth_asym_id 
_struct_site.pdbx_auth_comp_id 
_struct_site.pdbx_auth_seq_id 
_struct_site.pdbx_auth_ins_code 
_struct_site.pdbx_num_residues 
_struct_site.details 
AC1 Software A UNX 147 ? 2 'BINDING SITE FOR RESIDUE UNX A 147' 
AC2 Software A UNX 148 ? 3 'BINDING SITE FOR RESIDUE UNX A 148' 
AC3 Software A UNX 149 ? 3 'BINDING SITE FOR RESIDUE UNX A 149' 
AC4 Software A UNX 150 ? 2 'BINDING SITE FOR RESIDUE UNX A 150' 
AC5 Software A UNX 151 ? 1 'BINDING SITE FOR RESIDUE UNX A 151' 
AC6 Software A UNX 152 ? 2 'BINDING SITE FOR RESIDUE UNX A 152' 
AC7 Software A UNX 153 ? 3 'BINDING SITE FOR RESIDUE UNX A 153' 
AC8 Software A UNX 154 ? 1 'BINDING SITE FOR RESIDUE UNX A 154' 
AC9 Software A UNX 155 ? 1 'BINDING SITE FOR RESIDUE UNX A 155' 
BC1 Software A UNX 156 ? 2 'BINDING SITE FOR RESIDUE UNX A 156' 
# 
loop_
_struct_site_gen.id 
_struct_site_gen.site_id 
_struct_site_gen.pdbx_num_res 
_struct_site_gen.label_comp_id 
_struct_site_gen.label_asym_id 
_struct_site_gen.label_seq_id 
_struct_site_gen.pdbx_auth_ins_code 
_struct_site_gen.auth_comp_id 
_struct_site_gen.auth_asym_id 
_struct_site_gen.auth_seq_id 
_struct_site_gen.label_atom_id 
_struct_site_gen.label_alt_id 
_struct_site_gen.symmetry 
_struct_site_gen.details 
1  AC1 2 ILE A 93  ? ILE A 73  . ? 1_555 ? 
2  AC1 2 ASN A 99  ? ASN A 79  . ? 1_555 ? 
3  AC2 3 LEU A 106 ? LEU A 86  . ? 1_555 ? 
4  AC2 3 ASP A 107 ? ASP A 87  . ? 1_555 ? 
5  AC2 3 ILE A 108 ? ILE A 88  . ? 1_555 ? 
6  AC3 3 GLN A 54  ? GLN A 34  . ? 8_566 ? 
7  AC3 3 GLU A 61  ? GLU A 41  . ? 1_555 ? 
8  AC3 3 UNX E .   ? UNX A 150 . ? 1_555 ? 
9  AC4 2 ASP A 62  ? ASP A 42  . ? 1_555 ? 
10 AC4 2 UNX D .   ? UNX A 149 . ? 1_555 ? 
11 AC5 1 SER A 125 ? SER A 105 . ? 1_555 ? 
12 AC6 2 ARG A 153 ? ARG A 133 . ? 1_555 ? 
13 AC6 2 THR A 157 ? THR A 137 . ? 1_555 ? 
14 AC7 3 GLU A 29  ? GLU A 9   . ? 1_555 ? 
15 AC7 3 ILE A 119 ? ILE A 99  . ? 1_555 ? 
16 AC7 3 SER A 120 ? SER A 100 . ? 1_555 ? 
17 AC8 1 LEU A 139 ? LEU A 119 . ? 1_555 ? 
18 AC9 1 ASP A 132 ? ASP A 112 . ? 1_555 ? 
19 BC1 2 HIS A 75  ? HIS A 55  . ? 1_555 ? 
20 BC1 2 LYS A 86  ? LYS A 66  . ? 1_555 ? 
# 
_atom_sites.entry_id                    2AYV 
_atom_sites.fract_transf_matrix[1][1]   -0.01640565 
_atom_sites.fract_transf_matrix[1][2]   0.00152690 
_atom_sites.fract_transf_matrix[1][3]   0.01378092 
_atom_sites.fract_transf_matrix[2][1]   0.00628558 
_atom_sites.fract_transf_matrix[2][2]   0.00722971 
_atom_sites.fract_transf_matrix[2][3]   0.00668170 
_atom_sites.fract_transf_matrix[3][1]   -0.00397804 
_atom_sites.fract_transf_matrix[3][2]   0.00872915 
_atom_sites.fract_transf_matrix[3][3]   -0.00570288 
_atom_sites.fract_transf_vector[1]      0.458165 
_atom_sites.fract_transf_vector[2]      0.817190 
_atom_sites.fract_transf_vector[3]      0.852744 
# 
loop_
_atom_type.symbol 
C 
N 
O 
S 
X 
# 
loop_
_atom_site.group_PDB 
_atom_site.id 
_atom_site.type_symbol 
_atom_site.label_atom_id 
_atom_site.label_alt_id 
_atom_site.label_comp_id 
_atom_site.label_asym_id 
_atom_site.label_entity_id 
_atom_site.label_seq_id 
_atom_site.pdbx_PDB_ins_code 
_atom_site.Cartn_x 
_atom_site.Cartn_y 
_atom_site.Cartn_z 
_atom_site.occupancy 
_atom_site.B_iso_or_equiv 
_atom_site.pdbx_formal_charge 
_atom_site.auth_seq_id 
_atom_site.auth_comp_id 
_atom_site.auth_asym_id 
_atom_site.auth_atom_id 
_atom_site.pdbx_PDB_model_num 
ATOM   1    N N   . PHE A 1 19  ? 14.803  16.447  -8.789  1.00 29.34 ? -1  PHE A N   1 
ATOM   2    C CA  . PHE A 1 19  ? 15.553  16.740  -7.531  1.00 29.66 ? -1  PHE A CA  1 
ATOM   3    C C   . PHE A 1 19  ? 16.901  16.038  -7.519  1.00 29.84 ? -1  PHE A C   1 
ATOM   4    O O   . PHE A 1 19  ? 16.978  14.799  -7.412  1.00 27.82 ? -1  PHE A O   1 
ATOM   5    C CB  . PHE A 1 19  ? 14.721  16.402  -6.261  1.00 31.46 ? -1  PHE A CB  1 
ATOM   6    C CG  . PHE A 1 19  ? 15.469  16.639  -4.936  1.00 31.92 ? -1  PHE A CG  1 
ATOM   7    C CD1 . PHE A 1 19  ? 15.526  15.636  -3.962  1.00 28.61 ? -1  PHE A CD1 1 
ATOM   8    C CD2 . PHE A 1 19  ? 16.128  17.866  -4.680  1.00 31.33 ? -1  PHE A CD2 1 
ATOM   9    C CE1 . PHE A 1 19  ? 16.210  15.838  -2.745  1.00 29.00 ? -1  PHE A CE1 1 
ATOM   10   C CE2 . PHE A 1 19  ? 16.821  18.078  -3.467  1.00 30.16 ? -1  PHE A CE2 1 
ATOM   11   C CZ  . PHE A 1 19  ? 16.853  17.062  -2.495  1.00 29.95 ? -1  PHE A CZ  1 
ATOM   12   N N   . GLN A 1 20  ? 17.961  16.837  -7.650  1.00 29.86 ? 0   GLN A N   1 
ATOM   13   C CA  . GLN A 1 20  ? 19.329  16.337  -7.548  1.00 33.05 ? 0   GLN A CA  1 
ATOM   14   C C   . GLN A 1 20  ? 19.636  16.032  -6.078  1.00 33.75 ? 0   GLN A C   1 
ATOM   15   O O   . GLN A 1 20  ? 20.238  16.851  -5.363  1.00 38.95 ? 0   GLN A O   1 
ATOM   16   C CB  . GLN A 1 20  ? 20.333  17.341  -8.137  1.00 34.18 ? 0   GLN A CB  1 
ATOM   17   N N   . GLY A 1 21  ? 19.207  14.846  -5.647  1.00 28.78 ? 1   GLY A N   1 
ATOM   18   C CA  . GLY A 1 21  ? 19.328  14.412  -4.268  1.00 24.22 ? 1   GLY A CA  1 
ATOM   19   C C   . GLY A 1 21  ? 18.263  13.383  -3.933  1.00 21.00 ? 1   GLY A C   1 
ATOM   20   O O   . GLY A 1 21  ? 18.179  12.911  -2.791  1.00 22.52 ? 1   GLY A O   1 
ATOM   21   N N   . ALA A 1 22  ? 17.444  13.043  -4.932  1.00 19.06 ? 2   ALA A N   1 
ATOM   22   C CA  . ALA A 1 22  ? 16.367  12.057  -4.781  1.00 18.44 ? 2   ALA A CA  1 
ATOM   23   C C   . ALA A 1 22  ? 16.924  10.627  -4.637  1.00 17.27 ? 2   ALA A C   1 
ATOM   24   O O   . ALA A 1 22  ? 16.435  9.826   -3.812  1.00 13.90 ? 2   ALA A O   1 
ATOM   25   C CB  . ALA A 1 22  ? 15.380  12.141  -5.967  1.00 14.65 ? 2   ALA A CB  1 
ATOM   26   N N   . LEU A 1 23  ? 17.937  10.325  -5.440  1.00 18.58 ? 3   LEU A N   1 
ATOM   27   C CA  . LEU A 1 23  ? 18.570  8.999   -5.464  1.00 18.16 ? 3   LEU A CA  1 
ATOM   28   C C   . LEU A 1 23  ? 19.282  8.681   -4.146  1.00 18.84 ? 3   LEU A C   1 
ATOM   29   O O   . LEU A 1 23  ? 19.181  7.560   -3.626  1.00 19.52 ? 3   LEU A O   1 
ATOM   30   C CB  . LEU A 1 23  ? 19.536  8.886   -6.639  1.00 17.63 ? 3   LEU A CB  1 
ATOM   31   N N   . LYS A 1 24  ? 19.985  9.682   -3.615  1.00 21.81 ? 4   LYS A N   1 
ATOM   32   C CA  . LYS A 1 24  ? 20.628  9.599   -2.306  1.00 22.08 ? 4   LYS A CA  1 
ATOM   33   C C   . LYS A 1 24  ? 19.617  9.284   -1.205  1.00 20.10 ? 4   LYS A C   1 
ATOM   34   O O   . LYS A 1 24  ? 19.915  8.511   -0.295  1.00 18.08 ? 4   LYS A O   1 
ATOM   35   C CB  . LYS A 1 24  ? 21.382  10.895  -1.990  1.00 25.12 ? 4   LYS A CB  1 
ATOM   36   N N   . ARG A 1 25  ? 18.421  9.875   -1.299  1.00 18.62 ? 5   ARG A N   1 
ATOM   37   C CA  . ARG A 1 25  ? 17.351  9.629   -0.329  1.00 16.84 ? 5   ARG A CA  1 
ATOM   38   C C   . ARG A 1 25  ? 16.673  8.245   -0.477  1.00 16.82 ? 5   ARG A C   1 
ATOM   39   O O   . ARG A 1 25  ? 16.292  7.617   0.526   1.00 14.10 ? 5   ARG A O   1 
ATOM   40   C CB  . ARG A 1 25  ? 16.307  10.775  -0.370  1.00 14.73 ? 5   ARG A CB  1 
ATOM   41   C CG  . ARG A 1 25  ? 14.983  10.461  0.249   1.00 14.42 ? 5   ARG A CG  1 
ATOM   42   C CD  . ARG A 1 25  ? 15.079  10.296  1.765   1.00 17.55 ? 5   ARG A CD  1 
ATOM   43   N NE  . ARG A 1 25  ? 13.752  10.038  2.320   1.00 17.20 ? 5   ARG A NE  1 
ATOM   44   C CZ  . ARG A 1 25  ? 12.961  10.989  2.825   1.00 18.01 ? 5   ARG A CZ  1 
ATOM   45   N NH1 . ARG A 1 25  ? 13.370  12.254  2.877   1.00 13.16 ? 5   ARG A NH1 1 
ATOM   46   N NH2 . ARG A 1 25  ? 11.763  10.672  3.285   1.00 18.82 ? 5   ARG A NH2 1 
ATOM   47   N N   . ILE A 1 26  ? 16.480  7.806   -1.721  1.00 18.75 ? 6   ILE A N   1 
ATOM   48   C CA  . ILE A 1 26  ? 15.951  6.475   -2.013  1.00 16.84 ? 6   ILE A CA  1 
ATOM   49   C C   . ILE A 1 26  ? 16.980  5.421   -1.509  1.00 20.73 ? 6   ILE A C   1 
ATOM   50   O O   . ILE A 1 26  ? 16.592  4.412   -0.927  1.00 20.08 ? 6   ILE A O   1 
ATOM   51   C CB  . ILE A 1 26  ? 15.617  6.301   -3.544  1.00 17.79 ? 6   ILE A CB  1 
ATOM   52   C CG1 . ILE A 1 26  ? 14.452  7.204   -3.972  1.00 16.52 ? 6   ILE A CG1 1 
ATOM   53   C CG2 . ILE A 1 26  ? 15.293  4.839   -3.897  1.00 16.55 ? 6   ILE A CG2 1 
ATOM   54   C CD1 . ILE A 1 26  ? 14.405  7.499   -5.471  1.00 16.41 ? 6   ILE A CD1 1 
ATOM   55   N N   . ASN A 1 27  ? 18.279  5.698   -1.706  1.00 22.24 ? 7   ASN A N   1 
ATOM   56   C CA  . ASN A 1 27  ? 19.378  4.871   -1.140  1.00 25.42 ? 7   ASN A CA  1 
ATOM   57   C C   . ASN A 1 27  ? 19.365  4.790   0.393   1.00 26.04 ? 7   ASN A C   1 
ATOM   58   O O   . ASN A 1 27  ? 19.525  3.705   0.959   1.00 22.26 ? 7   ASN A O   1 
ATOM   59   C CB  . ASN A 1 27  ? 20.757  5.371   -1.606  1.00 24.63 ? 7   ASN A CB  1 
ATOM   60   C CG  . ASN A 1 27  ? 21.120  4.894   -3.005  1.00 26.05 ? 7   ASN A CG  1 
ATOM   61   O OD1 . ASN A 1 27  ? 20.428  4.063   -3.594  1.00 26.49 ? 7   ASN A OD1 1 
ATOM   62   N ND2 . ASN A 1 27  ? 22.226  5.425   -3.545  1.00 25.68 ? 7   ASN A ND2 1 
ATOM   63   N N   . LYS A 1 28  ? 19.184  5.945   1.052   1.00 27.26 ? 8   LYS A N   1 
ATOM   64   C CA  . LYS A 1 28  ? 19.044  6.000   2.514   1.00 29.00 ? 8   LYS A CA  1 
ATOM   65   C C   . LYS A 1 28  ? 17.893  5.109   2.971   1.00 31.71 ? 8   LYS A C   1 
ATOM   66   O O   . LYS A 1 28  ? 18.033  4.338   3.935   1.00 30.78 ? 8   LYS A O   1 
ATOM   67   C CB  . LYS A 1 28  ? 18.816  7.436   2.994   1.00 30.97 ? 8   LYS A CB  1 
ATOM   68   C CG  . LYS A 1 28  ? 18.759  7.600   4.520   1.00 31.52 ? 8   LYS A CG  1 
ATOM   69   N N   . GLU A 1 29  ? 16.771  5.198   2.257   1.00 28.40 ? 9   GLU A N   1 
ATOM   70   C CA  . GLU A 1 29  ? 15.581  4.447   2.611   1.00 27.95 ? 9   GLU A CA  1 
ATOM   71   C C   . GLU A 1 29  ? 15.693  2.954   2.316   1.00 28.94 ? 9   GLU A C   1 
ATOM   72   O O   . GLU A 1 29  ? 15.106  2.137   3.037   1.00 28.84 ? 9   GLU A O   1 
ATOM   73   C CB  . GLU A 1 29  ? 14.363  5.018   1.908   1.00 27.76 ? 9   GLU A CB  1 
ATOM   74   C CG  . GLU A 1 29  ? 13.918  6.371   2.475   1.00 28.12 ? 9   GLU A CG  1 
ATOM   75   C CD  . GLU A 1 29  ? 12.480  6.655   2.172   1.00 29.11 ? 9   GLU A CD  1 
ATOM   76   O OE1 . GLU A 1 29  ? 11.709  5.684   2.051   1.00 28.26 ? 9   GLU A OE1 1 
ATOM   77   O OE2 . GLU A 1 29  ? 12.107  7.847   2.064   1.00 31.33 ? 9   GLU A OE2 1 
ATOM   78   N N   . LEU A 1 30  ? 16.407  2.612   1.240   1.00 26.52 ? 10  LEU A N   1 
ATOM   79   C CA  . LEU A 1 30  ? 16.644  1.210   0.867   1.00 25.02 ? 10  LEU A CA  1 
ATOM   80   C C   . LEU A 1 30  ? 17.411  0.518   1.974   1.00 23.35 ? 10  LEU A C   1 
ATOM   81   O O   . LEU A 1 30  ? 17.047  -0.584  2.386   1.00 25.56 ? 10  LEU A O   1 
ATOM   82   C CB  . LEU A 1 30  ? 17.409  1.117   -0.452  1.00 25.21 ? 10  LEU A CB  1 
ATOM   83   N N   . ASN A 1 31  ? 18.442  1.202   2.469   1.00 21.58 ? 11  ASN A N   1 
ATOM   84   C CA  . ASN A 1 31  ? 19.297  0.728   3.545   1.00 26.04 ? 11  ASN A CA  1 
ATOM   85   C C   . ASN A 1 31  ? 18.569  0.529   4.869   1.00 27.05 ? 11  ASN A C   1 
ATOM   86   O O   . ASN A 1 31  ? 18.919  -0.355  5.645   1.00 27.43 ? 11  ASN A O   1 
ATOM   87   C CB  . ASN A 1 31  ? 20.500  1.666   3.732   1.00 25.69 ? 11  ASN A CB  1 
ATOM   88   N N   . ASP A 1 32  ? 17.559  1.347   5.127   1.00 27.88 ? 12  ASP A N   1 
ATOM   89   C CA  . ASP A 1 32  ? 16.830  1.279   6.395   1.00 30.17 ? 12  ASP A CA  1 
ATOM   90   C C   . ASP A 1 32  ? 15.658  0.295   6.364   1.00 31.75 ? 12  ASP A C   1 
ATOM   91   O O   . ASP A 1 32  ? 15.363  -0.328  7.376   1.00 32.97 ? 12  ASP A O   1 
ATOM   92   C CB  . ASP A 1 32  ? 16.428  2.679   6.864   1.00 31.02 ? 12  ASP A CB  1 
ATOM   93   C CG  . ASP A 1 32  ? 17.629  3.615   6.971   1.00 31.69 ? 12  ASP A CG  1 
ATOM   94   O OD1 . ASP A 1 32  ? 18.759  3.124   6.767   1.00 31.22 ? 12  ASP A OD1 1 
ATOM   95   O OD2 . ASP A 1 32  ? 17.456  4.825   7.244   1.00 31.95 ? 12  ASP A OD2 1 
ATOM   96   N N   . LEU A 1 33  ? 15.018  0.131   5.203   1.00 33.02 ? 13  LEU A N   1 
ATOM   97   C CA  . LEU A 1 33  ? 14.073  -0.978  4.998   1.00 36.32 ? 13  LEU A CA  1 
ATOM   98   C C   . LEU A 1 33  ? 14.814  -2.320  5.046   1.00 39.84 ? 13  LEU A C   1 
ATOM   99   O O   . LEU A 1 33  ? 14.187  -3.383  5.144   1.00 41.15 ? 13  LEU A O   1 
ATOM   100  C CB  . LEU A 1 33  ? 13.316  -0.843  3.674   1.00 35.44 ? 13  LEU A CB  1 
ATOM   101  C CG  . LEU A 1 33  ? 11.875  -0.334  3.738   1.00 35.20 ? 13  LEU A CG  1 
ATOM   102  N N   . SER A 1 34  ? 16.145  -2.258  4.980   1.00 41.92 ? 14  SER A N   1 
ATOM   103  C CA  . SER A 1 34  ? 16.996  -3.437  5.054   1.00 42.87 ? 14  SER A CA  1 
ATOM   104  C C   . SER A 1 34  ? 17.462  -3.656  6.498   1.00 43.74 ? 14  SER A C   1 
ATOM   105  O O   . SER A 1 34  ? 17.389  -4.771  7.017   1.00 42.85 ? 14  SER A O   1 
ATOM   106  C CB  . SER A 1 34  ? 18.182  -3.303  4.084   1.00 42.70 ? 14  SER A CB  1 
ATOM   107  O OG  . SER A 1 34  ? 19.353  -2.795  4.716   1.00 42.98 ? 14  SER A OG  1 
ATOM   108  N N   . LYS A 1 35  ? 17.914  -2.573  7.139   1.00 45.04 ? 15  LYS A N   1 
ATOM   109  C CA  . LYS A 1 35  ? 18.384  -2.590  8.534   1.00 45.02 ? 15  LYS A CA  1 
ATOM   110  C C   . LYS A 1 35  ? 17.243  -2.866  9.524   1.00 46.62 ? 15  LYS A C   1 
ATOM   111  O O   . LYS A 1 35  ? 17.416  -3.646  10.470  1.00 46.80 ? 15  LYS A O   1 
ATOM   112  C CB  . LYS A 1 35  ? 19.101  -1.268  8.871   1.00 44.00 ? 15  LYS A CB  1 
ATOM   113  C CG  . LYS A 1 35  ? 19.510  -1.092  10.329  1.00 43.40 ? 15  LYS A CG  1 
ATOM   114  N N   . ASP A 1 36  ? 16.085  -2.236  9.291   1.00 46.79 ? 16  ASP A N   1 
ATOM   115  C CA  . ASP A 1 36  ? 14.926  -2.358  10.189  1.00 46.68 ? 16  ASP A CA  1 
ATOM   116  C C   . ASP A 1 36  ? 13.580  -2.448  9.433   1.00 44.66 ? 16  ASP A C   1 
ATOM   117  O O   . ASP A 1 36  ? 12.800  -1.488  9.432   1.00 45.91 ? 16  ASP A O   1 
ATOM   118  C CB  . ASP A 1 36  ? 14.920  -1.193  11.194  1.00 48.19 ? 16  ASP A CB  1 
ATOM   119  C CG  . ASP A 1 36  ? 14.102  -1.497  12.435  1.00 50.03 ? 16  ASP A CG  1 
ATOM   120  O OD1 . ASP A 1 36  ? 14.697  -1.951  13.442  1.00 51.08 ? 16  ASP A OD1 1 
ATOM   121  O OD2 . ASP A 1 36  ? 12.866  -1.295  12.402  1.00 50.37 ? 16  ASP A OD2 1 
ATOM   122  N N   . PRO A 1 37  ? 13.290  -3.615  8.817   1.00 42.96 ? 17  PRO A N   1 
ATOM   123  C CA  . PRO A 1 37  ? 12.143  -3.768  7.897   1.00 41.27 ? 17  PRO A CA  1 
ATOM   124  C C   . PRO A 1 37  ? 10.761  -3.609  8.555   1.00 40.20 ? 17  PRO A C   1 
ATOM   125  O O   . PRO A 1 37  ? 10.598  -3.960  9.726   1.00 41.11 ? 17  PRO A O   1 
ATOM   126  C CB  . PRO A 1 37  ? 12.315  -5.200  7.362   1.00 41.13 ? 17  PRO A CB  1 
ATOM   127  C CG  . PRO A 1 37  ? 13.101  -5.901  8.401   1.00 40.47 ? 17  PRO A CG  1 
ATOM   128  C CD  . PRO A 1 37  ? 14.034  -4.882  8.972   1.00 41.08 ? 17  PRO A CD  1 
ATOM   129  N N   . PRO A 1 38  ? 9.763   -3.090  7.804   1.00 38.36 ? 18  PRO A N   1 
ATOM   130  C CA  . PRO A 1 38  ? 8.418   -3.003  8.376   1.00 38.37 ? 18  PRO A CA  1 
ATOM   131  C C   . PRO A 1 38  ? 7.808   -4.393  8.529   1.00 38.04 ? 18  PRO A C   1 
ATOM   132  O O   . PRO A 1 38  ? 8.067   -5.264  7.704   1.00 37.27 ? 18  PRO A O   1 
ATOM   133  C CB  . PRO A 1 38  ? 7.626   -2.186  7.343   1.00 39.07 ? 18  PRO A CB  1 
ATOM   134  C CG  . PRO A 1 38  ? 8.595   -1.771  6.295   1.00 37.76 ? 18  PRO A CG  1 
ATOM   135  C CD  . PRO A 1 38  ? 9.818   -2.592  6.417   1.00 36.40 ? 18  PRO A CD  1 
ATOM   136  N N   . THR A 1 39  ? 7.013   -4.588  9.579   1.00 38.44 ? 19  THR A N   1 
ATOM   137  C CA  . THR A 1 39  ? 6.415   -5.887  9.876   1.00 38.52 ? 19  THR A CA  1 
ATOM   138  C C   . THR A 1 39  ? 5.382   -6.296  8.821   1.00 35.43 ? 19  THR A C   1 
ATOM   139  O O   . THR A 1 39  ? 4.533   -5.501  8.423   1.00 35.43 ? 19  THR A O   1 
ATOM   140  C CB  . THR A 1 39  ? 5.817   -5.919  11.311  1.00 41.81 ? 19  THR A CB  1 
ATOM   141  O OG1 . THR A 1 39  ? 6.852   -5.614  12.264  1.00 42.70 ? 19  THR A OG1 1 
ATOM   142  C CG2 . THR A 1 39  ? 5.219   -7.306  11.637  1.00 41.73 ? 19  THR A CG2 1 
ATOM   143  N N   . ASN A 1 40  ? 5.489   -7.544  8.380   1.00 31.07 ? 20  ASN A N   1 
ATOM   144  C CA  . ASN A 1 40  ? 4.654   -8.131  7.322   1.00 28.05 ? 20  ASN A CA  1 
ATOM   145  C C   . ASN A 1 40  ? 4.806   -7.450  5.950   1.00 22.28 ? 20  ASN A C   1 
ATOM   146  O O   . ASN A 1 40  ? 3.938   -7.584  5.094   1.00 21.45 ? 20  ASN A O   1 
ATOM   147  C CB  . ASN A 1 40  ? 3.168   -8.220  7.727   1.00 31.08 ? 20  ASN A CB  1 
ATOM   148  C CG  . ASN A 1 40  ? 2.925   -9.118  8.935   1.00 33.99 ? 20  ASN A CG  1 
ATOM   149  O OD1 . ASN A 1 40  ? 3.481   -10.224 9.048   1.00 32.01 ? 20  ASN A OD1 1 
ATOM   150  N ND2 . ASN A 1 40  ? 2.070   -8.644  9.847   1.00 35.52 ? 20  ASN A ND2 1 
ATOM   151  N N   . CYS A 1 41  ? 5.933   -6.765  5.752   1.00 20.87 ? 21  CYS A N   1 
ATOM   152  C CA  . CYS A 1 41  ? 6.210   -5.984  4.533   1.00 20.78 ? 21  CYS A CA  1 
ATOM   153  C C   . CYS A 1 41  ? 7.625   -6.165  4.038   1.00 18.88 ? 21  CYS A C   1 
ATOM   154  O O   . CYS A 1 41  ? 8.541   -6.404  4.815   1.00 20.69 ? 21  CYS A O   1 
ATOM   155  C CB  . CYS A 1 41  ? 6.005   -4.486  4.786   1.00 18.98 ? 21  CYS A CB  1 
ATOM   156  S SG  . CYS A 1 41  ? 4.341   -4.035  5.126   1.00 25.39 ? 21  CYS A SG  1 
ATOM   157  N N   . SER A 1 42  ? 7.803   -6.015  2.731   1.00 18.26 ? 22  SER A N   1 
ATOM   158  C CA  . SER A 1 42  ? 9.128   -5.913  2.156   1.00 16.49 ? 22  SER A CA  1 
ATOM   159  C C   . SER A 1 42  ? 9.050   -5.099  0.879   1.00 12.86 ? 22  SER A C   1 
ATOM   160  O O   . SER A 1 42  ? 8.009   -5.039  0.257   1.00 15.86 ? 22  SER A O   1 
ATOM   161  C CB  . SER A 1 42  ? 9.737   -7.306  1.910   1.00 15.31 ? 22  SER A CB  1 
ATOM   162  O OG  . SER A 1 42  ? 9.538   -7.726  0.574   1.00 19.70 ? 22  SER A OG  1 
ATOM   163  N N   . ALA A 1 43  ? 10.153  -4.463  0.514   1.00 10.37 ? 23  ALA A N   1 
ATOM   164  C CA  . ALA A 1 43  ? 10.227  -3.644  -0.695  1.00 8.99  ? 23  ALA A CA  1 
ATOM   165  C C   . ALA A 1 43  ? 11.663  -3.413  -1.048  1.00 5.31  ? 23  ALA A C   1 
ATOM   166  O O   . ALA A 1 43  ? 12.526  -3.367  -0.171  1.00 6.48  ? 23  ALA A O   1 
ATOM   167  C CB  . ALA A 1 43  ? 9.508   -2.249  -0.475  1.00 7.76  ? 23  ALA A CB  1 
ATOM   168  N N   . GLY A 1 44  ? 11.917  -3.237  -2.338  1.00 5.15  ? 24  GLY A N   1 
ATOM   169  C CA  . GLY A 1 44  ? 13.247  -2.946  -2.797  1.00 4.31  ? 24  GLY A CA  1 
ATOM   170  C C   . GLY A 1 44  ? 13.188  -2.697  -4.278  1.00 6.54  ? 24  GLY A C   1 
ATOM   171  O O   . GLY A 1 44  ? 12.170  -2.985  -4.911  1.00 7.66  ? 24  GLY A O   1 
ATOM   172  N N   . PRO A 1 45  ? 14.277  -2.154  -4.842  1.00 6.40  ? 25  PRO A N   1 
ATOM   173  C CA  . PRO A 1 45  ? 14.390  -1.812  -6.254  1.00 7.98  ? 25  PRO A CA  1 
ATOM   174  C C   . PRO A 1 45  ? 14.182  -3.020  -7.147  1.00 12.68 ? 25  PRO A C   1 
ATOM   175  O O   . PRO A 1 45  ? 14.438  -4.171  -6.719  1.00 12.21 ? 25  PRO A O   1 
ATOM   176  C CB  . PRO A 1 45  ? 15.832  -1.323  -6.371  1.00 7.23  ? 25  PRO A CB  1 
ATOM   177  C CG  . PRO A 1 45  ? 16.170  -0.873  -4.992  1.00 7.96  ? 25  PRO A CG  1 
ATOM   178  C CD  . PRO A 1 45  ? 15.496  -1.806  -4.089  1.00 5.58  ? 25  PRO A CD  1 
ATOM   179  N N   . VAL A 1 46  ? 13.707  -2.779  -8.368  1.00 16.45 ? 26  VAL A N   1 
ATOM   180  C CA  . VAL A 1 46  ? 13.663  -3.845  -9.387  1.00 20.13 ? 26  VAL A CA  1 
ATOM   181  C C   . VAL A 1 46  ? 14.476  -3.487  -10.637 1.00 22.59 ? 26  VAL A C   1 
ATOM   182  O O   . VAL A 1 46  ? 14.061  -2.675  -11.463 1.00 27.96 ? 26  VAL A O   1 
ATOM   183  C CB  . VAL A 1 46  ? 12.203  -4.368  -9.711  1.00 19.86 ? 26  VAL A CB  1 
ATOM   184  C CG1 . VAL A 1 46  ? 11.202  -3.260  -9.781  1.00 17.19 ? 26  VAL A CG1 1 
ATOM   185  C CG2 . VAL A 1 46  ? 12.200  -5.227  -11.025 1.00 19.58 ? 26  VAL A CG2 1 
ATOM   186  N N   . GLY A 1 47  ? 15.652  -4.088  -10.743 1.00 23.87 ? 27  GLY A N   1 
ATOM   187  C CA  . GLY A 1 47  ? 16.551  -3.834  -11.861 1.00 25.70 ? 27  GLY A CA  1 
ATOM   188  C C   . GLY A 1 47  ? 17.510  -2.703  -11.553 1.00 28.99 ? 27  GLY A C   1 
ATOM   189  O O   . GLY A 1 47  ? 17.757  -2.396  -10.374 1.00 30.42 ? 27  GLY A O   1 
ATOM   190  N N   . ASP A 1 48  ? 18.045  -2.083  -12.614 1.00 28.27 ? 28  ASP A N   1 
ATOM   191  C CA  . ASP A 1 48  ? 18.964  -0.949  -12.499 1.00 28.35 ? 28  ASP A CA  1 
ATOM   192  C C   . ASP A 1 48  ? 18.227  0.399   -12.366 1.00 27.62 ? 28  ASP A C   1 
ATOM   193  O O   . ASP A 1 48  ? 18.842  1.466   -12.463 1.00 30.47 ? 28  ASP A O   1 
ATOM   194  C CB  . ASP A 1 48  ? 19.920  -0.920  -13.695 1.00 30.27 ? 28  ASP A CB  1 
ATOM   195  N N   . ASP A 1 49  ? 16.916  0.332   -12.147 1.00 25.01 ? 29  ASP A N   1 
ATOM   196  C CA  . ASP A 1 49  ? 16.049  1.512   -12.020 1.00 25.12 ? 29  ASP A CA  1 
ATOM   197  C C   . ASP A 1 49  ? 15.705  1.724   -10.540 1.00 21.89 ? 29  ASP A C   1 
ATOM   198  O O   . ASP A 1 49  ? 14.745  1.137   -10.032 1.00 22.24 ? 29  ASP A O   1 
ATOM   199  C CB  . ASP A 1 49  ? 14.774  1.297   -12.861 1.00 25.85 ? 29  ASP A CB  1 
ATOM   200  C CG  . ASP A 1 49  ? 13.874  2.535   -12.946 1.00 25.90 ? 29  ASP A CG  1 
ATOM   201  O OD1 . ASP A 1 49  ? 14.218  3.638   -12.447 1.00 24.41 ? 29  ASP A OD1 1 
ATOM   202  O OD2 . ASP A 1 49  ? 12.790  2.387   -13.546 1.00 27.95 ? 29  ASP A OD2 1 
ATOM   203  N N   . MET A 1 50  ? 16.503  2.548   -9.855  1.00 19.59 ? 30  MET A N   1 
ATOM   204  C CA  . MET A 1 50  ? 16.313  2.808   -8.411  1.00 22.50 ? 30  MET A CA  1 
ATOM   205  C C   . MET A 1 50  ? 14.987  3.498   -8.048  1.00 17.52 ? 30  MET A C   1 
ATOM   206  O O   . MET A 1 50  ? 14.487  3.339   -6.927  1.00 21.65 ? 30  MET A O   1 
ATOM   207  C CB  . MET A 1 50  ? 17.501  3.572   -7.814  1.00 24.92 ? 30  MET A CB  1 
ATOM   208  C CG  . MET A 1 50  ? 17.758  3.242   -6.337  1.00 30.06 ? 30  MET A CG  1 
ATOM   209  S SD  . MET A 1 50  ? 18.669  1.688   -6.119  1.00 33.39 ? 30  MET A SD  1 
ATOM   210  C CE  . MET A 1 50  ? 20.354  2.228   -6.449  1.00 35.23 ? 30  MET A CE  1 
ATOM   211  N N   . PHE A 1 51  ? 14.404  4.223   -9.001  1.00 14.77 ? 31  PHE A N   1 
ATOM   212  C CA  . PHE A 1 51  ? 13.118  4.931   -8.787  1.00 14.70 ? 31  PHE A CA  1 
ATOM   213  C C   . PHE A 1 51  ? 11.909  3.999   -8.935  1.00 13.91 ? 31  PHE A C   1 
ATOM   214  O O   . PHE A 1 51  ? 10.765  4.416   -8.825  1.00 12.25 ? 31  PHE A O   1 
ATOM   215  C CB  . PHE A 1 51  ? 12.996  6.118   -9.754  1.00 19.55 ? 31  PHE A CB  1 
ATOM   216  C CG  . PHE A 1 51  ? 13.944  7.248   -9.455  1.00 19.50 ? 31  PHE A CG  1 
ATOM   217  C CD1 . PHE A 1 51  ? 13.462  8.478   -9.003  1.00 21.18 ? 31  PHE A CD1 1 
ATOM   218  C CD2 . PHE A 1 51  ? 15.321  7.083   -9.615  1.00 20.42 ? 31  PHE A CD2 1 
ATOM   219  C CE1 . PHE A 1 51  ? 14.345  9.542   -8.721  1.00 21.20 ? 31  PHE A CE1 1 
ATOM   220  C CE2 . PHE A 1 51  ? 16.213  8.122   -9.343  1.00 21.15 ? 31  PHE A CE2 1 
ATOM   221  C CZ  . PHE A 1 51  ? 15.726  9.357   -8.888  1.00 21.97 ? 31  PHE A CZ  1 
ATOM   222  N N   . HIS A 1 52  ? 12.181  2.728   -9.199  1.00 14.79 ? 32  HIS A N   1 
ATOM   223  C CA  . HIS A 1 52  ? 11.129  1.721   -9.356  1.00 14.80 ? 32  HIS A CA  1 
ATOM   224  C C   . HIS A 1 52  ? 11.346  0.596   -8.369  1.00 13.49 ? 32  HIS A C   1 
ATOM   225  O O   . HIS A 1 52  ? 12.290  -0.186  -8.500  1.00 15.56 ? 32  HIS A O   1 
ATOM   226  C CB  . HIS A 1 52  ? 11.111  1.166   -10.787 1.00 15.03 ? 32  HIS A CB  1 
ATOM   227  C CG  . HIS A 1 52  ? 9.973   0.227   -11.061 1.00 15.75 ? 32  HIS A CG  1 
ATOM   228  N ND1 . HIS A 1 52  ? 9.976   -0.658  -12.123 1.00 16.12 ? 32  HIS A ND1 1 
ATOM   229  C CD2 . HIS A 1 52  ? 8.803   0.030   -10.409 1.00 13.67 ? 32  HIS A CD2 1 
ATOM   230  C CE1 . HIS A 1 52  ? 8.849   -1.347  -12.118 1.00 13.47 ? 32  HIS A CE1 1 
ATOM   231  N NE2 . HIS A 1 52  ? 8.122   -0.944  -11.090 1.00 16.24 ? 32  HIS A NE2 1 
ATOM   232  N N   . TRP A 1 53  ? 10.482  0.542   -7.372  1.00 13.75 ? 33  TRP A N   1 
ATOM   233  C CA  . TRP A 1 53  ? 10.470  -0.535  -6.397  1.00 13.60 ? 33  TRP A CA  1 
ATOM   234  C C   . TRP A 1 53  ? 9.249   -1.420  -6.543  1.00 13.97 ? 33  TRP A C   1 
ATOM   235  O O   . TRP A 1 53  ? 8.251   -1.066  -7.192  1.00 14.00 ? 33  TRP A O   1 
ATOM   236  C CB  . TRP A 1 53  ? 10.515  0.002   -4.966  1.00 10.75 ? 33  TRP A CB  1 
ATOM   237  C CG  . TRP A 1 53  ? 11.797  0.675   -4.607  1.00 10.90 ? 33  TRP A CG  1 
ATOM   238  C CD1 . TRP A 1 53  ? 12.687  1.259   -5.454  1.00 9.88  ? 33  TRP A CD1 1 
ATOM   239  C CD2 . TRP A 1 53  ? 12.299  0.892   -3.287  1.00 10.39 ? 33  TRP A CD2 1 
ATOM   240  N NE1 . TRP A 1 53  ? 13.734  1.807   -4.748  1.00 10.48 ? 33  TRP A NE1 1 
ATOM   241  C CE2 . TRP A 1 53  ? 13.520  1.590   -3.413  1.00 10.18 ? 33  TRP A CE2 1 
ATOM   242  C CE3 . TRP A 1 53  ? 11.841  0.545   -2.004  1.00 10.13 ? 33  TRP A CE3 1 
ATOM   243  C CZ2 . TRP A 1 53  ? 14.294  1.954   -2.307  1.00 11.44 ? 33  TRP A CZ2 1 
ATOM   244  C CZ3 . TRP A 1 53  ? 12.602  0.901   -0.907  1.00 9.84  ? 33  TRP A CZ3 1 
ATOM   245  C CH2 . TRP A 1 53  ? 13.816  1.613   -1.065  1.00 11.03 ? 33  TRP A CH2 1 
ATOM   246  N N   . GLN A 1 54  ? 9.343   -2.591  -5.933  1.00 12.71 ? 34  GLN A N   1 
ATOM   247  C CA  . GLN A 1 54  ? 8.179   -3.421  -5.746  1.00 11.56 ? 34  GLN A CA  1 
ATOM   248  C C   . GLN A 1 54  ? 8.114   -3.762  -4.279  1.00 9.31  ? 34  GLN A C   1 
ATOM   249  O O   . GLN A 1 54  ? 9.122   -3.697  -3.569  1.00 10.51 ? 34  GLN A O   1 
ATOM   250  C CB  . GLN A 1 54  ? 8.236   -4.655  -6.666  1.00 11.51 ? 34  GLN A CB  1 
ATOM   251  C CG  . GLN A 1 54  ? 8.013   -4.240  -8.126  1.00 13.09 ? 34  GLN A CG  1 
ATOM   252  C CD  . GLN A 1 54  ? 7.982   -5.357  -9.149  1.00 17.14 ? 34  GLN A CD  1 
ATOM   253  O OE1 . GLN A 1 54  ? 8.479   -6.470  -8.925  1.00 20.76 ? 34  GLN A OE1 1 
ATOM   254  N NE2 . GLN A 1 54  ? 7.418   -5.045  -10.314 1.00 17.64 ? 34  GLN A NE2 1 
ATOM   255  N N   . ALA A 1 55  ? 6.922   -4.074  -3.807  1.00 8.72  ? 35  ALA A N   1 
ATOM   256  C CA  . ALA A 1 55  ? 6.742   -4.396  -2.398  1.00 11.80 ? 35  ALA A CA  1 
ATOM   257  C C   . ALA A 1 55  ? 5.821   -5.595  -2.273  1.00 15.83 ? 35  ALA A C   1 
ATOM   258  O O   . ALA A 1 55  ? 4.984   -5.829  -3.145  1.00 16.11 ? 35  ALA A O   1 
ATOM   259  C CB  . ALA A 1 55  ? 6.180   -3.229  -1.642  1.00 11.16 ? 35  ALA A CB  1 
ATOM   260  N N   . THR A 1 56  ? 6.017   -6.354  -1.200  1.00 17.94 ? 36  THR A N   1 
ATOM   261  C CA  . THR A 1 56  ? 5.111   -7.438  -0.816  1.00 20.42 ? 36  THR A CA  1 
ATOM   262  C C   . THR A 1 56  ? 4.560   -7.098  0.551   1.00 18.06 ? 36  THR A C   1 
ATOM   263  O O   . THR A 1 56  ? 5.327   -6.711  1.446   1.00 21.17 ? 36  THR A O   1 
ATOM   264  C CB  . THR A 1 56  ? 5.838   -8.789  -0.737  1.00 24.58 ? 36  THR A CB  1 
ATOM   265  O OG1 . THR A 1 56  ? 7.107   -8.596  -0.110  1.00 27.66 ? 36  THR A OG1 1 
ATOM   266  C CG2 . THR A 1 56  ? 6.091   -9.345  -2.109  1.00 24.72 ? 36  THR A CG2 1 
ATOM   267  N N   . ILE A 1 57  ? 3.234   -7.190  0.697   1.00 14.11 ? 37  ILE A N   1 
ATOM   268  C CA  . ILE A 1 57  ? 2.562   -7.004  1.994   1.00 14.21 ? 37  ILE A CA  1 
ATOM   269  C C   . ILE A 1 57  ? 1.777   -8.272  2.295   1.00 17.96 ? 37  ILE A C   1 
ATOM   270  O O   . ILE A 1 57  ? 1.037   -8.772  1.428   1.00 15.98 ? 37  ILE A O   1 
ATOM   271  C CB  . ILE A 1 57  ? 1.594   -5.776  2.005   1.00 14.88 ? 37  ILE A CB  1 
ATOM   272  C CG1 . ILE A 1 57  ? 2.375   -4.463  1.748   1.00 17.29 ? 37  ILE A CG1 1 
ATOM   273  C CG2 . ILE A 1 57  ? 0.868   -5.647  3.364   1.00 12.99 ? 37  ILE A CG2 1 
ATOM   274  C CD1 . ILE A 1 57  ? 1.522   -3.213  1.836   1.00 15.24 ? 37  ILE A CD1 1 
ATOM   275  N N   . MET A 1 58  ? 1.972   -8.818  3.496   1.00 19.73 ? 38  MET A N   1 
ATOM   276  C CA  . MET A 1 58  ? 1.156   -9.935  3.953   1.00 24.24 ? 38  MET A CA  1 
ATOM   277  C C   . MET A 1 58  ? -0.110  -9.377  4.561   1.00 21.73 ? 38  MET A C   1 
ATOM   278  O O   . MET A 1 58  ? -0.055  -8.467  5.390   1.00 18.80 ? 38  MET A O   1 
ATOM   279  C CB  . MET A 1 58  ? 1.890   -10.759 5.011   1.00 24.15 ? 38  MET A CB  1 
ATOM   280  C CG  . MET A 1 58  ? 3.060   -11.537 4.506   1.00 27.76 ? 38  MET A CG  1 
ATOM   281  S SD  . MET A 1 58  ? 3.655   -12.580 5.845   1.00 39.89 ? 38  MET A SD  1 
ATOM   282  C CE  . MET A 1 58  ? 2.162   -13.503 6.257   1.00 30.99 ? 38  MET A CE  1 
ATOM   283  N N   . GLY A 1 59  ? -1.256  -9.932  4.168   1.00 19.55 ? 39  GLY A N   1 
ATOM   284  C CA  . GLY A 1 59  ? -2.509  -9.544  4.792   1.00 17.78 ? 39  GLY A CA  1 
ATOM   285  C C   . GLY A 1 59  ? -2.380  -9.635  6.319   1.00 20.16 ? 39  GLY A C   1 
ATOM   286  O O   . GLY A 1 59  ? -1.843  -10.593 6.832   1.00 14.19 ? 39  GLY A O   1 
ATOM   287  N N   . PRO A 1 60  ? -2.808  -8.597  7.043   1.00 18.06 ? 40  PRO A N   1 
ATOM   288  C CA  . PRO A 1 60  ? -2.851  -8.671  8.518   1.00 19.75 ? 40  PRO A CA  1 
ATOM   289  C C   . PRO A 1 60  ? -3.812  -9.764  9.063   1.00 20.82 ? 40  PRO A C   1 
ATOM   290  O O   . PRO A 1 60  ? -4.889  -9.984  8.506   1.00 19.22 ? 40  PRO A O   1 
ATOM   291  C CB  . PRO A 1 60  ? -3.334  -7.278  8.932   1.00 19.72 ? 40  PRO A CB  1 
ATOM   292  C CG  . PRO A 1 60  ? -3.124  -6.398  7.708   1.00 20.66 ? 40  PRO A CG  1 
ATOM   293  C CD  . PRO A 1 60  ? -3.242  -7.282  6.522   1.00 19.59 ? 40  PRO A CD  1 
ATOM   294  N N   . GLU A 1 61  ? -3.403  -10.420 10.143  1.00 21.43 ? 41  GLU A N   1 
ATOM   295  C CA  . GLU A 1 61  ? -4.162  -11.529 10.756  1.00 24.85 ? 41  GLU A CA  1 
ATOM   296  C C   . GLU A 1 61  ? -5.557  -11.119 11.265  1.00 24.51 ? 41  GLU A C   1 
ATOM   297  O O   . GLU A 1 61  ? -6.513  -11.886 11.158  1.00 28.46 ? 41  GLU A O   1 
ATOM   298  C CB  . GLU A 1 61  ? -3.336  -12.157 11.887  1.00 24.33 ? 41  GLU A CB  1 
ATOM   299  C CG  . GLU A 1 61  ? -2.084  -12.911 11.403  1.00 29.70 ? 41  GLU A CG  1 
ATOM   300  N N   . ASP A 1 62  ? -5.659  -9.917  11.815  1.00 26.03 ? 42  ASP A N   1 
ATOM   301  C CA  . ASP A 1 62  ? -6.923  -9.370  12.312  1.00 28.06 ? 42  ASP A CA  1 
ATOM   302  C C   . ASP A 1 62  ? -7.694  -8.670  11.204  1.00 25.85 ? 42  ASP A C   1 
ATOM   303  O O   . ASP A 1 62  ? -8.138  -7.537  11.362  1.00 29.49 ? 42  ASP A O   1 
ATOM   304  C CB  . ASP A 1 62  ? -6.646  -8.376  13.450  1.00 32.55 ? 42  ASP A CB  1 
ATOM   305  C CG  . ASP A 1 62  ? -5.711  -7.199  13.024  1.00 35.75 ? 42  ASP A CG  1 
ATOM   306  O OD1 . ASP A 1 62  ? -5.173  -7.171  11.883  1.00 35.81 ? 42  ASP A OD1 1 
ATOM   307  O OD2 . ASP A 1 62  ? -5.535  -6.283  13.840  1.00 38.35 ? 42  ASP A OD2 1 
ATOM   308  N N   . SER A 1 63  ? -7.811  -9.338  10.059  1.00 24.77 ? 43  SER A N   1 
ATOM   309  C CA  . SER A 1 63  ? -8.443  -8.768  8.862   1.00 20.40 ? 43  SER A CA  1 
ATOM   310  C C   . SER A 1 63  ? -8.886  -9.925  7.925   1.00 19.40 ? 43  SER A C   1 
ATOM   311  O O   . SER A 1 63  ? -8.377  -11.119 8.047   1.00 15.33 ? 43  SER A O   1 
ATOM   312  C CB  . SER A 1 63  ? -7.478  -7.814  8.097   1.00 17.23 ? 43  SER A CB  1 
ATOM   313  O OG  . SER A 1 63  ? -6.641  -8.572  7.211   1.00 13.81 ? 43  SER A OG  1 
ATOM   314  N N   . PRO A 1 64  ? -9.830  -9.630  7.015   1.00 18.79 ? 44  PRO A N   1 
ATOM   315  C CA  . PRO A 1 64  ? -10.191 -10.681 6.039   1.00 18.80 ? 44  PRO A CA  1 
ATOM   316  C C   . PRO A 1 64  ? -9.085  -10.961 4.991   1.00 19.96 ? 44  PRO A C   1 
ATOM   317  O O   . PRO A 1 64  ? -9.270  -11.813 4.139   1.00 18.93 ? 44  PRO A O   1 
ATOM   318  C CB  . PRO A 1 64  ? -11.459 -10.119 5.400   1.00 20.75 ? 44  PRO A CB  1 
ATOM   319  C CG  . PRO A 1 64  ? -11.293 -8.596  5.530   1.00 19.12 ? 44  PRO A CG  1 
ATOM   320  C CD  . PRO A 1 64  ? -10.676 -8.416  6.876   1.00 18.63 ? 44  PRO A CD  1 
ATOM   321  N N   . TYR A 1 65  ? -7.951  -10.242 5.066   1.00 17.27 ? 45  TYR A N   1 
ATOM   322  C CA  . TYR A 1 65  ? -6.822  -10.419 4.125   1.00 15.70 ? 45  TYR A CA  1 
ATOM   323  C C   . TYR A 1 65  ? -5.777  -11.354 4.648   1.00 16.37 ? 45  TYR A C   1 
ATOM   324  O O   . TYR A 1 65  ? -4.798  -11.662 3.951   1.00 13.77 ? 45  TYR A O   1 
ATOM   325  C CB  . TYR A 1 65  ? -6.185  -9.048  3.757   1.00 17.46 ? 45  TYR A CB  1 
ATOM   326  C CG  . TYR A 1 65  ? -7.237  -8.090  3.301   1.00 14.63 ? 45  TYR A CG  1 
ATOM   327  C CD1 . TYR A 1 65  ? -7.749  -8.163  1.981   1.00 16.42 ? 45  TYR A CD1 1 
ATOM   328  C CD2 . TYR A 1 65  ? -7.762  -7.141  4.197   1.00 15.29 ? 45  TYR A CD2 1 
ATOM   329  C CE1 . TYR A 1 65  ? -8.758  -7.309  1.574   1.00 14.34 ? 45  TYR A CE1 1 
ATOM   330  C CE2 . TYR A 1 65  ? -8.765  -6.304  3.823   1.00 16.56 ? 45  TYR A CE2 1 
ATOM   331  C CZ  . TYR A 1 65  ? -9.264  -6.387  2.508   1.00 17.56 ? 45  TYR A CZ  1 
ATOM   332  O OH  . TYR A 1 65  ? -10.255 -5.520  2.137   1.00 15.92 ? 45  TYR A OH  1 
ATOM   333  N N   . SER A 1 66  ? -6.008  -11.829 5.879   1.00 16.43 ? 46  SER A N   1 
ATOM   334  C CA  . SER A 1 66  ? -5.116  -12.740 6.554   1.00 19.95 ? 46  SER A CA  1 
ATOM   335  C C   . SER A 1 66  ? -4.601  -13.817 5.654   1.00 15.53 ? 46  SER A C   1 
ATOM   336  O O   . SER A 1 66  ? -5.380  -14.525 4.969   1.00 20.58 ? 46  SER A O   1 
ATOM   337  C CB  . SER A 1 66  ? -5.823  -13.413 7.745   1.00 19.24 ? 46  SER A CB  1 
ATOM   338  O OG  . SER A 1 66  ? -4.868  -14.123 8.468   1.00 19.06 ? 46  SER A OG  1 
ATOM   339  N N   . GLY A 1 67  ? -3.283  -13.961 5.642   1.00 21.53 ? 47  GLY A N   1 
ATOM   340  C CA  . GLY A 1 67  ? -2.629  -15.073 4.916   1.00 16.86 ? 47  GLY A CA  1 
ATOM   341  C C   . GLY A 1 67  ? -2.434  -14.780 3.438   1.00 19.96 ? 47  GLY A C   1 
ATOM   342  O O   . GLY A 1 67  ? -1.709  -15.493 2.742   1.00 19.61 ? 47  GLY A O   1 
ATOM   343  N N   . GLY A 1 68  ? -3.096  -13.735 2.955   1.00 20.72 ? 48  GLY A N   1 
ATOM   344  C CA  . GLY A 1 68  ? -2.962  -13.309 1.557   1.00 18.40 ? 48  GLY A CA  1 
ATOM   345  C C   . GLY A 1 68  ? -1.612  -12.646 1.345   1.00 12.98 ? 48  GLY A C   1 
ATOM   346  O O   . GLY A 1 68  ? -1.019  -12.124 2.259   1.00 15.73 ? 48  GLY A O   1 
ATOM   347  N N   . VAL A 1 69  ? -1.098  -12.705 0.134   1.00 18.71 ? 49  VAL A N   1 
ATOM   348  C CA  . VAL A 1 69  ? 0.200   -12.105 -0.144  1.00 18.39 ? 49  VAL A CA  1 
ATOM   349  C C   . VAL A 1 69  ? 0.047   -11.133 -1.302  1.00 18.74 ? 49  VAL A C   1 
ATOM   350  O O   . VAL A 1 69  ? -0.232  -11.539 -2.421  1.00 14.42 ? 49  VAL A O   1 
ATOM   351  C CB  . VAL A 1 69  ? 1.300   -13.170 -0.444  1.00 19.06 ? 49  VAL A CB  1 
ATOM   352  C CG1 . VAL A 1 69  ? 2.629   -12.484 -0.793  1.00 18.81 ? 49  VAL A CG1 1 
ATOM   353  C CG2 . VAL A 1 69  ? 1.484   -14.153 0.739   1.00 14.21 ? 49  VAL A CG2 1 
ATOM   354  N N   . PHE A 1 70  ? 0.229   -9.845  -1.007  1.00 15.77 ? 50  PHE A N   1 
ATOM   355  C CA  . PHE A 1 70  ? -0.094  -8.781  -1.922  1.00 20.64 ? 50  PHE A CA  1 
ATOM   356  C C   . PHE A 1 70  ? 1.152   -8.126  -2.474  1.00 18.23 ? 50  PHE A C   1 
ATOM   357  O O   . PHE A 1 70  ? 2.063   -7.758  -1.732  1.00 21.83 ? 50  PHE A O   1 
ATOM   358  C CB  . PHE A 1 70  ? -1.006  -7.759  -1.223  1.00 18.50 ? 50  PHE A CB  1 
ATOM   359  C CG  . PHE A 1 70  ? -2.275  -8.363  -0.732  1.00 18.51 ? 50  PHE A CG  1 
ATOM   360  C CD1 . PHE A 1 70  ? -3.375  -8.487  -1.584  1.00 20.18 ? 50  PHE A CD1 1 
ATOM   361  C CD2 . PHE A 1 70  ? -2.360  -8.895  0.563   1.00 17.43 ? 50  PHE A CD2 1 
ATOM   362  C CE1 . PHE A 1 70  ? -4.574  -9.121  -1.131  1.00 17.29 ? 50  PHE A CE1 1 
ATOM   363  C CE2 . PHE A 1 70  ? -3.550  -9.520  1.013   1.00 17.64 ? 50  PHE A CE2 1 
ATOM   364  C CZ  . PHE A 1 70  ? -4.645  -9.623  0.170   1.00 15.43 ? 50  PHE A CZ  1 
ATOM   365  N N   . PHE A 1 71  ? 1.192   -7.997  -3.787  1.00 18.65 ? 51  PHE A N   1 
ATOM   366  C CA  . PHE A 1 71  ? 2.293   -7.295  -4.433  1.00 18.51 ? 51  PHE A CA  1 
ATOM   367  C C   . PHE A 1 71  ? 1.942   -5.875  -4.779  1.00 18.84 ? 51  PHE A C   1 
ATOM   368  O O   . PHE A 1 71  ? 0.806   -5.579  -5.165  1.00 17.87 ? 51  PHE A O   1 
ATOM   369  C CB  . PHE A 1 71  ? 2.752   -8.046  -5.678  1.00 20.14 ? 51  PHE A CB  1 
ATOM   370  C CG  . PHE A 1 71  ? 3.426   -9.340  -5.372  1.00 19.69 ? 51  PHE A CG  1 
ATOM   371  C CD1 . PHE A 1 71  ? 4.808   -9.396  -5.229  1.00 21.62 ? 51  PHE A CD1 1 
ATOM   372  C CD2 . PHE A 1 71  ? 2.687   -10.492 -5.212  1.00 18.72 ? 51  PHE A CD2 1 
ATOM   373  C CE1 . PHE A 1 71  ? 5.443   -10.618 -4.942  1.00 22.76 ? 51  PHE A CE1 1 
ATOM   374  C CE2 . PHE A 1 71  ? 3.310   -11.707 -4.928  1.00 21.50 ? 51  PHE A CE2 1 
ATOM   375  C CZ  . PHE A 1 71  ? 4.682   -11.767 -4.787  1.00 20.97 ? 51  PHE A CZ  1 
ATOM   376  N N   . LEU A 1 72  ? 2.936   -5.000  -4.620  1.00 18.14 ? 52  LEU A N   1 
ATOM   377  C CA  . LEU A 1 72  ? 2.790   -3.584  -4.937  1.00 22.69 ? 52  LEU A CA  1 
ATOM   378  C C   . LEU A 1 72  ? 3.909   -3.091  -5.822  1.00 18.20 ? 52  LEU A C   1 
ATOM   379  O O   . LEU A 1 72  ? 5.051   -3.530  -5.726  1.00 18.70 ? 52  LEU A O   1 
ATOM   380  C CB  . LEU A 1 72  ? 2.701   -2.710  -3.663  1.00 21.06 ? 52  LEU A CB  1 
ATOM   381  C CG  . LEU A 1 72  ? 1.492   -3.001  -2.757  1.00 20.24 ? 52  LEU A CG  1 
ATOM   382  C CD1 . LEU A 1 72  ? 1.820   -4.025  -1.730  1.00 19.80 ? 52  LEU A CD1 1 
ATOM   383  C CD2 . LEU A 1 72  ? 1.086   -1.720  -2.097  1.00 18.18 ? 52  LEU A CD2 1 
ATOM   384  N N   . ASN A 1 73  ? 3.541   -2.167  -6.682  1.00 19.95 ? 53  ASN A N   1 
ATOM   385  C CA  . ASN A 1 73  ? 4.448   -1.472  -7.572  1.00 18.41 ? 53  ASN A CA  1 
ATOM   386  C C   . ASN A 1 73  ? 4.664   -0.042  -7.024  1.00 18.06 ? 53  ASN A C   1 
ATOM   387  O O   . ASN A 1 73  ? 3.724   0.621   -6.599  1.00 12.67 ? 53  ASN A O   1 
ATOM   388  C CB  . ASN A 1 73  ? 3.818   -1.477  -8.970  1.00 20.82 ? 53  ASN A CB  1 
ATOM   389  C CG  . ASN A 1 73  ? 4.743   -1.008  -10.036 1.00 23.01 ? 53  ASN A CG  1 
ATOM   390  O OD1 . ASN A 1 73  ? 5.713   -1.678  -10.392 1.00 22.87 ? 53  ASN A OD1 1 
ATOM   391  N ND2 . ASN A 1 73  ? 4.439   0.162   -10.581 1.00 25.94 ? 53  ASN A ND2 1 
ATOM   392  N N   . ILE A 1 74  ? 5.918   0.396   -6.983  1.00 17.06 ? 54  ILE A N   1 
ATOM   393  C CA  . ILE A 1 74  ? 6.247   1.713   -6.445  1.00 15.70 ? 54  ILE A CA  1 
ATOM   394  C C   . ILE A 1 74  ? 7.072   2.476   -7.463  1.00 13.21 ? 54  ILE A C   1 
ATOM   395  O O   . ILE A 1 74  ? 8.033   1.947   -8.011  1.00 12.92 ? 54  ILE A O   1 
ATOM   396  C CB  . ILE A 1 74  ? 7.014   1.637   -5.098  1.00 12.89 ? 54  ILE A CB  1 
ATOM   397  C CG1 . ILE A 1 74  ? 6.244   0.797   -4.079  1.00 11.16 ? 54  ILE A CG1 1 
ATOM   398  C CG2 . ILE A 1 74  ? 7.281   3.076   -4.555  1.00 12.56 ? 54  ILE A CG2 1 
ATOM   399  C CD1 . ILE A 1 74  ? 7.032   0.473   -2.814  1.00 11.70 ? 54  ILE A CD1 1 
ATOM   400  N N   . HIS A 1 75  ? 6.689   3.729   -7.721  1.00 13.86 ? 55  HIS A N   1 
ATOM   401  C CA  . HIS A 1 75  ? 7.495   4.621   -8.545  1.00 12.39 ? 55  HIS A CA  1 
ATOM   402  C C   . HIS A 1 75  ? 7.784   5.910   -7.785  1.00 14.39 ? 55  HIS A C   1 
ATOM   403  O O   . HIS A 1 75  ? 6.890   6.661   -7.458  1.00 11.66 ? 55  HIS A O   1 
ATOM   404  C CB  A HIS A 1 75  ? 6.811   4.904   -9.885  0.65 12.94 ? 55  HIS A CB  1 
ATOM   405  C CB  B HIS A 1 75  ? 6.763   4.916   -9.865  0.35 12.29 ? 55  HIS A CB  1 
ATOM   406  C CG  A HIS A 1 75  ? 6.808   3.731   -10.824 0.65 13.11 ? 55  HIS A CG  1 
ATOM   407  C CG  B HIS A 1 75  ? 7.450   5.919   -10.742 0.35 11.39 ? 55  HIS A CG  1 
ATOM   408  N ND1 A HIS A 1 75  ? 7.795   3.528   -11.765 0.65 13.05 ? 55  HIS A ND1 1 
ATOM   409  N ND1 B HIS A 1 75  ? 8.795   5.854   -11.045 0.35 11.89 ? 55  HIS A ND1 1 
ATOM   410  C CD2 A HIS A 1 75  ? 5.935   2.705   -10.966 0.65 11.30 ? 55  HIS A CD2 1 
ATOM   411  C CD2 B HIS A 1 75  ? 6.968   7.002   -11.400 0.35 11.09 ? 55  HIS A CD2 1 
ATOM   412  C CE1 A HIS A 1 75  ? 7.524   2.433   -12.452 0.65 12.55 ? 55  HIS A CE1 1 
ATOM   413  C CE1 B HIS A 1 75  ? 9.112   6.860   -11.839 0.35 11.04 ? 55  HIS A CE1 1 
ATOM   414  N NE2 A HIS A 1 75  ? 6.405   1.911   -11.982 0.65 11.34 ? 55  HIS A NE2 1 
ATOM   415  N NE2 B HIS A 1 75  ? 8.021   7.569   -12.070 0.35 11.03 ? 55  HIS A NE2 1 
ATOM   416  N N   . PHE A 1 76  ? 9.050   6.140   -7.479  1.00 17.46 ? 56  PHE A N   1 
ATOM   417  C CA  . PHE A 1 76  ? 9.440   7.388   -6.855  1.00 16.79 ? 56  PHE A CA  1 
ATOM   418  C C   . PHE A 1 76  ? 9.462   8.470   -7.923  1.00 14.50 ? 56  PHE A C   1 
ATOM   419  O O   . PHE A 1 76  ? 9.985   8.246   -9.000  1.00 15.53 ? 56  PHE A O   1 
ATOM   420  C CB  . PHE A 1 76  ? 10.807  7.242   -6.194  1.00 14.52 ? 56  PHE A CB  1 
ATOM   421  C CG  . PHE A 1 76  ? 10.785  6.348   -4.997  1.00 12.42 ? 56  PHE A CG  1 
ATOM   422  C CD1 . PHE A 1 76  ? 10.481  6.856   -3.751  1.00 12.53 ? 56  PHE A CD1 1 
ATOM   423  C CD2 . PHE A 1 76  ? 11.083  4.969   -5.116  1.00 14.47 ? 56  PHE A CD2 1 
ATOM   424  C CE1 . PHE A 1 76  ? 10.447  6.006   -2.623  1.00 14.62 ? 56  PHE A CE1 1 
ATOM   425  C CE2 . PHE A 1 76  ? 11.056  4.126   -3.999  1.00 12.74 ? 56  PHE A CE2 1 
ATOM   426  C CZ  . PHE A 1 76  ? 10.744  4.638   -2.765  1.00 13.98 ? 56  PHE A CZ  1 
ATOM   427  N N   . PRO A 1 77  ? 8.829   9.631   -7.649  1.00 16.01 ? 57  PRO A N   1 
ATOM   428  C CA  . PRO A 1 77  ? 8.884   10.750  -8.598  1.00 13.10 ? 57  PRO A CA  1 
ATOM   429  C C   . PRO A 1 77  ? 10.315  11.281  -8.689  1.00 14.90 ? 57  PRO A C   1 
ATOM   430  O O   . PRO A 1 77  ? 11.094  11.097  -7.737  1.00 15.27 ? 57  PRO A O   1 
ATOM   431  C CB  . PRO A 1 77  ? 7.947   11.809  -7.957  1.00 15.28 ? 57  PRO A CB  1 
ATOM   432  C CG  . PRO A 1 77  ? 7.839   11.395  -6.497  1.00 15.42 ? 57  PRO A CG  1 
ATOM   433  C CD  . PRO A 1 77  ? 8.007   9.920   -6.458  1.00 13.98 ? 57  PRO A CD  1 
ATOM   434  N N   . SER A 1 78  ? 10.665  11.910  -9.823  1.00 13.80 ? 58  SER A N   1 
ATOM   435  C CA  . SER A 1 78  ? 11.942  12.596  -9.960  1.00 14.81 ? 58  SER A CA  1 
ATOM   436  C C   . SER A 1 78  ? 12.180  13.632  -8.826  1.00 16.36 ? 58  SER A C   1 
ATOM   437  O O   . SER A 1 78  ? 13.335  13.860  -8.424  1.00 16.47 ? 58  SER A O   1 
ATOM   438  C CB  . SER A 1 78  ? 12.051  13.255  -11.351 1.00 18.35 ? 58  SER A CB  1 
ATOM   439  O OG  . SER A 1 78  ? 10.904  14.068  -11.615 1.00 20.99 ? 58  SER A OG  1 
ATOM   440  N N   . ASP A 1 79  ? 11.085  14.228  -8.320  1.00 15.58 ? 59  ASP A N   1 
ATOM   441  C CA  . ASP A 1 79  ? 11.100  15.222  -7.228  1.00 17.64 ? 59  ASP A CA  1 
ATOM   442  C C   . ASP A 1 79  ? 11.107  14.643  -5.803  1.00 17.74 ? 59  ASP A C   1 
ATOM   443  O O   . ASP A 1 79  ? 10.960  15.404  -4.838  1.00 14.28 ? 59  ASP A O   1 
ATOM   444  C CB  . ASP A 1 79  ? 9.841   16.099  -7.298  1.00 23.10 ? 59  ASP A CB  1 
ATOM   445  C CG  . ASP A 1 79  ? 9.735   16.895  -8.564  1.00 26.72 ? 59  ASP A CG  1 
ATOM   446  O OD1 . ASP A 1 79  ? 10.778  17.274  -9.156  1.00 32.13 ? 59  ASP A OD1 1 
ATOM   447  O OD2 . ASP A 1 79  ? 8.585   17.157  -8.963  1.00 29.49 ? 59  ASP A OD2 1 
ATOM   448  N N   . TYR A 1 80  ? 11.222  13.313  -5.656  1.00 13.87 ? 60  TYR A N   1 
ATOM   449  C CA  . TYR A 1 80  ? 11.201  12.700  -4.321  1.00 13.01 ? 60  TYR A CA  1 
ATOM   450  C C   . TYR A 1 80  ? 12.327  13.307  -3.451  1.00 12.50 ? 60  TYR A C   1 
ATOM   451  O O   . TYR A 1 80  ? 13.403  13.549  -3.946  1.00 10.19 ? 60  TYR A O   1 
ATOM   452  C CB  . TYR A 1 80  ? 11.379  11.177  -4.446  1.00 13.44 ? 60  TYR A CB  1 
ATOM   453  C CG  . TYR A 1 80  ? 11.099  10.424  -3.169  1.00 14.44 ? 60  TYR A CG  1 
ATOM   454  C CD1 . TYR A 1 80  ? 9.790   10.249  -2.711  1.00 13.91 ? 60  TYR A CD1 1 
ATOM   455  C CD2 . TYR A 1 80  ? 12.147  9.887   -2.410  1.00 13.71 ? 60  TYR A CD2 1 
ATOM   456  C CE1 . TYR A 1 80  ? 9.527   9.550   -1.507  1.00 14.54 ? 60  TYR A CE1 1 
ATOM   457  C CE2 . TYR A 1 80  ? 11.900  9.203   -1.219  1.00 12.22 ? 60  TYR A CE2 1 
ATOM   458  C CZ  . TYR A 1 80  ? 10.608  9.023   -0.786  1.00 15.05 ? 60  TYR A CZ  1 
ATOM   459  O OH  . TYR A 1 80  ? 10.378  8.338   0.392   1.00 17.27 ? 60  TYR A OH  1 
ATOM   460  N N   . PRO A 1 81  ? 12.098  13.521  -2.138  1.00 12.28 ? 61  PRO A N   1 
ATOM   461  C CA  . PRO A 1 81  ? 10.971  13.209  -1.276  1.00 11.75 ? 61  PRO A CA  1 
ATOM   462  C C   . PRO A 1 81  ? 9.898   14.302  -1.195  1.00 12.95 ? 61  PRO A C   1 
ATOM   463  O O   . PRO A 1 81  ? 9.015   14.207  -0.355  1.00 13.38 ? 61  PRO A O   1 
ATOM   464  C CB  . PRO A 1 81  ? 11.639  13.010  0.083   1.00 10.66 ? 61  PRO A CB  1 
ATOM   465  C CG  . PRO A 1 81  ? 12.757  13.987  0.089   1.00 11.76 ? 61  PRO A CG  1 
ATOM   466  C CD  . PRO A 1 81  ? 13.194  14.169  -1.371  1.00 11.58 ? 61  PRO A CD  1 
ATOM   467  N N   . PHE A 1 82  ? 9.966   15.299  -2.076  1.00 12.87 ? 62  PHE A N   1 
ATOM   468  C CA  . PHE A 1 82  ? 9.005   16.444  -2.027  1.00 13.97 ? 62  PHE A CA  1 
ATOM   469  C C   . PHE A 1 82  ? 7.624   16.099  -2.515  1.00 16.13 ? 62  PHE A C   1 
ATOM   470  O O   . PHE A 1 82  ? 6.640   16.725  -2.102  1.00 17.99 ? 62  PHE A O   1 
ATOM   471  C CB  . PHE A 1 82  ? 9.593   17.672  -2.731  1.00 13.16 ? 62  PHE A CB  1 
ATOM   472  C CG  . PHE A 1 82  ? 10.853  18.134  -2.092  1.00 13.15 ? 62  PHE A CG  1 
ATOM   473  C CD1 . PHE A 1 82  ? 10.846  18.567  -0.755  1.00 15.12 ? 62  PHE A CD1 1 
ATOM   474  C CD2 . PHE A 1 82  ? 12.073  18.043  -2.763  1.00 16.03 ? 62  PHE A CD2 1 
ATOM   475  C CE1 . PHE A 1 82  ? 12.048  18.956  -0.121  1.00 14.81 ? 62  PHE A CE1 1 
ATOM   476  C CE2 . PHE A 1 82  ? 13.271  18.422  -2.139  1.00 16.14 ? 62  PHE A CE2 1 
ATOM   477  C CZ  . PHE A 1 82  ? 13.244  18.894  -0.817  1.00 17.19 ? 62  PHE A CZ  1 
ATOM   478  N N   . LYS A 1 83  ? 7.546   15.065  -3.355  1.00 13.74 ? 63  LYS A N   1 
ATOM   479  C CA  . LYS A 1 83  ? 6.289   14.509  -3.790  1.00 13.82 ? 63  LYS A CA  1 
ATOM   480  C C   . LYS A 1 83  ? 6.292   13.081  -3.306  1.00 13.06 ? 63  LYS A C   1 
ATOM   481  O O   . LYS A 1 83  ? 7.374   12.479  -3.210  1.00 12.94 ? 63  LYS A O   1 
ATOM   482  C CB  . LYS A 1 83  ? 6.144   14.608  -5.335  1.00 13.93 ? 63  LYS A CB  1 
ATOM   483  C CG  . LYS A 1 83  ? 5.961   16.055  -5.852  1.00 18.13 ? 63  LYS A CG  1 
ATOM   484  C CD  . LYS A 1 83  ? 5.527   16.087  -7.329  1.00 18.11 ? 63  LYS A CD  1 
ATOM   485  C CE  . LYS A 1 83  ? 5.672   17.504  -7.929  1.00 19.19 ? 63  LYS A CE  1 
ATOM   486  N NZ  . LYS A 1 83  ? 5.341   17.483  -9.393  1.00 23.20 ? 63  LYS A NZ  1 
ATOM   487  N N   . PRO A 1 84  ? 5.109   12.555  -2.915  1.00 14.79 ? 64  PRO A N   1 
ATOM   488  C CA  . PRO A 1 84  ? 5.025   11.182  -2.411  1.00 13.51 ? 64  PRO A CA  1 
ATOM   489  C C   . PRO A 1 84  ? 5.275   10.164  -3.521  1.00 15.91 ? 64  PRO A C   1 
ATOM   490  O O   . PRO A 1 84  ? 5.127   10.499  -4.709  1.00 13.87 ? 64  PRO A O   1 
ATOM   491  C CB  . PRO A 1 84  ? 3.596   11.073  -1.944  1.00 13.53 ? 64  PRO A CB  1 
ATOM   492  C CG  . PRO A 1 84  ? 2.855   12.034  -2.838  1.00 13.67 ? 64  PRO A CG  1 
ATOM   493  C CD  . PRO A 1 84  ? 3.776   13.210  -2.901  1.00 14.13 ? 64  PRO A CD  1 
ATOM   494  N N   . PRO A 1 85  ? 5.678   8.929   -3.139  1.00 16.91 ? 65  PRO A N   1 
ATOM   495  C CA  . PRO A 1 85  ? 5.805   7.857   -4.088  1.00 15.22 ? 65  PRO A CA  1 
ATOM   496  C C   . PRO A 1 85  ? 4.429   7.519   -4.655  1.00 14.60 ? 65  PRO A C   1 
ATOM   497  O O   . PRO A 1 85  ? 3.408   7.740   -3.985  1.00 17.17 ? 65  PRO A O   1 
ATOM   498  C CB  . PRO A 1 85  ? 6.274   6.682   -3.227  1.00 17.93 ? 65  PRO A CB  1 
ATOM   499  C CG  . PRO A 1 85  ? 5.975   7.039   -1.856  1.00 19.72 ? 65  PRO A CG  1 
ATOM   500  C CD  . PRO A 1 85  ? 6.038   8.500   -1.772  1.00 16.85 ? 65  PRO A CD  1 
ATOM   501  N N   . LYS A 1 86  ? 4.404   7.035   -5.891  1.00 15.00 ? 66  LYS A N   1 
ATOM   502  C CA  . LYS A 1 86  ? 3.181   6.520   -6.453  1.00 15.76 ? 66  LYS A CA  1 
ATOM   503  C C   . LYS A 1 86  ? 3.217   5.013   -6.207  1.00 15.56 ? 66  LYS A C   1 
ATOM   504  O O   . LYS A 1 86  ? 4.113   4.316   -6.679  1.00 18.63 ? 66  LYS A O   1 
ATOM   505  C CB  . LYS A 1 86  ? 3.043   6.853   -7.941  1.00 19.67 ? 66  LYS A CB  1 
ATOM   506  C CG  . LYS A 1 86  ? 2.994   8.355   -8.256  1.00 25.20 ? 66  LYS A CG  1 
ATOM   507  N N   . VAL A 1 87  ? 2.247   4.560   -5.430  1.00 19.66 ? 67  VAL A N   1 
ATOM   508  C CA  . VAL A 1 87  ? 2.130   3.176   -4.964  1.00 20.13 ? 67  VAL A CA  1 
ATOM   509  C C   . VAL A 1 87  ? 0.828   2.615   -5.503  1.00 20.63 ? 67  VAL A C   1 
ATOM   510  O O   . VAL A 1 87  ? -0.227  3.223   -5.341  1.00 20.30 ? 67  VAL A O   1 
ATOM   511  C CB  . VAL A 1 87  ? 2.140   3.085   -3.424  1.00 17.43 ? 67  VAL A CB  1 
ATOM   512  C CG1 . VAL A 1 87  ? 2.183   1.592   -2.938  1.00 13.87 ? 67  VAL A CG1 1 
ATOM   513  C CG2 . VAL A 1 87  ? 3.292   3.881   -2.838  1.00 14.87 ? 67  VAL A CG2 1 
ATOM   514  N N   . ASN A 1 88  ? 0.933   1.470   -6.167  1.00 17.81 ? 68  ASN A N   1 
ATOM   515  C CA  . ASN A 1 88  ? -0.201  0.768   -6.739  1.00 22.18 ? 68  ASN A CA  1 
ATOM   516  C C   . ASN A 1 88  ? -0.116  -0.701  -6.320  1.00 20.00 ? 68  ASN A C   1 
ATOM   517  O O   . ASN A 1 88  ? 0.941   -1.323  -6.476  1.00 18.27 ? 68  ASN A O   1 
ATOM   518  C CB  . ASN A 1 88  ? -0.135  0.804   -8.292  1.00 27.40 ? 68  ASN A CB  1 
ATOM   519  C CG  . ASN A 1 88  ? -0.844  2.017   -8.911  1.00 32.53 ? 68  ASN A CG  1 
ATOM   520  O OD1 . ASN A 1 88  ? -0.584  3.162   -8.550  1.00 37.08 ? 68  ASN A OD1 1 
ATOM   521  N ND2 . ASN A 1 88  ? -1.708  1.757   -9.898  1.00 37.90 ? 68  ASN A ND2 1 
ATOM   522  N N   . PHE A 1 89  ? -1.222  -1.259  -5.835  1.00 18.63 ? 69  PHE A N   1 
ATOM   523  C CA  . PHE A 1 89  ? -1.388  -2.727  -5.780  1.00 17.56 ? 69  PHE A CA  1 
ATOM   524  C C   . PHE A 1 89  ? -1.352  -3.358  -7.181  1.00 21.39 ? 69  PHE A C   1 
ATOM   525  O O   . PHE A 1 89  ? -2.027  -2.885  -8.102  1.00 24.77 ? 69  PHE A O   1 
ATOM   526  C CB  . PHE A 1 89  ? -2.704  -3.105  -5.096  1.00 14.99 ? 69  PHE A CB  1 
ATOM   527  C CG  . PHE A 1 89  ? -2.615  -3.151  -3.612  1.00 20.00 ? 69  PHE A CG  1 
ATOM   528  C CD1 . PHE A 1 89  ? -2.562  -1.958  -2.869  1.00 18.04 ? 69  PHE A CD1 1 
ATOM   529  C CD2 . PHE A 1 89  ? -2.577  -4.367  -2.938  1.00 16.51 ? 69  PHE A CD2 1 
ATOM   530  C CE1 . PHE A 1 89  ? -2.471  -1.991  -1.464  1.00 19.28 ? 69  PHE A CE1 1 
ATOM   531  C CE2 . PHE A 1 89  ? -2.485  -4.421  -1.539  1.00 18.12 ? 69  PHE A CE2 1 
ATOM   532  C CZ  . PHE A 1 89  ? -2.427  -3.212  -0.796  1.00 16.31 ? 69  PHE A CZ  1 
ATOM   533  N N   . THR A 1 90  ? -0.535  -4.393  -7.351  1.00 20.53 ? 70  THR A N   1 
ATOM   534  C CA  . THR A 1 90  ? -0.553  -5.177  -8.588  1.00 17.60 ? 70  THR A CA  1 
ATOM   535  C C   . THR A 1 90  ? -1.425  -6.436  -8.377  1.00 16.90 ? 70  THR A C   1 
ATOM   536  O O   . THR A 1 90  ? -2.036  -6.966  -9.319  1.00 13.72 ? 70  THR A O   1 
ATOM   537  C CB  . THR A 1 90  ? 0.881   -5.511  -9.091  1.00 22.88 ? 70  THR A CB  1 
ATOM   538  O OG1 . THR A 1 90  ? 1.597   -6.214  -8.084  1.00 25.98 ? 70  THR A OG1 1 
ATOM   539  C CG2 . THR A 1 90  ? 1.665   -4.228  -9.426  1.00 21.18 ? 70  THR A CG2 1 
ATOM   540  N N   . THR A 1 91  ? -1.499  -6.897  -7.120  1.00 18.83 ? 71  THR A N   1 
ATOM   541  C CA  . THR A 1 91  ? -2.418  -7.987  -6.730  1.00 18.83 ? 71  THR A CA  1 
ATOM   542  C C   . THR A 1 91  ? -3.832  -7.425  -6.574  1.00 17.09 ? 71  THR A C   1 
ATOM   543  O O   . THR A 1 91  ? -4.029  -6.427  -5.912  1.00 15.89 ? 71  THR A O   1 
ATOM   544  C CB  . THR A 1 91  ? -1.998  -8.627  -5.387  1.00 18.83 ? 71  THR A CB  1 
ATOM   545  O OG1 . THR A 1 91  ? -0.617  -8.991  -5.454  1.00 23.40 ? 71  THR A OG1 1 
ATOM   546  C CG2 . THR A 1 91  ? -2.856  -9.903  -5.065  1.00 18.41 ? 71  THR A CG2 1 
ATOM   547  N N   . LYS A 1 92  ? -4.797  -8.071  -7.222  1.00 19.27 ? 72  LYS A N   1 
ATOM   548  C CA  . LYS A 1 92  ? -6.212  -7.726  -7.074  1.00 19.47 ? 72  LYS A CA  1 
ATOM   549  C C   . LYS A 1 92  ? -6.677  -7.949  -5.622  1.00 19.41 ? 72  LYS A C   1 
ATOM   550  O O   . LYS A 1 92  ? -6.240  -8.895  -4.959  1.00 17.35 ? 72  LYS A O   1 
ATOM   551  C CB  . LYS A 1 92  ? -7.044  -8.564  -8.038  1.00 19.47 ? 72  LYS A CB  1 
ATOM   552  C CG  . LYS A 1 92  ? -8.488  -8.135  -8.203  1.00 21.89 ? 72  LYS A CG  1 
ATOM   553  C CD  . LYS A 1 92  ? -9.178  -9.079  -9.206  1.00 24.99 ? 72  LYS A CD  1 
ATOM   554  C CE  . LYS A 1 92  ? -10.599 -8.643  -9.541  1.00 25.89 ? 72  LYS A CE  1 
ATOM   555  N NZ  . LYS A 1 92  ? -11.344 -9.770  -10.167 1.00 28.58 ? 72  LYS A NZ  1 
ATOM   556  N N   . ILE A 1 93  ? -7.564  -7.063  -5.169  1.00 18.61 ? 73  ILE A N   1 
ATOM   557  C CA  . ILE A 1 93  ? -7.947  -6.929  -3.769  1.00 18.97 ? 73  ILE A CA  1 
ATOM   558  C C   . ILE A 1 93  ? -9.270  -6.167  -3.662  1.00 19.94 ? 73  ILE A C   1 
ATOM   559  O O   . ILE A 1 93  ? -9.528  -5.206  -4.403  1.00 18.55 ? 73  ILE A O   1 
ATOM   560  C CB  . ILE A 1 93  ? -6.850  -6.226  -2.910  1.00 17.11 ? 73  ILE A CB  1 
ATOM   561  C CG1 . ILE A 1 93  ? -7.098  -6.469  -1.412  1.00 15.66 ? 73  ILE A CG1 1 
ATOM   562  C CG2 . ILE A 1 93  ? -6.720  -4.705  -3.271  1.00 18.16 ? 73  ILE A CG2 1 
ATOM   563  C CD1 . ILE A 1 93  ? -6.084  -5.795  -0.521  1.00 14.21 ? 73  ILE A CD1 1 
ATOM   564  N N   . TYR A 1 94  ? -10.091 -6.636  -2.729  1.00 19.29 ? 74  TYR A N   1 
ATOM   565  C CA  . TYR A 1 94  ? -11.421 -6.157  -2.491  1.00 17.47 ? 74  TYR A CA  1 
ATOM   566  C C   . TYR A 1 94  ? -11.342 -5.339  -1.230  1.00 17.98 ? 74  TYR A C   1 
ATOM   567  O O   . TYR A 1 94  ? -11.282 -5.907  -0.121  1.00 17.48 ? 74  TYR A O   1 
ATOM   568  C CB  . TYR A 1 94  ? -12.340 -7.358  -2.263  1.00 19.09 ? 74  TYR A CB  1 
ATOM   569  C CG  . TYR A 1 94  ? -13.803 -7.014  -2.241  1.00 20.84 ? 74  TYR A CG  1 
ATOM   570  C CD1 . TYR A 1 94  ? -14.521 -6.816  -3.433  1.00 21.99 ? 74  TYR A CD1 1 
ATOM   571  C CD2 . TYR A 1 94  ? -14.481 -6.907  -1.034  1.00 18.94 ? 74  TYR A CD2 1 
ATOM   572  C CE1 . TYR A 1 94  ? -15.881 -6.503  -3.405  1.00 22.43 ? 74  TYR A CE1 1 
ATOM   573  C CE2 . TYR A 1 94  ? -15.815 -6.596  -0.995  1.00 20.37 ? 74  TYR A CE2 1 
ATOM   574  C CZ  . TYR A 1 94  ? -16.508 -6.380  -2.163  1.00 21.64 ? 74  TYR A CZ  1 
ATOM   575  O OH  . TYR A 1 94  ? -17.836 -6.063  -2.075  1.00 23.18 ? 74  TYR A OH  1 
ATOM   576  N N   . HIS A 1 95  ? -11.345 -4.014  -1.395  1.00 16.49 ? 75  HIS A N   1 
ATOM   577  C CA  . HIS A 1 95  ? -11.134 -3.071  -0.310  1.00 18.42 ? 75  HIS A CA  1 
ATOM   578  C C   . HIS A 1 95  ? -11.752 -1.743  -0.781  1.00 20.56 ? 75  HIS A C   1 
ATOM   579  O O   . HIS A 1 95  ? -11.630 -1.379  -1.957  1.00 15.56 ? 75  HIS A O   1 
ATOM   580  C CB  . HIS A 1 95  ? -9.626  -2.943  0.000   1.00 17.78 ? 75  HIS A CB  1 
ATOM   581  C CG  . HIS A 1 95  ? -9.312  -2.139  1.228   1.00 18.76 ? 75  HIS A CG  1 
ATOM   582  N ND1 . HIS A 1 95  ? -9.506  -0.776  1.299   1.00 15.31 ? 75  HIS A ND1 1 
ATOM   583  C CD2 . HIS A 1 95  ? -8.821  -2.512  2.437   1.00 18.04 ? 75  HIS A CD2 1 
ATOM   584  C CE1 . HIS A 1 95  ? -9.124  -0.338  2.491   1.00 16.91 ? 75  HIS A CE1 1 
ATOM   585  N NE2 . HIS A 1 95  ? -8.710  -1.375  3.203   1.00 17.72 ? 75  HIS A NE2 1 
ATOM   586  N N   . PRO A 1 96  ? -12.487 -1.050  0.109   1.00 20.87 ? 76  PRO A N   1 
ATOM   587  C CA  . PRO A 1 96  ? -13.171 0.169   -0.343  1.00 18.03 ? 76  PRO A CA  1 
ATOM   588  C C   . PRO A 1 96  ? -12.248 1.344   -0.762  1.00 20.31 ? 76  PRO A C   1 
ATOM   589  O O   . PRO A 1 96  ? -12.682 2.213   -1.502  1.00 17.59 ? 76  PRO A O   1 
ATOM   590  C CB  . PRO A 1 96  ? -14.033 0.570   0.876   1.00 22.26 ? 76  PRO A CB  1 
ATOM   591  C CG  . PRO A 1 96  ? -13.408 -0.128  2.067   1.00 23.05 ? 76  PRO A CG  1 
ATOM   592  C CD  . PRO A 1 96  ? -12.789 -1.392  1.523   1.00 20.97 ? 76  PRO A CD  1 
ATOM   593  N N   . ASN A 1 97  ? -10.994 1.360   -0.298  1.00 16.13 ? 77  ASN A N   1 
ATOM   594  C CA  . ASN A 1 97  ? -10.039 2.443   -0.625  1.00 17.45 ? 77  ASN A CA  1 
ATOM   595  C C   . ASN A 1 97  ? -8.994  2.058   -1.697  1.00 18.39 ? 77  ASN A C   1 
ATOM   596  O O   . ASN A 1 97  ? -7.994  2.728   -1.848  1.00 20.19 ? 77  ASN A O   1 
ATOM   597  C CB  . ASN A 1 97  ? -9.345  2.854   0.671   1.00 19.13 ? 77  ASN A CB  1 
ATOM   598  C CG  . ASN A 1 97  ? -10.332 3.244   1.751   1.00 19.06 ? 77  ASN A CG  1 
ATOM   599  O OD1 . ASN A 1 97  ? -10.576 2.492   2.688   1.00 23.24 ? 77  ASN A OD1 1 
ATOM   600  N ND2 . ASN A 1 97  ? -10.921 4.425   1.612   1.00 19.63 ? 77  ASN A ND2 1 
ATOM   601  N N   . ILE A 1 98  ? -9.218  0.939   -2.386  1.00 18.28 ? 78  ILE A N   1 
ATOM   602  C CA  . ILE A 1 98  ? -8.326  0.427   -3.436  1.00 18.78 ? 78  ILE A CA  1 
ATOM   603  C C   . ILE A 1 98  ? -9.178  -0.029  -4.623  1.00 21.61 ? 78  ILE A C   1 
ATOM   604  O O   . ILE A 1 98  ? -10.123 -0.820  -4.458  1.00 19.97 ? 78  ILE A O   1 
ATOM   605  C CB  . ILE A 1 98  ? -7.444  -0.784  -2.973  1.00 15.68 ? 78  ILE A CB  1 
ATOM   606  C CG1 . ILE A 1 98  ? -6.754  -0.495  -1.607  1.00 18.91 ? 78  ILE A CG1 1 
ATOM   607  C CG2 . ILE A 1 98  ? -6.458  -1.150  -4.089  1.00 15.22 ? 78  ILE A CG2 1 
ATOM   608  C CD1 . ILE A 1 98  ? -6.263  -1.758  -0.831  1.00 18.93 ? 78  ILE A CD1 1 
ATOM   609  N N   . ASN A 1 99  ? -8.838  0.447   -5.815  1.00 17.96 ? 79  ASN A N   1 
ATOM   610  C CA  . ASN A 1 99  ? -9.679  0.242   -6.999  1.00 14.92 ? 79  ASN A CA  1 
ATOM   611  C C   . ASN A 1 99  ? -9.085  -0.786  -7.982  1.00 17.67 ? 79  ASN A C   1 
ATOM   612  O O   . ASN A 1 99  ? -8.005  -1.333  -7.699  1.00 16.01 ? 79  ASN A O   1 
ATOM   613  C CB  . ASN A 1 99  ? -9.965  1.613   -7.688  1.00 17.68 ? 79  ASN A CB  1 
ATOM   614  C CG  . ASN A 1 99  ? -8.742  2.211   -8.404  1.00 20.16 ? 79  ASN A CG  1 
ATOM   615  O OD1 . ASN A 1 99  ? -7.752  1.528   -8.671  1.00 21.88 ? 79  ASN A OD1 1 
ATOM   616  N ND2 . ASN A 1 99  ? -8.829  3.507   -8.744  1.00 20.29 ? 79  ASN A ND2 1 
ATOM   617  N N   . SER A 1 100 ? -9.776  -1.001  -9.127  1.00 18.61 ? 80  SER A N   1 
ATOM   618  C CA  . SER A 1 100 ? -9.362  -1.883  -10.266 1.00 19.90 ? 80  SER A CA  1 
ATOM   619  C C   . SER A 1 100 ? -7.922  -1.716  -10.767 1.00 22.58 ? 80  SER A C   1 
ATOM   620  O O   . SER A 1 100 ? -7.317  -2.669  -11.284 1.00 20.36 ? 80  SER A O   1 
ATOM   621  C CB  . SER A 1 100 ? -10.242 -1.608  -11.502 1.00 20.44 ? 80  SER A CB  1 
ATOM   622  O OG  . SER A 1 100 ? -11.528 -2.177  -11.365 1.00 23.38 ? 80  SER A OG  1 
ATOM   623  N N   . GLN A 1 101 ? -7.407  -0.488  -10.688 1.00 20.37 ? 81  GLN A N   1 
ATOM   624  C CA  . GLN A 1 101 ? -6.071  -0.183  -11.199 1.00 21.89 ? 81  GLN A CA  1 
ATOM   625  C C   . GLN A 1 101 ? -5.031  -0.320  -10.098 1.00 21.18 ? 81  GLN A C   1 
ATOM   626  O O   . GLN A 1 101 ? -3.851  -0.012  -10.310 1.00 22.44 ? 81  GLN A O   1 
ATOM   627  C CB  . GLN A 1 101 ? -6.040  1.231   -11.781 1.00 23.36 ? 81  GLN A CB  1 
ATOM   628  C CG  . GLN A 1 101 ? -6.768  1.352   -13.137 1.00 28.10 ? 81  GLN A CG  1 
ATOM   629  C CD  . GLN A 1 101 ? -6.817  2.796   -13.665 1.00 29.44 ? 81  GLN A CD  1 
ATOM   630  O OE1 . GLN A 1 101 ? -5.980  3.652   -13.305 1.00 27.22 ? 81  GLN A OE1 1 
ATOM   631  N NE2 . GLN A 1 101 ? -7.791  3.062   -14.542 1.00 35.01 ? 81  GLN A NE2 1 
ATOM   632  N N   . GLY A 1 102 ? -5.473  -0.768  -8.914  1.00 22.39 ? 82  GLY A N   1 
ATOM   633  C CA  . GLY A 1 102 ? -4.598  -0.829  -7.732  1.00 15.81 ? 82  GLY A CA  1 
ATOM   634  C C   . GLY A 1 102 ? -4.316  0.479   -7.008  1.00 19.49 ? 82  GLY A C   1 
ATOM   635  O O   . GLY A 1 102 ? -3.470  0.513   -6.068  1.00 20.84 ? 82  GLY A O   1 
ATOM   636  N N   . ALA A 1 103 ? -5.018  1.554   -7.382  1.00 18.15 ? 83  ALA A N   1 
ATOM   637  C CA  . ALA A 1 103 ? -4.807  2.874   -6.728  1.00 21.01 ? 83  ALA A CA  1 
ATOM   638  C C   . ALA A 1 103 ? -5.254  2.794   -5.272  1.00 21.84 ? 83  ALA A C   1 
ATOM   639  O O   . ALA A 1 103 ? -6.256  2.167   -4.966  1.00 21.09 ? 83  ALA A O   1 
ATOM   640  C CB  . ALA A 1 103 ? -5.551  4.008   -7.459  1.00 15.51 ? 83  ALA A CB  1 
ATOM   641  N N   . ILE A 1 104 ? -4.504  3.439   -4.394  1.00 18.82 ? 84  ILE A N   1 
ATOM   642  C CA  . ILE A 1 104 ? -4.766  3.424   -2.973  1.00 19.71 ? 84  ILE A CA  1 
ATOM   643  C C   . ILE A 1 104 ? -5.145  4.833   -2.491  1.00 26.33 ? 84  ILE A C   1 
ATOM   644  O O   . ILE A 1 104 ? -4.332  5.762   -2.572  1.00 25.65 ? 84  ILE A O   1 
ATOM   645  C CB  . ILE A 1 104 ? -3.500  2.986   -2.213  1.00 17.58 ? 84  ILE A CB  1 
ATOM   646  C CG1 . ILE A 1 104 ? -2.965  1.654   -2.757  1.00 20.75 ? 84  ILE A CG1 1 
ATOM   647  C CG2 . ILE A 1 104 ? -3.792  2.940   -0.687  1.00 21.78 ? 84  ILE A CG2 1 
ATOM   648  C CD1 . ILE A 1 104 ? -1.457  1.443   -2.569  1.00 21.87 ? 84  ILE A CD1 1 
ATOM   649  N N   . CYS A 1 105 ? -6.365  4.997   -1.990  1.00 25.52 ? 85  CYS A N   1 
ATOM   650  C CA  . CYS A 1 105 ? -6.727  6.237   -1.324  1.00 27.64 ? 85  CYS A CA  1 
ATOM   651  C C   . CYS A 1 105 ? -6.219  6.239   0.136   1.00 25.89 ? 85  CYS A C   1 
ATOM   652  O O   . CYS A 1 105 ? -6.829  5.632   1.030   1.00 27.55 ? 85  CYS A O   1 
ATOM   653  C CB  . CYS A 1 105 ? -8.231  6.449   -1.338  1.00 26.96 ? 85  CYS A CB  1 
ATOM   654  S SG  . CYS A 1 105 ? -8.644  8.044   -0.583  1.00 32.30 ? 85  CYS A SG  1 
ATOM   655  N N   . LEU A 1 106 ? -5.086  6.902   0.353   1.00 24.56 ? 86  LEU A N   1 
ATOM   656  C CA  . LEU A 1 106 ? -4.411  6.893   1.649   1.00 23.77 ? 86  LEU A CA  1 
ATOM   657  C C   . LEU A 1 106 ? -3.920  8.290   1.918   1.00 20.22 ? 86  LEU A C   1 
ATOM   658  O O   . LEU A 1 106 ? -3.253  8.875   1.037   1.00 16.78 ? 86  LEU A O   1 
ATOM   659  C CB  . LEU A 1 106 ? -3.212  5.939   1.576   1.00 22.50 ? 86  LEU A CB  1 
ATOM   660  C CG  . LEU A 1 106 ? -2.489  5.719   2.908   1.00 27.02 ? 86  LEU A CG  1 
ATOM   661  C CD1 . LEU A 1 106 ? -3.458  5.079   3.928   1.00 25.61 ? 86  LEU A CD1 1 
ATOM   662  C CD2 . LEU A 1 106 ? -1.248  4.867   2.686   1.00 23.73 ? 86  LEU A CD2 1 
ATOM   663  N N   . ASP A 1 107 ? -4.215  8.843   3.093   1.00 20.17 ? 87  ASP A N   1 
ATOM   664  C CA  . ASP A 1 107 ? -3.937  10.272  3.363   1.00 23.61 ? 87  ASP A CA  1 
ATOM   665  C C   . ASP A 1 107 ? -2.476  10.642  3.202   1.00 20.59 ? 87  ASP A C   1 
ATOM   666  O O   . ASP A 1 107 ? -2.165  11.683  2.629   1.00 16.61 ? 87  ASP A O   1 
ATOM   667  C CB  . ASP A 1 107 ? -4.400  10.673  4.770   1.00 30.42 ? 87  ASP A CB  1 
ATOM   668  C CG  . ASP A 1 107 ? -5.906  10.770  4.881   1.00 38.74 ? 87  ASP A CG  1 
ATOM   669  O OD1 . ASP A 1 107 ? -6.584  11.048  3.851   1.00 40.67 ? 87  ASP A OD1 1 
ATOM   670  O OD2 . ASP A 1 107 ? -6.412  10.584  6.008   1.00 40.33 ? 87  ASP A OD2 1 
ATOM   671  N N   . ILE A 1 108 ? -1.571  9.770   3.685   1.00 19.17 ? 88  ILE A N   1 
ATOM   672  C CA  . ILE A 1 108 ? -0.161  10.114  3.566   1.00 22.37 ? 88  ILE A CA  1 
ATOM   673  C C   . ILE A 1 108 ? 0.376   10.006  2.153   1.00 19.14 ? 88  ILE A C   1 
ATOM   674  O O   . ILE A 1 108 ? 1.440   10.538  1.872   1.00 21.75 ? 88  ILE A O   1 
ATOM   675  C CB  . ILE A 1 108 ? 0.752   9.405   4.624   1.00 22.49 ? 88  ILE A CB  1 
ATOM   676  C CG1 . ILE A 1 108 ? 0.785   7.883   4.437   1.00 22.21 ? 88  ILE A CG1 1 
ATOM   677  C CG2 . ILE A 1 108 ? 0.354   9.867   6.045   1.00 22.31 ? 88  ILE A CG2 1 
ATOM   678  C CD1 . ILE A 1 108 ? 2.085   7.295   5.038   1.00 23.53 ? 88  ILE A CD1 1 
ATOM   679  N N   . LEU A 1 109 ? -0.369  9.376   1.238   1.00 17.69 ? 89  LEU A N   1 
ATOM   680  C CA  . LEU A 1 109 ? 0.036   9.433   -0.199  1.00 14.44 ? 89  LEU A CA  1 
ATOM   681  C C   . LEU A 1 109 ? -0.487  10.707  -0.912  1.00 14.59 ? 89  LEU A C   1 
ATOM   682  O O   . LEU A 1 109 ? -0.229  10.933  -2.100  1.00 16.43 ? 89  LEU A O   1 
ATOM   683  C CB  . LEU A 1 109 ? -0.385  8.154   -0.961  1.00 19.21 ? 89  LEU A CB  1 
ATOM   684  C CG  . LEU A 1 109 ? 0.334   6.894   -0.483  1.00 22.52 ? 89  LEU A CG  1 
ATOM   685  C CD1 . LEU A 1 109 ? -0.190  5.634   -1.190  1.00 21.93 ? 89  LEU A CD1 1 
ATOM   686  C CD2 . LEU A 1 109 ? 1.865   7.086   -0.667  1.00 20.42 ? 89  LEU A CD2 1 
ATOM   687  N N   . LYS A 1 110 ? -1.271  11.500  -0.190  1.00 18.42 ? 90  LYS A N   1 
ATOM   688  C CA  . LYS A 1 110 ? -1.952  12.652  -0.771  1.00 19.27 ? 90  LYS A CA  1 
ATOM   689  C C   . LYS A 1 110 ? -1.603  13.839  0.090   1.00 15.88 ? 90  LYS A C   1 
ATOM   690  O O   . LYS A 1 110 ? -0.405  14.156  0.237   1.00 15.22 ? 90  LYS A O   1 
ATOM   691  C CB  . LYS A 1 110 ? -3.468  12.415  -0.898  1.00 22.20 ? 90  LYS A CB  1 
ATOM   692  C CG  . LYS A 1 110 ? -3.797  11.127  -1.704  1.00 25.31 ? 90  LYS A CG  1 
ATOM   693  C CD  . LYS A 1 110 ? -5.259  10.676  -1.595  1.00 29.19 ? 90  LYS A CD  1 
ATOM   694  C CE  . LYS A 1 110 ? -6.120  11.419  -2.599  1.00 32.00 ? 90  LYS A CE  1 
ATOM   695  N NZ  . LYS A 1 110 ? -7.134  10.461  -3.190  1.00 40.94 ? 90  LYS A NZ  1 
ATOM   696  N N   . ASP A 1 111 ? -2.607  14.521  0.628   1.00 14.63 ? 91  ASP A N   1 
ATOM   697  C CA  . ASP A 1 111 ? -2.361  15.790  1.320   1.00 17.25 ? 91  ASP A CA  1 
ATOM   698  C C   . ASP A 1 111 ? -1.499  15.752  2.606   1.00 16.79 ? 91  ASP A C   1 
ATOM   699  O O   . ASP A 1 111 ? -1.055  16.792  3.064   1.00 16.73 ? 91  ASP A O   1 
ATOM   700  C CB  . ASP A 1 111 ? -3.663  16.530  1.607   1.00 16.22 ? 91  ASP A CB  1 
ATOM   701  C CG  . ASP A 1 111 ? -4.659  15.706  2.380   1.00 23.96 ? 91  ASP A CG  1 
ATOM   702  O OD1 . ASP A 1 111 ? -5.226  14.759  1.802   1.00 22.53 ? 91  ASP A OD1 1 
ATOM   703  O OD2 . ASP A 1 111 ? -4.925  16.044  3.551   1.00 22.87 ? 91  ASP A OD2 1 
ATOM   704  N N   . GLN A 1 112 ? -1.336  14.583  3.201   1.00 20.28 ? 92  GLN A N   1 
ATOM   705  C CA  . GLN A 1 112 ? -0.586  14.446  4.465   1.00 18.98 ? 92  GLN A CA  1 
ATOM   706  C C   . GLN A 1 112 ? 0.840   13.926  4.238   1.00 18.64 ? 92  GLN A C   1 
ATOM   707  O O   . GLN A 1 112 ? 1.555   13.624  5.191   1.00 18.25 ? 92  GLN A O   1 
ATOM   708  C CB  . GLN A 1 112 ? -1.372  13.524  5.411   1.00 14.35 ? 92  GLN A CB  1 
ATOM   709  C CG  . GLN A 1 112 ? -2.590  14.165  6.052   1.00 22.89 ? 92  GLN A CG  1 
ATOM   710  C CD  . GLN A 1 112 ? -3.124  13.333  7.210   1.00 26.88 ? 92  GLN A CD  1 
ATOM   711  O OE1 . GLN A 1 112 ? -2.391  12.546  7.823   1.00 28.10 ? 92  GLN A OE1 1 
ATOM   712  N NE2 . GLN A 1 112 ? -4.404  13.465  7.477   1.00 31.19 ? 92  GLN A NE2 1 
ATOM   713  N N   . TRP A 1 113 ? 1.261   13.833  2.972   1.00 14.91 ? 93  TRP A N   1 
ATOM   714  C CA  . TRP A 1 113 ? 2.659   13.596  2.661   1.00 17.49 ? 93  TRP A CA  1 
ATOM   715  C C   . TRP A 1 113 ? 3.573   14.684  3.285   1.00 18.55 ? 93  TRP A C   1 
ATOM   716  O O   . TRP A 1 113 ? 3.257   15.860  3.315   1.00 14.57 ? 93  TRP A O   1 
ATOM   717  C CB  . TRP A 1 113 ? 2.903   13.517  1.132   1.00 13.53 ? 93  TRP A CB  1 
ATOM   718  C CG  . TRP A 1 113 ? 4.357   13.316  0.823   1.00 14.43 ? 93  TRP A CG  1 
ATOM   719  C CD1 . TRP A 1 113 ? 5.237   14.234  0.328   1.00 15.70 ? 93  TRP A CD1 1 
ATOM   720  C CD2 . TRP A 1 113 ? 5.106   12.123  1.059   1.00 13.46 ? 93  TRP A CD2 1 
ATOM   721  N NE1 . TRP A 1 113 ? 6.493   13.661  0.220   1.00 13.89 ? 93  TRP A NE1 1 
ATOM   722  C CE2 . TRP A 1 113 ? 6.429   12.372  0.675   1.00 14.57 ? 93  TRP A CE2 1 
ATOM   723  C CE3 . TRP A 1 113 ? 4.767   10.847  1.557   1.00 14.07 ? 93  TRP A CE3 1 
ATOM   724  C CZ2 . TRP A 1 113 ? 7.424   11.382  0.744   1.00 13.79 ? 93  TRP A CZ2 1 
ATOM   725  C CZ3 . TRP A 1 113 ? 5.757   9.887   1.648   1.00 14.63 ? 93  TRP A CZ3 1 
ATOM   726  C CH2 . TRP A 1 113 ? 7.053   10.149  1.249   1.00 13.07 ? 93  TRP A CH2 1 
ATOM   727  N N   . SER A 1 114 ? 4.702   14.244  3.783   1.00 19.00 ? 94  SER A N   1 
ATOM   728  C CA  . SER A 1 114 ? 5.772   15.121  4.164   1.00 19.27 ? 94  SER A CA  1 
ATOM   729  C C   . SER A 1 114 ? 7.016   14.418  3.673   1.00 16.26 ? 94  SER A C   1 
ATOM   730  O O   . SER A 1 114 ? 7.063   13.183  3.688   1.00 13.51 ? 94  SER A O   1 
ATOM   731  C CB  . SER A 1 114 ? 5.876   15.229  5.684   1.00 18.33 ? 94  SER A CB  1 
ATOM   732  O OG  . SER A 1 114 ? 7.129   15.781  6.022   1.00 13.40 ? 94  SER A OG  1 
ATOM   733  N N   . PRO A 1 115 ? 8.034   15.191  3.262   1.00 15.86 ? 95  PRO A N   1 
ATOM   734  C CA  . PRO A 1 115 ? 9.351   14.632  2.945   1.00 15.15 ? 95  PRO A CA  1 
ATOM   735  C C   . PRO A 1 115 ? 10.013  13.881  4.126   1.00 15.90 ? 95  PRO A C   1 
ATOM   736  O O   . PRO A 1 115 ? 10.916  13.069  3.910   1.00 16.54 ? 95  PRO A O   1 
ATOM   737  C CB  . PRO A 1 115 ? 10.177  15.846  2.518   1.00 13.50 ? 95  PRO A CB  1 
ATOM   738  C CG  . PRO A 1 115 ? 9.187   16.921  2.237   1.00 16.14 ? 95  PRO A CG  1 
ATOM   739  C CD  . PRO A 1 115 ? 7.959   16.638  3.032   1.00 14.08 ? 95  PRO A CD  1 
ATOM   740  N N   . ALA A 1 116 ? 9.543   14.121  5.349   1.00 14.12 ? 96  ALA A N   1 
ATOM   741  C CA  . ALA A 1 116 ? 10.066  13.404  6.529   1.00 15.14 ? 96  ALA A CA  1 
ATOM   742  C C   . ALA A 1 116 ? 9.518   11.981  6.638   1.00 16.08 ? 96  ALA A C   1 
ATOM   743  O O   . ALA A 1 116 ? 10.034  11.167  7.407   1.00 14.53 ? 96  ALA A O   1 
ATOM   744  C CB  . ALA A 1 116 ? 9.751   14.178  7.788   1.00 16.33 ? 96  ALA A CB  1 
ATOM   745  N N   . LEU A 1 117 ? 8.471   11.671  5.876   1.00 13.58 ? 97  LEU A N   1 
ATOM   746  C CA  . LEU A 1 117 ? 7.973   10.283  5.834   1.00 15.89 ? 97  LEU A CA  1 
ATOM   747  C C   . LEU A 1 117 ? 8.869   9.377   4.948   1.00 17.88 ? 97  LEU A C   1 
ATOM   748  O O   . LEU A 1 117 ? 9.702   9.842   4.207   1.00 15.36 ? 97  LEU A O   1 
ATOM   749  C CB  . LEU A 1 117 ? 6.497   10.230  5.398   1.00 17.90 ? 97  LEU A CB  1 
ATOM   750  C CG  . LEU A 1 117 ? 5.485   11.088  6.195   1.00 17.44 ? 97  LEU A CG  1 
ATOM   751  C CD1 . LEU A 1 117 ? 4.086   11.138  5.526   1.00 16.21 ? 97  LEU A CD1 1 
ATOM   752  C CD2 . LEU A 1 117 ? 5.383   10.556  7.605   1.00 17.33 ? 97  LEU A CD2 1 
ATOM   753  N N   . THR A 1 118 ? 8.684   8.081   5.065   1.00 17.20 ? 98  THR A N   1 
ATOM   754  C CA  . THR A 1 118 ? 9.555   7.117   4.410   1.00 22.32 ? 98  THR A CA  1 
ATOM   755  C C   . THR A 1 118 ? 8.689   6.042   3.781   1.00 19.95 ? 98  THR A C   1 
ATOM   756  O O   . THR A 1 118 ? 7.495   5.959   4.062   1.00 18.10 ? 98  THR A O   1 
ATOM   757  C CB  . THR A 1 118 ? 10.508  6.435   5.406   1.00 20.61 ? 98  THR A CB  1 
ATOM   758  O OG1 . THR A 1 118 ? 9.741   5.750   6.397   1.00 24.09 ? 98  THR A OG1 1 
ATOM   759  C CG2 . THR A 1 118 ? 11.456  7.441   6.082   1.00 20.59 ? 98  THR A CG2 1 
ATOM   760  N N   . ILE A 1 119 ? 9.285   5.215   2.927   1.00 22.68 ? 99  ILE A N   1 
ATOM   761  C CA  . ILE A 1 119 ? 8.503   4.172   2.264   1.00 20.40 ? 99  ILE A CA  1 
ATOM   762  C C   . ILE A 1 119 ? 8.029   3.121   3.313   1.00 19.54 ? 99  ILE A C   1 
ATOM   763  O O   . ILE A 1 119 ? 6.922   2.585   3.227   1.00 17.01 ? 99  ILE A O   1 
ATOM   764  C CB  . ILE A 1 119 ? 9.249   3.575   1.028   1.00 22.08 ? 99  ILE A CB  1 
ATOM   765  C CG1 . ILE A 1 119 ? 8.288   2.743   0.155   1.00 26.47 ? 99  ILE A CG1 1 
ATOM   766  C CG2 . ILE A 1 119 ? 10.486  2.779   1.458   1.00 23.85 ? 99  ILE A CG2 1 
ATOM   767  C CD1 . ILE A 1 119 ? 7.280   3.613   -0.664  1.00 31.16 ? 99  ILE A CD1 1 
ATOM   768  N N   . SER A 1 120 ? 8.861   2.883   4.322   1.00 19.66 ? 100 SER A N   1 
ATOM   769  C CA  . SER A 1 120 ? 8.503   2.044   5.443   1.00 20.00 ? 100 SER A CA  1 
ATOM   770  C C   . SER A 1 120 ? 7.188   2.481   6.129   1.00 18.40 ? 100 SER A C   1 
ATOM   771  O O   . SER A 1 120 ? 6.273   1.659   6.347   1.00 13.64 ? 100 SER A O   1 
ATOM   772  C CB  . SER A 1 120 ? 9.664   2.005   6.432   1.00 20.97 ? 100 SER A CB  1 
ATOM   773  O OG  . SER A 1 120 ? 9.309   1.280   7.583   1.00 28.09 ? 100 SER A OG  1 
ATOM   774  N N   . LYS A 1 121 ? 7.110   3.764   6.475   1.00 16.95 ? 101 LYS A N   1 
ATOM   775  C CA  . LYS A 1 121 ? 5.881   4.359   7.042   1.00 17.22 ? 101 LYS A CA  1 
ATOM   776  C C   . LYS A 1 121 ? 4.702   4.199   6.049   1.00 14.31 ? 101 LYS A C   1 
ATOM   777  O O   . LYS A 1 121 ? 3.553   3.870   6.436   1.00 13.58 ? 101 LYS A O   1 
ATOM   778  C CB  . LYS A 1 121 ? 6.076   5.865   7.423   1.00 19.04 ? 101 LYS A CB  1 
ATOM   779  C CG  . LYS A 1 121 ? 7.126   6.187   8.571   1.00 20.35 ? 101 LYS A CG  1 
ATOM   780  C CD  . LYS A 1 121 ? 7.350   7.781   8.758   1.00 25.36 ? 101 LYS A CD  1 
ATOM   781  C CE  . LYS A 1 121 ? 8.638   8.121   9.537   1.00 29.51 ? 101 LYS A CE  1 
ATOM   782  N NZ  . LYS A 1 121 ? 9.024   9.577   9.668   1.00 26.47 ? 101 LYS A NZ  1 
ATOM   783  N N   . VAL A 1 122 ? 4.969   4.436   4.774   1.00 12.65 ? 102 VAL A N   1 
ATOM   784  C CA  . VAL A 1 122 ? 3.920   4.238   3.785   1.00 13.72 ? 102 VAL A CA  1 
ATOM   785  C C   . VAL A 1 122 ? 3.381   2.789   3.814   1.00 16.50 ? 102 VAL A C   1 
ATOM   786  O O   . VAL A 1 122 ? 2.173   2.573   3.805   1.00 18.27 ? 102 VAL A O   1 
ATOM   787  C CB  . VAL A 1 122 ? 4.393   4.645   2.377   1.00 16.67 ? 102 VAL A CB  1 
ATOM   788  C CG1 . VAL A 1 122 ? 3.407   4.130   1.290   1.00 16.27 ? 102 VAL A CG1 1 
ATOM   789  C CG2 . VAL A 1 122 ? 4.582   6.214   2.295   1.00 15.89 ? 102 VAL A CG2 1 
ATOM   790  N N   . LEU A 1 123 ? 4.293   1.818   3.827   1.00 14.96 ? 103 LEU A N   1 
ATOM   791  C CA  . LEU A 1 123 ? 3.912   0.399   3.832   1.00 18.68 ? 103 LEU A CA  1 
ATOM   792  C C   . LEU A 1 123 ? 3.127   0.037   5.092   1.00 16.53 ? 103 LEU A C   1 
ATOM   793  O O   . LEU A 1 123 ? 2.137   -0.684  5.009   1.00 21.00 ? 103 LEU A O   1 
ATOM   794  C CB  . LEU A 1 123 ? 5.137   -0.495  3.669   1.00 15.59 ? 103 LEU A CB  1 
ATOM   795  C CG  . LEU A 1 123 ? 5.861   -0.431  2.316   1.00 18.96 ? 103 LEU A CG  1 
ATOM   796  C CD1 . LEU A 1 123 ? 7.116   -1.258  2.341   1.00 17.85 ? 103 LEU A CD1 1 
ATOM   797  C CD2 . LEU A 1 123 ? 4.952   -0.846  1.141   1.00 17.09 ? 103 LEU A CD2 1 
ATOM   798  N N   . LEU A 1 124 ? 3.552   0.562   6.249   1.00 18.49 ? 104 LEU A N   1 
ATOM   799  C CA  . LEU A 1 124 ? 2.851   0.289   7.504   1.00 16.94 ? 104 LEU A CA  1 
ATOM   800  C C   . LEU A 1 124 ? 1.440   0.876   7.534   1.00 20.85 ? 104 LEU A C   1 
ATOM   801  O O   . LEU A 1 124 ? 0.558   0.222   8.009   1.00 17.79 ? 104 LEU A O   1 
ATOM   802  C CB  . LEU A 1 124 ? 3.655   0.769   8.725   1.00 18.76 ? 104 LEU A CB  1 
ATOM   803  C CG  . LEU A 1 124 ? 4.899   -0.071  9.029   1.00 20.48 ? 104 LEU A CG  1 
ATOM   804  C CD1 . LEU A 1 124 ? 5.839   0.646   9.981   1.00 25.58 ? 104 LEU A CD1 1 
ATOM   805  C CD2 . LEU A 1 124 ? 4.543   -1.460  9.573   1.00 21.34 ? 104 LEU A CD2 1 
ATOM   806  N N   . SER A 1 125 ? 1.255   2.113   7.046   1.00 18.21 ? 105 SER A N   1 
ATOM   807  C CA  . SER A 1 125 ? -0.078  2.727   6.830   1.00 20.28 ? 105 SER A CA  1 
ATOM   808  C C   . SER A 1 125 ? -0.957  1.954   5.844   1.00 20.27 ? 105 SER A C   1 
ATOM   809  O O   . SER A 1 125 ? -2.168  1.885   6.026   1.00 23.34 ? 105 SER A O   1 
ATOM   810  C CB  . SER A 1 125 ? 0.073   4.157   6.294   1.00 21.24 ? 105 SER A CB  1 
ATOM   811  O OG  . SER A 1 125 ? 1.066   4.809   7.045   1.00 32.05 ? 105 SER A OG  1 
ATOM   812  N N   . ILE A 1 126 ? -0.363  1.387   4.803   1.00 16.07 ? 106 ILE A N   1 
ATOM   813  C CA  . ILE A 1 126 ? -1.150  0.520   3.891   1.00 19.58 ? 106 ILE A CA  1 
ATOM   814  C C   . ILE A 1 126 ? -1.639  -0.720  4.647   1.00 21.55 ? 106 ILE A C   1 
ATOM   815  O O   . ILE A 1 126 ? -2.827  -1.083  4.599   1.00 17.57 ? 106 ILE A O   1 
ATOM   816  C CB  . ILE A 1 126 ? -0.392  0.202   2.585   1.00 17.69 ? 106 ILE A CB  1 
ATOM   817  C CG1 . ILE A 1 126 ? -0.190  1.498   1.759   1.00 21.42 ? 106 ILE A CG1 1 
ATOM   818  C CG2 . ILE A 1 126 ? -1.128  -0.865  1.724   1.00 18.91 ? 106 ILE A CG2 1 
ATOM   819  C CD1 . ILE A 1 126 ? 0.851   1.381   0.676   1.00 21.85 ? 106 ILE A CD1 1 
ATOM   820  N N   . SER A 1 127 ? -0.727  -1.348  5.383   1.00 20.88 ? 107 SER A N   1 
ATOM   821  C CA  . SER A 1 127 ? -1.104  -2.492  6.190   1.00 23.34 ? 107 SER A CA  1 
ATOM   822  C C   . SER A 1 127 ? -2.218  -2.136  7.216   1.00 23.63 ? 107 SER A C   1 
ATOM   823  O O   . SER A 1 127 ? -3.197  -2.891  7.352   1.00 21.35 ? 107 SER A O   1 
ATOM   824  C CB  . SER A 1 127 ? 0.152   -3.143  6.810   1.00 20.18 ? 107 SER A CB  1 
ATOM   825  O OG  . SER A 1 127 ? -0.234  -4.227  7.605   1.00 33.62 ? 107 SER A OG  1 
ATOM   826  N N   . SER A 1 128 ? -2.105  -0.976  7.893   1.00 21.16 ? 108 SER A N   1 
ATOM   827  C CA  . SER A 1 128 ? -3.194  -0.472  8.759   1.00 20.78 ? 108 SER A CA  1 
ATOM   828  C C   . SER A 1 128 ? -4.495  -0.243  8.028   1.00 21.68 ? 108 SER A C   1 
ATOM   829  O O   . SER A 1 128 ? -5.569  -0.514  8.585   1.00 19.74 ? 108 SER A O   1 
ATOM   830  C CB  . SER A 1 128 ? -2.814  0.825   9.490   1.00 20.82 ? 108 SER A CB  1 
ATOM   831  O OG  . SER A 1 128 ? -1.746  0.531   10.333  1.00 25.65 ? 108 SER A OG  1 
ATOM   832  N N   . LEU A 1 129 ? -4.398  0.269   6.796   1.00 20.79 ? 109 LEU A N   1 
ATOM   833  C CA  . LEU A 1 129 ? -5.567  0.458   5.946   1.00 21.58 ? 109 LEU A CA  1 
ATOM   834  C C   . LEU A 1 129 ? -6.307  -0.866  5.661   1.00 19.03 ? 109 LEU A C   1 
ATOM   835  O O   . LEU A 1 129 ? -7.526  -0.872  5.648   1.00 18.43 ? 109 LEU A O   1 
ATOM   836  C CB  . LEU A 1 129 ? -5.207  1.199   4.634   1.00 20.55 ? 109 LEU A CB  1 
ATOM   837  C CG  . LEU A 1 129 ? -6.397  1.674   3.742   1.00 24.11 ? 109 LEU A CG  1 
ATOM   838  C CD1 . LEU A 1 129 ? -7.238  2.799   4.372   1.00 24.74 ? 109 LEU A CD1 1 
ATOM   839  C CD2 . LEU A 1 129 ? -5.930  2.110   2.390   1.00 19.32 ? 109 LEU A CD2 1 
ATOM   840  N N   . LEU A 1 130 ? -5.570  -1.972  5.434   1.00 19.93 ? 110 LEU A N   1 
ATOM   841  C CA  . LEU A 1 130 ? -6.159  -3.309  5.261   1.00 18.81 ? 110 LEU A CA  1 
ATOM   842  C C   . LEU A 1 130 ? -6.931  -3.789  6.503   1.00 22.95 ? 110 LEU A C   1 
ATOM   843  O O   . LEU A 1 130 ? -8.021  -4.341  6.398   1.00 21.35 ? 110 LEU A O   1 
ATOM   844  C CB  . LEU A 1 130 ? -5.089  -4.345  4.848   1.00 20.80 ? 110 LEU A CB  1 
ATOM   845  C CG  . LEU A 1 130 ? -4.257  -4.114  3.560   1.00 20.56 ? 110 LEU A CG  1 
ATOM   846  C CD1 . LEU A 1 130 ? -3.406  -5.298  3.203   1.00 20.04 ? 110 LEU A CD1 1 
ATOM   847  C CD2 . LEU A 1 130 ? -5.074  -3.660  2.374   1.00 15.03 ? 110 LEU A CD2 1 
ATOM   848  N N   . THR A 1 131 ? -6.364  -3.541  7.678   1.00 21.07 ? 111 THR A N   1 
ATOM   849  C CA  . THR A 1 131 ? -7.038  -3.817  8.949   1.00 24.26 ? 111 THR A CA  1 
ATOM   850  C C   . THR A 1 131 ? -8.244  -2.887  9.171   1.00 24.75 ? 111 THR A C   1 
ATOM   851  O O   . THR A 1 131 ? -9.300  -3.350  9.552   1.00 20.56 ? 111 THR A O   1 
ATOM   852  C CB  . THR A 1 131 ? -6.051  -3.697  10.149  1.00 23.86 ? 111 THR A CB  1 
ATOM   853  O OG1 . THR A 1 131 ? -5.000  -4.655  9.982   1.00 25.37 ? 111 THR A OG1 1 
ATOM   854  C CG2 . THR A 1 131 ? -6.753  -3.994  11.461  1.00 22.21 ? 111 THR A CG2 1 
ATOM   855  N N   . ASP A 1 132 ? -8.073  -1.588  8.928   1.00 22.72 ? 112 ASP A N   1 
ATOM   856  C CA  . ASP A 1 132 ? -9.096  -0.592  9.205   1.00 24.71 ? 112 ASP A CA  1 
ATOM   857  C C   . ASP A 1 132 ? -9.375  0.280   7.974   1.00 24.05 ? 112 ASP A C   1 
ATOM   858  O O   . ASP A 1 132 ? -8.785  1.395   7.842   1.00 23.46 ? 112 ASP A O   1 
ATOM   859  C CB  . ASP A 1 132 ? -8.690  0.316   10.403  1.00 28.58 ? 112 ASP A CB  1 
ATOM   860  C CG  . ASP A 1 132 ? -8.599  -0.447  11.742  1.00 34.18 ? 112 ASP A CG  1 
ATOM   861  O OD1 . ASP A 1 132 ? -9.604  -1.088  12.158  1.00 36.11 ? 112 ASP A OD1 1 
ATOM   862  O OD2 . ASP A 1 132 ? -7.532  -0.387  12.407  1.00 34.43 ? 112 ASP A OD2 1 
ATOM   863  N N   . PRO A 1 133 ? -10.269 -0.192  7.062   1.00 24.79 ? 113 PRO A N   1 
ATOM   864  C CA  . PRO A 1 133 ? -10.608 0.616   5.879   1.00 22.94 ? 113 PRO A CA  1 
ATOM   865  C C   . PRO A 1 133 ? -11.237 1.962   6.266   1.00 25.11 ? 113 PRO A C   1 
ATOM   866  O O   . PRO A 1 133 ? -11.704 2.117   7.385   1.00 24.31 ? 113 PRO A O   1 
ATOM   867  C CB  . PRO A 1 133 ? -11.615 -0.275  5.118   1.00 23.02 ? 113 PRO A CB  1 
ATOM   868  C CG  . PRO A 1 133 ? -11.254 -1.705  5.549   1.00 19.44 ? 113 PRO A CG  1 
ATOM   869  C CD  . PRO A 1 133 ? -10.964 -1.509  7.030   1.00 22.79 ? 113 PRO A CD  1 
ATOM   870  N N   . ASN A 1 134 ? -11.209 2.926   5.347   1.00 23.72 ? 114 ASN A N   1 
ATOM   871  C CA  . ASN A 1 134 ? -11.896 4.208   5.545   1.00 27.50 ? 114 ASN A CA  1 
ATOM   872  C C   . ASN A 1 134 ? -13.040 4.316   4.551   1.00 26.42 ? 114 ASN A C   1 
ATOM   873  O O   . ASN A 1 134 ? -12.864 4.827   3.437   1.00 26.01 ? 114 ASN A O   1 
ATOM   874  C CB  . ASN A 1 134 ? -10.930 5.390   5.411   1.00 29.48 ? 114 ASN A CB  1 
ATOM   875  C CG  . ASN A 1 134 ? -9.823  5.362   6.462   1.00 37.07 ? 114 ASN A CG  1 
ATOM   876  O OD1 . ASN A 1 134 ? -8.636  5.465   6.130   1.00 40.67 ? 114 ASN A OD1 1 
ATOM   877  N ND2 . ASN A 1 134 ? -10.208 5.217   7.746   1.00 38.30 ? 114 ASN A ND2 1 
ATOM   878  N N   . PRO A 1 135 ? -14.227 3.821   4.956   1.00 25.76 ? 115 PRO A N   1 
ATOM   879  C CA  . PRO A 1 135 ? -15.370 3.683   4.053   1.00 26.61 ? 115 PRO A CA  1 
ATOM   880  C C   . PRO A 1 135 ? -15.878 5.039   3.574   1.00 25.74 ? 115 PRO A C   1 
ATOM   881  O O   . PRO A 1 135 ? -16.537 5.109   2.547   1.00 29.53 ? 115 PRO A O   1 
ATOM   882  C CB  . PRO A 1 135 ? -16.423 2.994   4.924   1.00 24.85 ? 115 PRO A CB  1 
ATOM   883  C CG  . PRO A 1 135 ? -16.072 3.417   6.327   1.00 24.68 ? 115 PRO A CG  1 
ATOM   884  C CD  . PRO A 1 135 ? -14.563 3.422   6.338   1.00 23.40 ? 115 PRO A CD  1 
ATOM   885  N N   . ASP A 1 136 ? -15.570 6.090   4.329   1.00 28.13 ? 116 ASP A N   1 
ATOM   886  C CA  . ASP A 1 136 ? -16.020 7.449   4.033   1.00 31.98 ? 116 ASP A CA  1 
ATOM   887  C C   . ASP A 1 136 ? -15.127 8.193   3.040   1.00 31.70 ? 116 ASP A C   1 
ATOM   888  O O   . ASP A 1 136 ? -15.500 9.258   2.554   1.00 28.65 ? 116 ASP A O   1 
ATOM   889  C CB  . ASP A 1 136 ? -16.200 8.249   5.330   1.00 36.73 ? 116 ASP A CB  1 
ATOM   890  C CG  . ASP A 1 136 ? -17.250 7.632   6.248   1.00 42.72 ? 116 ASP A CG  1 
ATOM   891  O OD1 . ASP A 1 136 ? -18.329 7.215   5.755   1.00 41.77 ? 116 ASP A OD1 1 
ATOM   892  O OD2 . ASP A 1 136 ? -16.982 7.537   7.466   1.00 48.16 ? 116 ASP A OD2 1 
ATOM   893  N N   . ASP A 1 137 ? -13.963 7.634   2.725   1.00 28.67 ? 117 ASP A N   1 
ATOM   894  C CA  . ASP A 1 137 ? -13.155 8.200   1.648   1.00 29.41 ? 117 ASP A CA  1 
ATOM   895  C C   . ASP A 1 137 ? -12.860 7.136   0.564   1.00 29.19 ? 117 ASP A C   1 
ATOM   896  O O   . ASP A 1 137 ? -11.710 6.769   0.349   1.00 26.57 ? 117 ASP A O   1 
ATOM   897  C CB  . ASP A 1 137 ? -11.874 8.855   2.205   1.00 29.43 ? 117 ASP A CB  1 
ATOM   898  C CG  . ASP A 1 137 ? -11.213 9.805   1.206   1.00 30.51 ? 117 ASP A CG  1 
ATOM   899  O OD1 . ASP A 1 137 ? -11.780 10.079  0.116   1.00 28.70 ? 117 ASP A OD1 1 
ATOM   900  O OD2 . ASP A 1 137 ? -10.107 10.292  1.512   1.00 36.05 ? 117 ASP A OD2 1 
ATOM   901  N N   . PRO A 1 138 ? -13.911 6.666   -0.146  1.00 26.78 ? 118 PRO A N   1 
ATOM   902  C CA  . PRO A 1 138 ? -13.755 5.437   -0.930  1.00 25.18 ? 118 PRO A CA  1 
ATOM   903  C C   . PRO A 1 138 ? -13.182 5.661   -2.342  1.00 24.32 ? 118 PRO A C   1 
ATOM   904  O O   . PRO A 1 138 ? -13.308 6.750   -2.913  1.00 23.28 ? 118 PRO A O   1 
ATOM   905  C CB  . PRO A 1 138 ? -15.192 4.904   -1.032  1.00 26.30 ? 118 PRO A CB  1 
ATOM   906  C CG  . PRO A 1 138 ? -16.104 6.068   -0.723  1.00 25.83 ? 118 PRO A CG  1 
ATOM   907  C CD  . PRO A 1 138 ? -15.253 7.252   -0.317  1.00 26.28 ? 118 PRO A CD  1 
ATOM   908  N N   . LEU A 1 139 ? -12.542 4.632   -2.887  1.00 21.10 ? 119 LEU A N   1 
ATOM   909  C CA  . LEU A 1 139 ? -12.299 4.578   -4.326  1.00 21.40 ? 119 LEU A CA  1 
ATOM   910  C C   . LEU A 1 139 ? -13.326 3.693   -5.013  1.00 22.94 ? 119 LEU A C   1 
ATOM   911  O O   . LEU A 1 139 ? -13.466 3.740   -6.236  1.00 24.26 ? 119 LEU A O   1 
ATOM   912  C CB  . LEU A 1 139 ? -10.899 4.066   -4.634  1.00 19.34 ? 119 LEU A CB  1 
ATOM   913  C CG  . LEU A 1 139 ? -9.757  5.001   -4.326  1.00 19.58 ? 119 LEU A CG  1 
ATOM   914  C CD1 . LEU A 1 139 ? -8.482  4.397   -4.864  1.00 19.04 ? 119 LEU A CD1 1 
ATOM   915  C CD2 . LEU A 1 139 ? -10.024 6.411   -4.926  1.00 23.27 ? 119 LEU A CD2 1 
ATOM   916  N N   . VAL A 1 140 ? -14.009 2.847   -4.226  1.00 20.81 ? 120 VAL A N   1 
ATOM   917  C CA  . VAL A 1 140 ? -15.053 1.975   -4.758  1.00 22.67 ? 120 VAL A CA  1 
ATOM   918  C C   . VAL A 1 140 ? -16.309 2.065   -3.885  1.00 23.35 ? 120 VAL A C   1 
ATOM   919  O O   . VAL A 1 140 ? -16.397 1.380   -2.853  1.00 19.01 ? 120 VAL A O   1 
ATOM   920  C CB  . VAL A 1 140 ? -14.609 0.478   -4.891  1.00 22.10 ? 120 VAL A CB  1 
ATOM   921  C CG1 . VAL A 1 140 ? -15.534 -0.252  -5.871  1.00 20.05 ? 120 VAL A CG1 1 
ATOM   922  C CG2 . VAL A 1 140 ? -13.148 0.360   -5.346  1.00 21.50 ? 120 VAL A CG2 1 
ATOM   923  N N   . PRO A 1 141 ? -17.253 2.952   -4.274  1.00 24.96 ? 121 PRO A N   1 
ATOM   924  C CA  . PRO A 1 141 ? -18.545 3.211   -3.630  1.00 25.13 ? 121 PRO A CA  1 
ATOM   925  C C   . PRO A 1 141 ? -19.356 1.977   -3.198  1.00 23.27 ? 121 PRO A C   1 
ATOM   926  O O   . PRO A 1 141 ? -19.877 1.974   -2.084  1.00 24.26 ? 121 PRO A O   1 
ATOM   927  C CB  . PRO A 1 141 ? -19.310 3.986   -4.714  1.00 23.61 ? 121 PRO A CB  1 
ATOM   928  C CG  . PRO A 1 141 ? -18.255 4.774   -5.380  1.00 25.24 ? 121 PRO A CG  1 
ATOM   929  C CD  . PRO A 1 141 ? -17.059 3.850   -5.437  1.00 25.60 ? 121 PRO A CD  1 
ATOM   930  N N   . GLU A 1 142 ? -19.484 0.974   -4.072  1.00 20.16 ? 122 GLU A N   1 
ATOM   931  C CA  . GLU A 1 142 ? -20.253 -0.236  -3.747  1.00 25.52 ? 122 GLU A CA  1 
ATOM   932  C C   . GLU A 1 142 ? -19.661 -1.014  -2.575  1.00 21.41 ? 122 GLU A C   1 
ATOM   933  O O   . GLU A 1 142 ? -20.397 -1.471  -1.699  1.00 23.85 ? 122 GLU A O   1 
ATOM   934  C CB  . GLU A 1 142 ? -20.437 -1.144  -4.983  1.00 27.92 ? 122 GLU A CB  1 
ATOM   935  C CG  . GLU A 1 142 ? -21.074 -2.509  -4.696  1.00 35.91 ? 122 GLU A CG  1 
ATOM   936  C CD  . GLU A 1 142 ? -22.580 -2.457  -4.353  1.00 39.25 ? 122 GLU A CD  1 
ATOM   937  O OE1 . GLU A 1 142 ? -23.150 -1.344  -4.220  1.00 40.48 ? 122 GLU A OE1 1 
ATOM   938  O OE2 . GLU A 1 142 ? -23.190 -3.551  -4.222  1.00 40.80 ? 122 GLU A OE2 1 
ATOM   939  N N   . ILE A 1 143 ? -18.339 -1.158  -2.576  1.00 20.45 ? 123 ILE A N   1 
ATOM   940  C CA  . ILE A 1 143 ? -17.609 -1.828  -1.507  1.00 18.62 ? 123 ILE A CA  1 
ATOM   941  C C   . ILE A 1 143 ? -17.705 -1.042  -0.189  1.00 19.24 ? 123 ILE A C   1 
ATOM   942  O O   . ILE A 1 143 ? -17.990 -1.616  0.854   1.00 16.94 ? 123 ILE A O   1 
ATOM   943  C CB  . ILE A 1 143 ? -16.125 -2.080  -1.909  1.00 18.49 ? 123 ILE A CB  1 
ATOM   944  C CG1 . ILE A 1 143 ? -16.074 -2.872  -3.225  1.00 19.04 ? 123 ILE A CG1 1 
ATOM   945  C CG2 . ILE A 1 143 ? -15.367 -2.804  -0.765  1.00 15.40 ? 123 ILE A CG2 1 
ATOM   946  C CD1 . ILE A 1 143 ? -14.686 -3.236  -3.714  1.00 18.83 ? 123 ILE A CD1 1 
ATOM   947  N N   . ALA A 1 144 ? -17.488 0.267   -0.256  1.00 20.93 ? 124 ALA A N   1 
ATOM   948  C CA  . ALA A 1 144 ? -17.675 1.166   0.888   1.00 21.65 ? 124 ALA A CA  1 
ATOM   949  C C   . ALA A 1 144 ? -19.060 1.023   1.512   1.00 25.29 ? 124 ALA A C   1 
ATOM   950  O O   . ALA A 1 144 ? -19.180 0.941   2.737   1.00 25.73 ? 124 ALA A O   1 
ATOM   951  C CB  . ALA A 1 144 ? -17.443 2.596   0.471   1.00 20.09 ? 124 ALA A CB  1 
ATOM   952  N N   . HIS A 1 145 ? -20.105 1.002   0.674   1.00 26.08 ? 125 HIS A N   1 
ATOM   953  C CA  . HIS A 1 145 ? -21.471 0.876   1.174   1.00 25.41 ? 125 HIS A CA  1 
ATOM   954  C C   . HIS A 1 145 ? -21.703 -0.474  1.852   1.00 24.96 ? 125 HIS A C   1 
ATOM   955  O O   . HIS A 1 145 ? -22.300 -0.550  2.930   1.00 21.49 ? 125 HIS A O   1 
ATOM   956  C CB  . HIS A 1 145 ? -22.490 1.075   0.062   1.00 28.79 ? 125 HIS A CB  1 
ATOM   957  C CG  . HIS A 1 145 ? -23.890 0.734   0.470   1.00 32.68 ? 125 HIS A CG  1 
ATOM   958  N ND1 . HIS A 1 145 ? -24.654 1.562   1.266   1.00 34.76 ? 125 HIS A ND1 1 
ATOM   959  C CD2 . HIS A 1 145 ? -24.651 -0.361  0.223   1.00 33.76 ? 125 HIS A CD2 1 
ATOM   960  C CE1 . HIS A 1 145 ? -25.832 0.998   1.477   1.00 34.76 ? 125 HIS A CE1 1 
ATOM   961  N NE2 . HIS A 1 145 ? -25.854 -0.169  0.858   1.00 34.84 ? 125 HIS A NE2 1 
ATOM   962  N N   . LEU A 1 146 ? -21.237 -1.539  1.212   1.00 25.68 ? 126 LEU A N   1 
ATOM   963  C CA  . LEU A 1 146 ? -21.313 -2.862  1.807   1.00 27.84 ? 126 LEU A CA  1 
ATOM   964  C C   . LEU A 1 146 ? -20.517 -2.931  3.102   1.00 27.04 ? 126 LEU A C   1 
ATOM   965  O O   . LEU A 1 146 ? -20.954 -3.565  4.054   1.00 29.50 ? 126 LEU A O   1 
ATOM   966  C CB  . LEU A 1 146 ? -20.868 -3.934  0.818   1.00 29.74 ? 126 LEU A CB  1 
ATOM   967  C CG  . LEU A 1 146 ? -21.995 -4.533  -0.022  1.00 33.52 ? 126 LEU A CG  1 
ATOM   968  C CD1 . LEU A 1 146 ? -21.487 -4.967  -1.395  1.00 35.17 ? 126 LEU A CD1 1 
ATOM   969  C CD2 . LEU A 1 146 ? -22.638 -5.692  0.712   1.00 29.33 ? 126 LEU A CD2 1 
ATOM   970  N N   . TYR A 1 147 ? -19.367 -2.270  3.151   1.00 27.79 ? 127 TYR A N   1 
ATOM   971  C CA  . TYR A 1 147 ? -18.585 -2.240  4.386   1.00 29.52 ? 127 TYR A CA  1 
ATOM   972  C C   . TYR A 1 147 ? -19.412 -1.676  5.553   1.00 30.35 ? 127 TYR A C   1 
ATOM   973  O O   . TYR A 1 147 ? -19.369 -2.206  6.672   1.00 28.96 ? 127 TYR A O   1 
ATOM   974  C CB  . TYR A 1 147 ? -17.277 -1.450  4.225   1.00 28.15 ? 127 TYR A CB  1 
ATOM   975  C CG  . TYR A 1 147 ? -16.422 -1.487  5.475   1.00 28.28 ? 127 TYR A CG  1 
ATOM   976  C CD1 . TYR A 1 147 ? -15.428 -2.460  5.631   1.00 30.13 ? 127 TYR A CD1 1 
ATOM   977  C CD2 . TYR A 1 147 ? -16.621 -0.571  6.519   1.00 28.23 ? 127 TYR A CD2 1 
ATOM   978  C CE1 . TYR A 1 147 ? -14.641 -2.522  6.798   1.00 29.49 ? 127 TYR A CE1 1 
ATOM   979  C CE2 . TYR A 1 147 ? -15.839 -0.612  7.688   1.00 29.55 ? 127 TYR A CE2 1 
ATOM   980  C CZ  . TYR A 1 147 ? -14.850 -1.601  7.819   1.00 30.89 ? 127 TYR A CZ  1 
ATOM   981  O OH  . TYR A 1 147 ? -14.081 -1.674  8.956   1.00 29.62 ? 127 TYR A OH  1 
ATOM   982  N N   . LYS A 1 148 ? -20.154 -0.600  5.288   1.00 29.39 ? 128 LYS A N   1 
ATOM   983  C CA  . LYS A 1 148 ? -20.890 0.090   6.346   1.00 27.16 ? 128 LYS A CA  1 
ATOM   984  C C   . LYS A 1 148 ? -22.201 -0.591  6.726   1.00 27.26 ? 128 LYS A C   1 
ATOM   985  O O   . LYS A 1 148 ? -22.577 -0.555  7.889   1.00 28.40 ? 128 LYS A O   1 
ATOM   986  C CB  . LYS A 1 148 ? -21.119 1.557   5.986   1.00 27.51 ? 128 LYS A CB  1 
ATOM   987  C CG  . LYS A 1 148 ? -19.874 2.437   6.151   1.00 25.53 ? 128 LYS A CG  1 
ATOM   988  N N   . SER A 1 149 ? -22.859 -1.238  5.753   1.00 25.18 ? 129 SER A N   1 
ATOM   989  C CA  . SER A 1 149 ? -24.238 -1.733  5.902   1.00 26.17 ? 129 SER A CA  1 
ATOM   990  C C   . SER A 1 149 ? -24.364 -3.245  6.081   1.00 27.49 ? 129 SER A C   1 
ATOM   991  O O   . SER A 1 149 ? -25.346 -3.724  6.639   1.00 30.15 ? 129 SER A O   1 
ATOM   992  C CB  . SER A 1 149 ? -25.071 -1.328  4.687   1.00 28.39 ? 129 SER A CB  1 
ATOM   993  O OG  . SER A 1 149 ? -24.868 -2.242  3.617   1.00 29.26 ? 129 SER A OG  1 
ATOM   994  N N   . ASP A 1 150 ? -23.387 -3.990  5.578   1.00 26.85 ? 130 ASP A N   1 
ATOM   995  C CA  . ASP A 1 150 ? -23.354 -5.435  5.736   1.00 28.17 ? 130 ASP A CA  1 
ATOM   996  C C   . ASP A 1 150 ? -21.897 -5.858  5.767   1.00 25.54 ? 130 ASP A C   1 
ATOM   997  O O   . ASP A 1 150 ? -21.353 -6.378  4.788   1.00 22.90 ? 130 ASP A O   1 
ATOM   998  C CB  . ASP A 1 150 ? -24.101 -6.115  4.585   1.00 30.03 ? 130 ASP A CB  1 
ATOM   999  C CG  . ASP A 1 150 ? -24.314 -7.601  4.812   1.00 31.37 ? 130 ASP A CG  1 
ATOM   1000 O OD1 . ASP A 1 150 ? -23.884 -8.154  5.864   1.00 32.23 ? 130 ASP A OD1 1 
ATOM   1001 O OD2 . ASP A 1 150 ? -24.925 -8.217  3.913   1.00 30.88 ? 130 ASP A OD2 1 
ATOM   1002 N N   . ARG A 1 151 ? -21.265 -5.619  6.903   1.00 24.15 ? 131 ARG A N   1 
ATOM   1003 C CA  . ARG A 1 151 ? -19.842 -5.749  7.000   1.00 24.31 ? 131 ARG A CA  1 
ATOM   1004 C C   . ARG A 1 151 ? -19.324 -7.156  6.777   1.00 22.88 ? 131 ARG A C   1 
ATOM   1005 O O   . ARG A 1 151 ? -18.205 -7.306  6.297   1.00 21.10 ? 131 ARG A O   1 
ATOM   1006 C CB  . ARG A 1 151 ? -19.331 -5.201  8.320   1.00 30.46 ? 131 ARG A CB  1 
ATOM   1007 C CG  . ARG A 1 151 ? -17.860 -4.881  8.247   1.00 34.29 ? 131 ARG A CG  1 
ATOM   1008 C CD  . ARG A 1 151 ? -17.394 -4.293  9.526   1.00 37.37 ? 131 ARG A CD  1 
ATOM   1009 N NE  . ARG A 1 151 ? -16.054 -4.760  9.849   1.00 39.00 ? 131 ARG A NE  1 
ATOM   1010 C CZ  . ARG A 1 151 ? -15.394 -4.440  10.962  1.00 38.76 ? 131 ARG A CZ  1 
ATOM   1011 N NH1 . ARG A 1 151 ? -15.956 -3.655  11.877  1.00 34.41 ? 131 ARG A NH1 1 
ATOM   1012 N NH2 . ARG A 1 151 ? -14.173 -4.935  11.168  1.00 38.92 ? 131 ARG A NH2 1 
ATOM   1013 N N   . MET A 1 152 ? -20.124 -8.189  7.116   1.00 24.81 ? 132 MET A N   1 
ATOM   1014 C CA  . MET A 1 152 ? -19.678 -9.576  6.954   1.00 23.37 ? 132 MET A CA  1 
ATOM   1015 C C   . MET A 1 152 ? -19.759 -10.027 5.513   1.00 21.13 ? 132 MET A C   1 
ATOM   1016 O O   . MET A 1 152 ? -18.982 -10.864 5.094   1.00 23.74 ? 132 MET A O   1 
ATOM   1017 C CB  . MET A 1 152 ? -20.440 -10.556 7.867   1.00 27.31 ? 132 MET A CB  1 
ATOM   1018 C CG  . MET A 1 152 ? -20.204 -10.397 9.368   1.00 29.57 ? 132 MET A CG  1 
ATOM   1019 S SD  . MET A 1 152 ? -18.588 -9.922  10.070  1.00 39.55 ? 132 MET A SD  1 
ATOM   1020 C CE  . MET A 1 152 ? -17.468 -10.962 9.241   1.00 36.80 ? 132 MET A CE  1 
ATOM   1021 N N   . ARG A 1 153 ? -20.689 -9.471  4.744   1.00 21.37 ? 133 ARG A N   1 
ATOM   1022 C CA  . ARG A 1 153 ? -20.678 -9.696  3.294   1.00 23.89 ? 133 ARG A CA  1 
ATOM   1023 C C   . ARG A 1 153 ? -19.344 -9.215  2.672   1.00 22.50 ? 133 ARG A C   1 
ATOM   1024 O O   . ARG A 1 153 ? -18.659 -9.991  1.979   1.00 22.89 ? 133 ARG A O   1 
ATOM   1025 C CB  . ARG A 1 153 ? -21.899 -9.066  2.597   1.00 24.41 ? 133 ARG A CB  1 
ATOM   1026 N N   . TYR A 1 154 ? -18.980 -7.963  2.943   1.00 21.74 ? 134 TYR A N   1 
ATOM   1027 C CA  . TYR A 1 154 ? -17.693 -7.392  2.547   1.00 18.65 ? 134 TYR A CA  1 
ATOM   1028 C C   . TYR A 1 154 ? -16.513 -8.288  3.012   1.00 19.32 ? 134 TYR A C   1 
ATOM   1029 O O   . TYR A 1 154 ? -15.608 -8.603  2.233   1.00 17.60 ? 134 TYR A O   1 
ATOM   1030 C CB  . TYR A 1 154 ? -17.528 -5.974  3.131   1.00 20.31 ? 134 TYR A CB  1 
ATOM   1031 C CG  . TYR A 1 154 ? -16.091 -5.678  3.458   1.00 18.47 ? 134 TYR A CG  1 
ATOM   1032 C CD1 . TYR A 1 154 ? -15.193 -5.249  2.451   1.00 18.95 ? 134 TYR A CD1 1 
ATOM   1033 C CD2 . TYR A 1 154 ? -15.596 -5.889  4.752   1.00 13.98 ? 134 TYR A CD2 1 
ATOM   1034 C CE1 . TYR A 1 154 ? -13.856 -5.024  2.735   1.00 20.16 ? 134 TYR A CE1 1 
ATOM   1035 C CE2 . TYR A 1 154 ? -14.267 -5.667  5.048   1.00 19.32 ? 134 TYR A CE2 1 
ATOM   1036 C CZ  . TYR A 1 154 ? -13.395 -5.240  4.057   1.00 22.98 ? 134 TYR A CZ  1 
ATOM   1037 O OH  . TYR A 1 154 ? -12.069 -5.040  4.383   1.00 25.42 ? 134 TYR A OH  1 
ATOM   1038 N N   . ASP A 1 155 ? -16.546 -8.672  4.285   1.00 19.48 ? 135 ASP A N   1 
ATOM   1039 C CA  . ASP A 1 155 ? -15.516 -9.488  4.916   1.00 22.96 ? 135 ASP A CA  1 
ATOM   1040 C C   . ASP A 1 155 ? -15.339 -10.836 4.226   1.00 22.55 ? 135 ASP A C   1 
ATOM   1041 O O   . ASP A 1 155 ? -14.215 -11.285 3.998   1.00 20.66 ? 135 ASP A O   1 
ATOM   1042 C CB  . ASP A 1 155 ? -15.905 -9.736  6.365   1.00 29.18 ? 135 ASP A CB  1 
ATOM   1043 C CG  . ASP A 1 155 ? -14.766 -9.493  7.326   1.00 32.46 ? 135 ASP A CG  1 
ATOM   1044 O OD1 . ASP A 1 155 ? -14.327 -10.484 7.912   1.00 33.70 ? 135 ASP A OD1 1 
ATOM   1045 O OD2 . ASP A 1 155 ? -14.316 -8.316  7.488   1.00 35.51 ? 135 ASP A OD2 1 
ATOM   1046 N N   . GLN A 1 156 ? -16.455 -11.497 3.910   1.00 23.61 ? 136 GLN A N   1 
ATOM   1047 C CA  . GLN A 1 156 ? -16.421 -12.790 3.229   1.00 23.78 ? 136 GLN A CA  1 
ATOM   1048 C C   . GLN A 1 156 ? -15.826 -12.662 1.831   1.00 22.64 ? 136 GLN A C   1 
ATOM   1049 O O   . GLN A 1 156 ? -14.997 -13.479 1.422   1.00 21.89 ? 136 GLN A O   1 
ATOM   1050 C CB  . GLN A 1 156 ? -17.827 -13.418 3.160   1.00 21.27 ? 136 GLN A CB  1 
ATOM   1051 C CG  . GLN A 1 156 ? -17.859 -14.811 2.534   1.00 25.93 ? 136 GLN A CG  1 
ATOM   1052 C CD  . GLN A 1 156 ? -17.020 -15.825 3.320   1.00 24.18 ? 136 GLN A CD  1 
ATOM   1053 O OE1 . GLN A 1 156 ? -16.985 -15.768 4.572   1.00 20.14 ? 136 GLN A OE1 1 
ATOM   1054 N NE2 . GLN A 1 156 ? -16.351 -16.715 2.636   1.00 26.24 ? 136 GLN A NE2 1 
ATOM   1055 N N   . THR A 1 157 ? -16.269 -11.646 1.098   1.00 20.22 ? 137 THR A N   1 
ATOM   1056 C CA  . THR A 1 157 ? -15.737 -11.350 -0.234  1.00 20.47 ? 137 THR A CA  1 
ATOM   1057 C C   . THR A 1 157 ? -14.236 -11.031 -0.186  1.00 17.69 ? 137 THR A C   1 
ATOM   1058 O O   . THR A 1 157 ? -13.471 -11.531 -1.021  1.00 19.21 ? 137 THR A O   1 
ATOM   1059 C CB  . THR A 1 157 ? -16.530 -10.195 -0.914  1.00 22.02 ? 137 THR A CB  1 
ATOM   1060 O OG1 . THR A 1 157 ? -17.928 -10.496 -0.832  1.00 25.88 ? 137 THR A OG1 1 
ATOM   1061 C CG2 . THR A 1 157 ? -16.145 -10.040 -2.384  1.00 22.03 ? 137 THR A CG2 1 
ATOM   1062 N N   . ALA A 1 158 ? -13.823 -10.191 0.768   1.00 18.52 ? 138 ALA A N   1 
ATOM   1063 C CA  . ALA A 1 158 ? -12.402 -9.873  0.945   1.00 15.08 ? 138 ALA A CA  1 
ATOM   1064 C C   . ALA A 1 158 ? -11.606 -11.175 1.166   1.00 19.35 ? 138 ALA A C   1 
ATOM   1065 O O   . ALA A 1 158 ? -10.557 -11.376 0.510   1.00 19.82 ? 138 ALA A O   1 
ATOM   1066 C CB  . ALA A 1 158 ? -12.193 -8.876  2.079   1.00 13.42 ? 138 ALA A CB  1 
ATOM   1067 N N   . ARG A 1 159 ? -12.153 -12.079 2.019   1.00 17.12 ? 139 ARG A N   1 
ATOM   1068 C CA  . ARG A 1 159 ? -11.619 -13.456 2.200   1.00 17.78 ? 139 ARG A CA  1 
ATOM   1069 C C   . ARG A 1 159 ? -11.545 -14.243 0.881   1.00 16.22 ? 139 ARG A C   1 
ATOM   1070 O O   . ARG A 1 159 ? -10.523 -14.845 0.573   1.00 17.76 ? 139 ARG A O   1 
ATOM   1071 C CB  . ARG A 1 159 ? -12.421 -14.267 3.277   1.00 19.99 ? 139 ARG A CB  1 
ATOM   1072 C CG  . ARG A 1 159 ? -12.277 -13.721 4.746   1.00 21.66 ? 139 ARG A CG  1 
ATOM   1073 C CD  . ARG A 1 159 ? -12.913 -14.674 5.859   1.00 19.17 ? 139 ARG A CD  1 
ATOM   1074 N NE  . ARG A 1 159 ? -12.816 -14.046 7.196   1.00 19.28 ? 139 ARG A NE  1 
ATOM   1075 C CZ  . ARG A 1 159 ? -11.698 -14.000 7.929   1.00 17.73 ? 139 ARG A CZ  1 
ATOM   1076 N NH1 . ARG A 1 159 ? -10.585 -14.561 7.478   1.00 21.11 ? 139 ARG A NH1 1 
ATOM   1077 N NH2 . ARG A 1 159 ? -11.679 -13.417 9.118   1.00 17.44 ? 139 ARG A NH2 1 
ATOM   1078 N N   . GLU A 1 160 ? -12.634 -14.262 0.110   1.00 18.15 ? 140 GLU A N   1 
ATOM   1079 C CA  . GLU A 1 160 ? -12.683 -14.996 -1.170  1.00 20.85 ? 140 GLU A CA  1 
ATOM   1080 C C   . GLU A 1 160 ? -11.625 -14.498 -2.152  1.00 21.40 ? 140 GLU A C   1 
ATOM   1081 O O   . GLU A 1 160 ? -10.948 -15.289 -2.843  1.00 20.02 ? 140 GLU A O   1 
ATOM   1082 C CB  . GLU A 1 160 ? -14.020 -14.774 -1.854  1.00 25.77 ? 140 GLU A CB  1 
ATOM   1083 C CG  . GLU A 1 160 ? -15.215 -15.468 -1.277  1.00 34.07 ? 140 GLU A CG  1 
ATOM   1084 C CD  . GLU A 1 160 ? -16.470 -15.139 -2.073  1.00 38.11 ? 140 GLU A CD  1 
ATOM   1085 O OE1 . GLU A 1 160 ? -16.361 -14.426 -3.106  1.00 39.14 ? 140 GLU A OE1 1 
ATOM   1086 O OE2 . GLU A 1 160 ? -17.562 -15.582 -1.662  1.00 40.33 ? 140 GLU A OE2 1 
ATOM   1087 N N   . TRP A 1 161 ? -11.541 -13.177 -2.263  1.00 16.23 ? 141 TRP A N   1 
ATOM   1088 C CA  . TRP A 1 161 ? -10.595 -12.533 -3.162  1.00 16.12 ? 141 TRP A CA  1 
ATOM   1089 C C   . TRP A 1 161 ? -9.164  -12.758 -2.695  1.00 14.58 ? 141 TRP A C   1 
ATOM   1090 O O   . TRP A 1 161 ? -8.306  -13.057 -3.512  1.00 16.44 ? 141 TRP A O   1 
ATOM   1091 C CB  . TRP A 1 161 ? -10.911 -11.042 -3.325  1.00 15.68 ? 141 TRP A CB  1 
ATOM   1092 C CG  . TRP A 1 161 ? -12.081 -10.700 -4.265  1.00 14.90 ? 141 TRP A CG  1 
ATOM   1093 C CD1 . TRP A 1 161 ? -13.258 -11.390 -4.425  1.00 19.84 ? 141 TRP A CD1 1 
ATOM   1094 C CD2 . TRP A 1 161 ? -12.187 -9.539  -5.103  1.00 17.95 ? 141 TRP A CD2 1 
ATOM   1095 N NE1 . TRP A 1 161 ? -14.065 -10.739 -5.334  1.00 19.13 ? 141 TRP A NE1 1 
ATOM   1096 C CE2 . TRP A 1 161 ? -13.436 -9.598  -5.754  1.00 17.21 ? 141 TRP A CE2 1 
ATOM   1097 C CE3 . TRP A 1 161 ? -11.341 -8.458  -5.367  1.00 13.41 ? 141 TRP A CE3 1 
ATOM   1098 C CZ2 . TRP A 1 161 ? -13.853 -8.618  -6.669  1.00 17.49 ? 141 TRP A CZ2 1 
ATOM   1099 C CZ3 . TRP A 1 161 ? -11.764 -7.473  -6.272  1.00 18.20 ? 141 TRP A CZ3 1 
ATOM   1100 C CH2 . TRP A 1 161 ? -13.004 -7.561  -6.902  1.00 19.44 ? 141 TRP A CH2 1 
ATOM   1101 N N   . SER A 1 162 ? -8.911  -12.629 -1.383  1.00 16.54 ? 142 SER A N   1 
ATOM   1102 C CA  . SER A 1 162 ? -7.580  -12.952 -0.846  1.00 16.29 ? 142 SER A CA  1 
ATOM   1103 C C   . SER A 1 162 ? -7.143  -14.338 -1.258  1.00 16.17 ? 142 SER A C   1 
ATOM   1104 O O   . SER A 1 162 ? -5.987  -14.521 -1.613  1.00 19.68 ? 142 SER A O   1 
ATOM   1105 C CB  . SER A 1 162 ? -7.507  -12.822 0.670   1.00 12.44 ? 142 SER A CB  1 
ATOM   1106 O OG  . SER A 1 162 ? -7.980  -11.583 1.073   1.00 15.42 ? 142 SER A OG  1 
ATOM   1107 N N   . GLN A 1 163 ? -8.065  -15.317 -1.184  1.00 20.32 ? 143 GLN A N   1 
ATOM   1108 C CA  . GLN A 1 163 ? -7.802  -16.708 -1.589  1.00 16.86 ? 143 GLN A CA  1 
ATOM   1109 C C   . GLN A 1 163 ? -7.590  -16.929 -3.096  1.00 24.15 ? 143 GLN A C   1 
ATOM   1110 O O   . GLN A 1 163 ? -6.628  -17.716 -3.537  1.00 21.29 ? 143 GLN A O   1 
ATOM   1111 C CB  . GLN A 1 163 ? -8.932  -17.634 -1.051  1.00 20.67 ? 143 GLN A CB  1 
ATOM   1112 C CG  . GLN A 1 163 ? -8.654  -19.133 -1.204  1.00 25.53 ? 143 GLN A CG  1 
ATOM   1113 C CD  . GLN A 1 163 ? -7.480  -19.610 -0.363  1.00 23.99 ? 143 GLN A CD  1 
ATOM   1114 O OE1 . GLN A 1 163 ? -7.134  -19.007 0.657   1.00 28.47 ? 143 GLN A OE1 1 
ATOM   1115 N NE2 . GLN A 1 163 ? -6.868  -20.698 -0.790  1.00 28.07 ? 143 GLN A NE2 1 
ATOM   1116 N N   . LYS A 1 164 ? -8.476  -16.285 -3.895  1.00 23.87 ? 144 LYS A N   1 
ATOM   1117 C CA  . LYS A 1 164 ? -8.390  -16.436 -5.344  1.00 23.51 ? 144 LYS A CA  1 
ATOM   1118 C C   . LYS A 1 164 ? -7.179  -15.720 -5.950  1.00 22.58 ? 144 LYS A C   1 
ATOM   1119 O O   . LYS A 1 164 ? -6.464  -16.306 -6.766  1.00 24.16 ? 144 LYS A O   1 
ATOM   1120 C CB  . LYS A 1 164 ? -9.679  -15.948 -6.011  1.00 25.11 ? 144 LYS A CB  1 
ATOM   1121 N N   . TYR A 1 165 ? -6.951  -14.465 -5.543  1.00 24.46 ? 145 TYR A N   1 
ATOM   1122 C CA  . TYR A 1 165 ? -5.952  -13.581 -6.183  1.00 23.28 ? 145 TYR A CA  1 
ATOM   1123 C C   . TYR A 1 165 ? -4.649  -13.382 -5.405  1.00 22.34 ? 145 TYR A C   1 
ATOM   1124 O O   . TYR A 1 165 ? -3.642  -13.003 -5.992  1.00 20.33 ? 145 TYR A O   1 
ATOM   1125 C CB  . TYR A 1 165 ? -6.556  -12.200 -6.534  1.00 24.96 ? 145 TYR A CB  1 
ATOM   1126 C CG  . TYR A 1 165 ? -7.867  -12.276 -7.285  1.00 27.44 ? 145 TYR A CG  1 
ATOM   1127 C CD1 . TYR A 1 165 ? -7.902  -12.590 -8.657  1.00 28.94 ? 145 TYR A CD1 1 
ATOM   1128 C CD2 . TYR A 1 165 ? -9.075  -12.058 -6.629  1.00 27.62 ? 145 TYR A CD2 1 
ATOM   1129 C CE1 . TYR A 1 165 ? -9.123  -12.675 -9.349  1.00 29.92 ? 145 TYR A CE1 1 
ATOM   1130 C CE2 . TYR A 1 165 ? -10.295 -12.143 -7.308  1.00 29.34 ? 145 TYR A CE2 1 
ATOM   1131 C CZ  . TYR A 1 165 ? -10.314 -12.446 -8.661  1.00 30.43 ? 145 TYR A CZ  1 
ATOM   1132 O OH  . TYR A 1 165 ? -11.525 -12.529 -9.314  1.00 30.10 ? 145 TYR A OH  1 
ATOM   1133 N N   . ALA A 1 166 ? -4.660  -13.628 -4.097  1.00 19.87 ? 146 ALA A N   1 
ATOM   1134 C CA  . ALA A 1 166 ? -3.500  -13.270 -3.258  1.00 20.45 ? 146 ALA A CA  1 
ATOM   1135 C C   . ALA A 1 166 ? -2.840  -14.502 -2.638  1.00 21.40 ? 146 ALA A C   1 
ATOM   1136 O O   . ALA A 1 166 ? -2.049  -14.434 -1.691  1.00 22.73 ? 146 ALA A O   1 
ATOM   1137 C CB  . ALA A 1 166 ? -3.899  -12.257 -2.190  1.00 18.81 ? 146 ALA A CB  1 
ATOM   1138 O OXT . ALA A 1 166 ? -3.095  -15.611 -3.138  1.00 21.39 ? 146 ALA A OXT 1 
HETATM 1139 X UNK . UNX B 2 .   ? -9.153  -4.564  -7.384  0.01 2.00  ? 147 UNX A UNK 1 
HETATM 1140 X UNK . UNX C 2 .   ? -2.668  7.864   6.026   0.01 2.00  ? 148 UNX A UNK 1 
HETATM 1141 X UNK . UNX D 2 .   ? -7.236  -13.446 13.494  0.01 2.00  ? 149 UNX A UNK 1 
HETATM 1142 X UNK . UNX E 2 .   ? -6.677  -11.575 15.164  0.01 2.00  ? 150 UNX A UNK 1 
HETATM 1143 X UNK . UNX F 2 .   ? 0.671   3.380   10.390  0.01 2.00  ? 151 UNX A UNK 1 
HETATM 1144 X UNK . UNX G 2 .   ? -20.068 -12.694 0.272   0.01 2.00  ? 152 UNX A UNK 1 
HETATM 1145 X UNK . UNX H 2 .   ? 12.242  3.282   4.537   0.01 2.00  ? 153 UNX A UNK 1 
HETATM 1146 X UNK . UNX I 2 .   ? -8.641  8.583   -7.561  0.01 5.83  ? 154 UNX A UNK 1 
HETATM 1147 X UNK . UNX J 2 .   ? -5.098  0.024   12.318  0.01 2.00  ? 155 UNX A UNK 1 
HETATM 1148 X UNK . UNX K 2 .   ? 5.967   8.480   -10.314 0.01 2.00  ? 156 UNX A UNK 1 
HETATM 1149 O O   . HOH L 3 .   ? -9.168  -9.236  -1.134  1.00 11.92 ? 157 HOH A O   1 
HETATM 1150 O O   . HOH L 3 .   ? -6.965  -10.342 -2.957  1.00 12.72 ? 158 HOH A O   1 
HETATM 1151 O O   . HOH L 3 .   ? -9.564  -16.000 5.240   1.00 13.25 ? 159 HOH A O   1 
HETATM 1152 O O   . HOH L 3 .   ? -10.756 -4.905  6.748   1.00 10.79 ? 160 HOH A O   1 
HETATM 1153 O O   . HOH L 3 .   ? -3.788  3.507   7.497   1.00 11.66 ? 161 HOH A O   1 
HETATM 1154 O O   . HOH L 3 .   ? -11.071 -3.243  -4.277  1.00 12.68 ? 162 HOH A O   1 
HETATM 1155 O O   . HOH L 3 .   ? 1.640   17.300  5.129   1.00 13.35 ? 163 HOH A O   1 
HETATM 1156 O O   . HOH L 3 .   ? 0.814   9.357   -4.050  1.00 13.25 ? 164 HOH A O   1 
HETATM 1157 O O   . HOH L 3 .   ? -0.584  12.518  -4.255  1.00 12.27 ? 165 HOH A O   1 
HETATM 1158 O O   . HOH L 3 .   ? -8.778  -13.462 9.519   1.00 12.79 ? 166 HOH A O   1 
HETATM 1159 O O   . HOH L 3 .   ? -7.950  6.220   3.121   1.00 13.48 ? 167 HOH A O   1 
HETATM 1160 O O   . HOH L 3 .   ? -7.864  -14.265 3.950   1.00 11.60 ? 168 HOH A O   1 
HETATM 1161 O O   . HOH L 3 .   ? -2.109  4.773   -5.826  1.00 11.87 ? 169 HOH A O   1 
HETATM 1162 O O   . HOH L 3 .   ? -12.315 -0.131  -9.323  1.00 20.98 ? 170 HOH A O   1 
HETATM 1163 O O   . HOH L 3 .   ? -0.121  6.640   -4.805  1.00 14.92 ? 171 HOH A O   1 
HETATM 1164 O O   . HOH L 3 .   ? -14.232 -6.423  8.818   1.00 21.53 ? 172 HOH A O   1 
# 
loop_
_pdbx_poly_seq_scheme.asym_id 
_pdbx_poly_seq_scheme.entity_id 
_pdbx_poly_seq_scheme.seq_id 
_pdbx_poly_seq_scheme.mon_id 
_pdbx_poly_seq_scheme.ndb_seq_num 
_pdbx_poly_seq_scheme.pdb_seq_num 
_pdbx_poly_seq_scheme.auth_seq_num 
_pdbx_poly_seq_scheme.pdb_mon_id 
_pdbx_poly_seq_scheme.auth_mon_id 
_pdbx_poly_seq_scheme.pdb_strand_id 
_pdbx_poly_seq_scheme.pdb_ins_code 
_pdbx_poly_seq_scheme.hetero 
A 1 1   MET 1   -19 ?   ?   ?   A . n 
A 1 2   GLY 2   -18 ?   ?   ?   A . n 
A 1 3   SER 3   -17 ?   ?   ?   A . n 
A 1 4   SER 4   -16 ?   ?   ?   A . n 
A 1 5   HIS 5   -15 ?   ?   ?   A . n 
A 1 6   HIS 6   -14 ?   ?   ?   A . n 
A 1 7   HIS 7   -13 ?   ?   ?   A . n 
A 1 8   HIS 8   -12 ?   ?   ?   A . n 
A 1 9   HIS 9   -11 ?   ?   ?   A . n 
A 1 10  HIS 10  -10 ?   ?   ?   A . n 
A 1 11  SER 11  -9  ?   ?   ?   A . n 
A 1 12  SER 12  -8  ?   ?   ?   A . n 
A 1 13  GLY 13  -7  ?   ?   ?   A . n 
A 1 14  ARG 14  -6  ?   ?   ?   A . n 
A 1 15  GLU 15  -5  ?   ?   ?   A . n 
A 1 16  ASN 16  -4  ?   ?   ?   A . n 
A 1 17  LEU 17  -3  ?   ?   ?   A . n 
A 1 18  TYR 18  -2  ?   ?   ?   A . n 
A 1 19  PHE 19  -1  -1  PHE PHE A . n 
A 1 20  GLN 20  0   0   GLN GLN A . n 
A 1 21  GLY 21  1   1   GLY GLY A . n 
A 1 22  ALA 22  2   2   ALA ALA A . n 
A 1 23  LEU 23  3   3   LEU LEU A . n 
A 1 24  LYS 24  4   4   LYS LYS A . n 
A 1 25  ARG 25  5   5   ARG ARG A . n 
A 1 26  ILE 26  6   6   ILE ILE A . n 
A 1 27  ASN 27  7   7   ASN ASN A . n 
A 1 28  LYS 28  8   8   LYS LYS A . n 
A 1 29  GLU 29  9   9   GLU GLU A . n 
A 1 30  LEU 30  10  10  LEU LEU A . n 
A 1 31  ASN 31  11  11  ASN ASN A . n 
A 1 32  ASP 32  12  12  ASP ASP A . n 
A 1 33  LEU 33  13  13  LEU LEU A . n 
A 1 34  SER 34  14  14  SER SER A . n 
A 1 35  LYS 35  15  15  LYS LYS A . n 
A 1 36  ASP 36  16  16  ASP ASP A . n 
A 1 37  PRO 37  17  17  PRO PRO A . n 
A 1 38  PRO 38  18  18  PRO PRO A . n 
A 1 39  THR 39  19  19  THR THR A . n 
A 1 40  ASN 40  20  20  ASN ASN A . n 
A 1 41  CYS 41  21  21  CYS CYS A . n 
A 1 42  SER 42  22  22  SER SER A . n 
A 1 43  ALA 43  23  23  ALA ALA A . n 
A 1 44  GLY 44  24  24  GLY GLY A . n 
A 1 45  PRO 45  25  25  PRO PRO A . n 
A 1 46  VAL 46  26  26  VAL VAL A . n 
A 1 47  GLY 47  27  27  GLY GLY A . n 
A 1 48  ASP 48  28  28  ASP ASP A . n 
A 1 49  ASP 49  29  29  ASP ASP A . n 
A 1 50  MET 50  30  30  MET MET A . n 
A 1 51  PHE 51  31  31  PHE PHE A . n 
A 1 52  HIS 52  32  32  HIS HIS A . n 
A 1 53  TRP 53  33  33  TRP TRP A . n 
A 1 54  GLN 54  34  34  GLN GLN A . n 
A 1 55  ALA 55  35  35  ALA ALA A . n 
A 1 56  THR 56  36  36  THR THR A . n 
A 1 57  ILE 57  37  37  ILE ILE A . n 
A 1 58  MET 58  38  38  MET MET A . n 
A 1 59  GLY 59  39  39  GLY GLY A . n 
A 1 60  PRO 60  40  40  PRO PRO A . n 
A 1 61  GLU 61  41  41  GLU GLU A . n 
A 1 62  ASP 62  42  42  ASP ASP A . n 
A 1 63  SER 63  43  43  SER SER A . n 
A 1 64  PRO 64  44  44  PRO PRO A . n 
A 1 65  TYR 65  45  45  TYR TYR A . n 
A 1 66  SER 66  46  46  SER SER A . n 
A 1 67  GLY 67  47  47  GLY GLY A . n 
A 1 68  GLY 68  48  48  GLY GLY A . n 
A 1 69  VAL 69  49  49  VAL VAL A . n 
A 1 70  PHE 70  50  50  PHE PHE A . n 
A 1 71  PHE 71  51  51  PHE PHE A . n 
A 1 72  LEU 72  52  52  LEU LEU A . n 
A 1 73  ASN 73  53  53  ASN ASN A . n 
A 1 74  ILE 74  54  54  ILE ILE A . n 
A 1 75  HIS 75  55  55  HIS HIS A . n 
A 1 76  PHE 76  56  56  PHE PHE A . n 
A 1 77  PRO 77  57  57  PRO PRO A . n 
A 1 78  SER 78  58  58  SER SER A . n 
A 1 79  ASP 79  59  59  ASP ASP A . n 
A 1 80  TYR 80  60  60  TYR TYR A . n 
A 1 81  PRO 81  61  61  PRO PRO A . n 
A 1 82  PHE 82  62  62  PHE PHE A . n 
A 1 83  LYS 83  63  63  LYS LYS A . n 
A 1 84  PRO 84  64  64  PRO PRO A . n 
A 1 85  PRO 85  65  65  PRO PRO A . n 
A 1 86  LYS 86  66  66  LYS LYS A . n 
A 1 87  VAL 87  67  67  VAL VAL A . n 
A 1 88  ASN 88  68  68  ASN ASN A . n 
A 1 89  PHE 89  69  69  PHE PHE A . n 
A 1 90  THR 90  70  70  THR THR A . n 
A 1 91  THR 91  71  71  THR THR A . n 
A 1 92  LYS 92  72  72  LYS LYS A . n 
A 1 93  ILE 93  73  73  ILE ILE A . n 
A 1 94  TYR 94  74  74  TYR TYR A . n 
A 1 95  HIS 95  75  75  HIS HIS A . n 
A 1 96  PRO 96  76  76  PRO PRO A . n 
A 1 97  ASN 97  77  77  ASN ASN A . n 
A 1 98  ILE 98  78  78  ILE ILE A . n 
A 1 99  ASN 99  79  79  ASN ASN A . n 
A 1 100 SER 100 80  80  SER SER A . n 
A 1 101 GLN 101 81  81  GLN GLN A . n 
A 1 102 GLY 102 82  82  GLY GLY A . n 
A 1 103 ALA 103 83  83  ALA ALA A . n 
A 1 104 ILE 104 84  84  ILE ILE A . n 
A 1 105 CYS 105 85  85  CYS CYS A . n 
A 1 106 LEU 106 86  86  LEU LEU A . n 
A 1 107 ASP 107 87  87  ASP ASP A . n 
A 1 108 ILE 108 88  88  ILE ILE A . n 
A 1 109 LEU 109 89  89  LEU LEU A . n 
A 1 110 LYS 110 90  90  LYS LYS A . n 
A 1 111 ASP 111 91  91  ASP ASP A . n 
A 1 112 GLN 112 92  92  GLN GLN A . n 
A 1 113 TRP 113 93  93  TRP TRP A . n 
A 1 114 SER 114 94  94  SER SER A . n 
A 1 115 PRO 115 95  95  PRO PRO A . n 
A 1 116 ALA 116 96  96  ALA ALA A . n 
A 1 117 LEU 117 97  97  LEU LEU A . n 
A 1 118 THR 118 98  98  THR THR A . n 
A 1 119 ILE 119 99  99  ILE ILE A . n 
A 1 120 SER 120 100 100 SER SER A . n 
A 1 121 LYS 121 101 101 LYS LYS A . n 
A 1 122 VAL 122 102 102 VAL VAL A . n 
A 1 123 LEU 123 103 103 LEU LEU A . n 
A 1 124 LEU 124 104 104 LEU LEU A . n 
A 1 125 SER 125 105 105 SER SER A . n 
A 1 126 ILE 126 106 106 ILE ILE A . n 
A 1 127 SER 127 107 107 SER SER A . n 
A 1 128 SER 128 108 108 SER SER A . n 
A 1 129 LEU 129 109 109 LEU LEU A . n 
A 1 130 LEU 130 110 110 LEU LEU A . n 
A 1 131 THR 131 111 111 THR THR A . n 
A 1 132 ASP 132 112 112 ASP ASP A . n 
A 1 133 PRO 133 113 113 PRO PRO A . n 
A 1 134 ASN 134 114 114 ASN ASN A . n 
A 1 135 PRO 135 115 115 PRO PRO A . n 
A 1 136 ASP 136 116 116 ASP ASP A . n 
A 1 137 ASP 137 117 117 ASP ASP A . n 
A 1 138 PRO 138 118 118 PRO PRO A . n 
A 1 139 LEU 139 119 119 LEU LEU A . n 
A 1 140 VAL 140 120 120 VAL VAL A . n 
A 1 141 PRO 141 121 121 PRO PRO A . n 
A 1 142 GLU 142 122 122 GLU GLU A . n 
A 1 143 ILE 143 123 123 ILE ILE A . n 
A 1 144 ALA 144 124 124 ALA ALA A . n 
A 1 145 HIS 145 125 125 HIS HIS A . n 
A 1 146 LEU 146 126 126 LEU LEU A . n 
A 1 147 TYR 147 127 127 TYR TYR A . n 
A 1 148 LYS 148 128 128 LYS LYS A . n 
A 1 149 SER 149 129 129 SER SER A . n 
A 1 150 ASP 150 130 130 ASP ASP A . n 
A 1 151 ARG 151 131 131 ARG ARG A . n 
A 1 152 MET 152 132 132 MET MET A . n 
A 1 153 ARG 153 133 133 ARG ARG A . n 
A 1 154 TYR 154 134 134 TYR TYR A . n 
A 1 155 ASP 155 135 135 ASP ASP A . n 
A 1 156 GLN 156 136 136 GLN GLN A . n 
A 1 157 THR 157 137 137 THR THR A . n 
A 1 158 ALA 158 138 138 ALA ALA A . n 
A 1 159 ARG 159 139 139 ARG ARG A . n 
A 1 160 GLU 160 140 140 GLU GLU A . n 
A 1 161 TRP 161 141 141 TRP TRP A . n 
A 1 162 SER 162 142 142 SER SER A . n 
A 1 163 GLN 163 143 143 GLN GLN A . n 
A 1 164 LYS 164 144 144 LYS LYS A . n 
A 1 165 TYR 165 145 145 TYR TYR A . n 
A 1 166 ALA 166 146 146 ALA ALA A . n 
# 
_pdbx_SG_project.id                    1 
_pdbx_SG_project.project_name          ? 
_pdbx_SG_project.full_name_of_center   'Structural Genomics Consortium' 
_pdbx_SG_project.initial_of_center     SGC 
# 
loop_
_pdbx_nonpoly_scheme.asym_id 
_pdbx_nonpoly_scheme.entity_id 
_pdbx_nonpoly_scheme.mon_id 
_pdbx_nonpoly_scheme.ndb_seq_num 
_pdbx_nonpoly_scheme.pdb_seq_num 
_pdbx_nonpoly_scheme.auth_seq_num 
_pdbx_nonpoly_scheme.pdb_mon_id 
_pdbx_nonpoly_scheme.auth_mon_id 
_pdbx_nonpoly_scheme.pdb_strand_id 
_pdbx_nonpoly_scheme.pdb_ins_code 
B 2 UNX 1  147 21 UNX UNX A . 
C 2 UNX 1  148 22 UNX UNX A . 
D 2 UNX 1  149 23 UNX UNX A . 
E 2 UNX 1  150 24 UNX UNX A . 
F 2 UNX 1  151 25 UNX UNX A . 
G 2 UNX 1  152 26 UNX UNX A . 
H 2 UNX 1  153 27 UNX UNX A . 
I 2 UNX 1  154 28 UNX UNX A . 
J 2 UNX 1  155 29 UNX UNX A . 
K 2 UNX 1  156 30 UNX UNX A . 
L 3 HOH 1  157 1  HOH HOH A . 
L 3 HOH 2  158 2  HOH HOH A . 
L 3 HOH 3  159 3  HOH HOH A . 
L 3 HOH 4  160 4  HOH HOH A . 
L 3 HOH 5  161 5  HOH HOH A . 
L 3 HOH 6  162 6  HOH HOH A . 
L 3 HOH 7  163 7  HOH HOH A . 
L 3 HOH 8  164 8  HOH HOH A . 
L 3 HOH 9  165 9  HOH HOH A . 
L 3 HOH 10 166 10 HOH HOH A . 
L 3 HOH 11 167 11 HOH HOH A . 
L 3 HOH 12 168 12 HOH HOH A . 
L 3 HOH 13 169 13 HOH HOH A . 
L 3 HOH 14 170 14 HOH HOH A . 
L 3 HOH 15 171 15 HOH HOH A . 
L 3 HOH 16 172 16 HOH HOH A . 
# 
_pdbx_struct_assembly.id                   1 
_pdbx_struct_assembly.details              author_defined_assembly 
_pdbx_struct_assembly.method_details       ? 
_pdbx_struct_assembly.oligomeric_details   monomeric 
_pdbx_struct_assembly.oligomeric_count     1 
# 
_pdbx_struct_assembly_gen.assembly_id       1 
_pdbx_struct_assembly_gen.oper_expression   1 
_pdbx_struct_assembly_gen.asym_id_list      A,B,C,D,E,F,G,H,I,J,K,L 
# 
_pdbx_struct_oper_list.id                   1 
_pdbx_struct_oper_list.type                 'identity operation' 
_pdbx_struct_oper_list.name                 1_555 
_pdbx_struct_oper_list.symmetry_operation   x,y,z 
_pdbx_struct_oper_list.matrix[1][1]         1.0000000000 
_pdbx_struct_oper_list.matrix[1][2]         0.0000000000 
_pdbx_struct_oper_list.matrix[1][3]         0.0000000000 
_pdbx_struct_oper_list.vector[1]            0.0000000000 
_pdbx_struct_oper_list.matrix[2][1]         0.0000000000 
_pdbx_struct_oper_list.matrix[2][2]         1.0000000000 
_pdbx_struct_oper_list.matrix[2][3]         0.0000000000 
_pdbx_struct_oper_list.vector[2]            0.0000000000 
_pdbx_struct_oper_list.matrix[3][1]         0.0000000000 
_pdbx_struct_oper_list.matrix[3][2]         0.0000000000 
_pdbx_struct_oper_list.matrix[3][3]         1.0000000000 
_pdbx_struct_oper_list.vector[3]            0.0000000000 
# 
loop_
_pdbx_audit_revision_history.ordinal 
_pdbx_audit_revision_history.data_content_type 
_pdbx_audit_revision_history.major_revision 
_pdbx_audit_revision_history.minor_revision 
_pdbx_audit_revision_history.revision_date 
1 'Structure model' 1 0 2005-09-20 
2 'Structure model' 1 1 2008-05-01 
3 'Structure model' 1 2 2011-07-13 
4 'Structure model' 1 3 2017-10-11 
5 'Structure model' 1 4 2023-08-23 
# 
_pdbx_audit_revision_details.ordinal             1 
_pdbx_audit_revision_details.revision_ordinal    1 
_pdbx_audit_revision_details.data_content_type   'Structure model' 
_pdbx_audit_revision_details.provider            repository 
_pdbx_audit_revision_details.type                'Initial release' 
_pdbx_audit_revision_details.description         ? 
_pdbx_audit_revision_details.details             ? 
# 
loop_
_pdbx_audit_revision_group.ordinal 
_pdbx_audit_revision_group.revision_ordinal 
_pdbx_audit_revision_group.data_content_type 
_pdbx_audit_revision_group.group 
1 2 'Structure model' 'Version format compliance' 
2 3 'Structure model' Advisory                    
3 3 'Structure model' 'Version format compliance' 
4 4 'Structure model' 'Refinement description'    
5 5 'Structure model' 'Data collection'           
6 5 'Structure model' 'Database references'       
7 5 'Structure model' 'Derived calculations'      
8 5 'Structure model' 'Refinement description'    
# 
loop_
_pdbx_audit_revision_category.ordinal 
_pdbx_audit_revision_category.revision_ordinal 
_pdbx_audit_revision_category.data_content_type 
_pdbx_audit_revision_category.category 
1 4 'Structure model' software                      
2 5 'Structure model' chem_comp_atom                
3 5 'Structure model' chem_comp_bond                
4 5 'Structure model' database_2                    
5 5 'Structure model' pdbx_initial_refinement_model 
6 5 'Structure model' struct_site                   
# 
loop_
_pdbx_audit_revision_item.ordinal 
_pdbx_audit_revision_item.revision_ordinal 
_pdbx_audit_revision_item.data_content_type 
_pdbx_audit_revision_item.item 
1  4 'Structure model' '_software.classification'            
2  4 'Structure model' '_software.contact_author'            
3  4 'Structure model' '_software.contact_author_email'      
4  4 'Structure model' '_software.date'                      
5  4 'Structure model' '_software.language'                  
6  4 'Structure model' '_software.location'                  
7  4 'Structure model' '_software.name'                      
8  4 'Structure model' '_software.type'                      
9  4 'Structure model' '_software.version'                   
10 5 'Structure model' '_database_2.pdbx_DOI'                
11 5 'Structure model' '_database_2.pdbx_database_accession' 
12 5 'Structure model' '_struct_site.pdbx_auth_asym_id'      
13 5 'Structure model' '_struct_site.pdbx_auth_comp_id'      
14 5 'Structure model' '_struct_site.pdbx_auth_seq_id'       
# 
_pdbx_refine_tls.id               1 
_pdbx_refine_tls.details          . 
_pdbx_refine_tls.method           refined 
_pdbx_refine_tls.origin_x         -0.5276 
_pdbx_refine_tls.origin_y         0.0891 
_pdbx_refine_tls.origin_z         0.0095 
_pdbx_refine_tls.T[1][1]          0.0737 
_pdbx_refine_tls.T[2][2]          -0.3251 
_pdbx_refine_tls.T[3][3]          -0.2163 
_pdbx_refine_tls.T[1][2]          -0.0402 
_pdbx_refine_tls.T[1][3]          0.0637 
_pdbx_refine_tls.T[2][3]          -0.0217 
_pdbx_refine_tls.L[1][1]          3.2263 
_pdbx_refine_tls.L[2][2]          8.3376 
_pdbx_refine_tls.L[3][3]          2.0436 
_pdbx_refine_tls.L[1][2]          2.8596 
_pdbx_refine_tls.L[1][3]          -1.9065 
_pdbx_refine_tls.L[2][3]          -1.8936 
_pdbx_refine_tls.S[1][1]          -0.5499 
_pdbx_refine_tls.S[2][2]          0.2897 
_pdbx_refine_tls.S[3][3]          0.2601 
_pdbx_refine_tls.S[1][2]          0.2647 
_pdbx_refine_tls.S[1][3]          -0.2323 
_pdbx_refine_tls.S[2][3]          -0.7006 
_pdbx_refine_tls.S[2][1]          -1.0180 
_pdbx_refine_tls.S[3][1]          0.6466 
_pdbx_refine_tls.S[3][2]          0.0435 
_pdbx_refine_tls.pdbx_refine_id   'X-RAY DIFFRACTION' 
# 
_pdbx_refine_tls_group.id                  1 
_pdbx_refine_tls_group.refine_tls_id       1 
_pdbx_refine_tls_group.beg_label_asym_id   A 
_pdbx_refine_tls_group.beg_label_seq_id    19 
_pdbx_refine_tls_group.end_label_asym_id   A 
_pdbx_refine_tls_group.end_label_seq_id    166 
_pdbx_refine_tls_group.selection           ALL 
_pdbx_refine_tls_group.beg_auth_asym_id    A 
_pdbx_refine_tls_group.beg_auth_seq_id     -1 
_pdbx_refine_tls_group.end_auth_asym_id    A 
_pdbx_refine_tls_group.end_auth_seq_id     146 
_pdbx_refine_tls_group.pdbx_refine_id      'X-RAY DIFFRACTION' 
_pdbx_refine_tls_group.selection_details   ? 
# 
_pdbx_phasing_MR.entry_id                     2AYV 
_pdbx_phasing_MR.method_rotation              ? 
_pdbx_phasing_MR.method_translation           ? 
_pdbx_phasing_MR.model_details                ? 
_pdbx_phasing_MR.R_factor                     0.450 
_pdbx_phasing_MR.R_rigid_body                 ? 
_pdbx_phasing_MR.correlation_coeff_Fo_to_Fc   0.578 
_pdbx_phasing_MR.correlation_coeff_Io_to_Ic   ? 
_pdbx_phasing_MR.d_res_high_rotation          ? 
_pdbx_phasing_MR.d_res_low_rotation           ? 
_pdbx_phasing_MR.d_res_high_translation       4.000 
_pdbx_phasing_MR.d_res_low_translation        15.000 
_pdbx_phasing_MR.packing                      ? 
_pdbx_phasing_MR.reflns_percent_rotation      ? 
_pdbx_phasing_MR.reflns_percent_translation   ? 
_pdbx_phasing_MR.sigma_F_rotation             ? 
_pdbx_phasing_MR.sigma_F_translation          ? 
_pdbx_phasing_MR.sigma_I_rotation             ? 
_pdbx_phasing_MR.sigma_I_translation          ? 
# 
_phasing.method   mr 
# 
loop_
_software.name 
_software.version 
_software.date 
_software.type 
_software.contact_author 
_software.contact_author_email 
_software.classification 
_software.location 
_software.language 
_software.citation_id 
_software.pdbx_ordinal 
DENZO       .               ?               package 'Zbyszek Otwinowski' zbyszek@mix.swmed.edu    'data reduction'  
http://www.lnls.br/infra/linhasluz/denzo-hkl.htm      ?       ? 1 
SCALEPACK   .               ?               package 'Zbyszek Otwinowski' zbyszek@mix.swmed.edu    'data scaling'    
http://www.lnls.br/infra/linhasluz/denzo-hkl.htm      ?       ? 2 
EPMR        2.5             'Feb 2 2001'    program 'Charles R'          crk@agouron.com          phasing           
http://www.msg.ucsf.edu/local/programs/epmr/epmr.html ?       ? 3 
REFMAC      refmac_5.2.0005 24/04/2001      program 'Murshudov, G.N.'    ccp4@dl.ac.uk            refinement        
http://www.ccp4.ac.uk/main.html                       Fortran ? 4 
PDB_EXTRACT 1.700           'Jul. 11, 2005' package PDB                  sw-help@rcsb.rutgers.edu 'data extraction' 
http://pdb.rutgers.edu/software/                      C++     ? 5 
# 
_pdbx_database_remark.id     42 
_pdbx_database_remark.text   
;MOLPROBITY STRUCTURE VALIDATION
 PROGRAMS    : MOLPROBITY  (KING, REDUCE, AND PROBE)
 AUTHORS     : I.W.DAVIS,J.M.WORD
 URL         : HTTP://KINEMAGE.BIOCHEM.DUKE.EDU/MOLPROBITY/
 AUTHORS     : J.S.RICHARDSON,W.B.ARENDALL,D.C.RICHARDSON
 REFERENCE   : NEW TOOLS AND DATA FOR IMPROVING
             : STRUCTURES, USING ALL-ATOM CONTACTS
             : METHODS IN ENZYMOLOGY. 2003;374:385-412.
 MOLPROBITY OUTPUT SCORES:
 ALL-ATOM CLASHSCORE     :   7.37  (7.62 B<40)
 BAD ROTAMERS            :   3.4%    4/119    (TARGET  0-1%)
 RAMACHANDRAN OUTLIERS   :   0.0%    0/146    (TARGET  0.2%)
 RAMACHANDRAN FAVORED    :  97.3%  142/146    (TARGET 98.0%)
;
# 
loop_
_pdbx_validate_torsion.id 
_pdbx_validate_torsion.PDB_model_num 
_pdbx_validate_torsion.auth_comp_id 
_pdbx_validate_torsion.auth_asym_id 
_pdbx_validate_torsion.auth_seq_id 
_pdbx_validate_torsion.PDB_ins_code 
_pdbx_validate_torsion.label_alt_id 
_pdbx_validate_torsion.phi 
_pdbx_validate_torsion.psi 
1 1 ASP A 42 ? ? -86.72  47.65   
2 1 LYS A 90 ? ? -127.22 -123.19 
# 
loop_
_pdbx_unobs_or_zero_occ_atoms.id 
_pdbx_unobs_or_zero_occ_atoms.PDB_model_num 
_pdbx_unobs_or_zero_occ_atoms.polymer_flag 
_pdbx_unobs_or_zero_occ_atoms.occupancy_flag 
_pdbx_unobs_or_zero_occ_atoms.auth_asym_id 
_pdbx_unobs_or_zero_occ_atoms.auth_comp_id 
_pdbx_unobs_or_zero_occ_atoms.auth_seq_id 
_pdbx_unobs_or_zero_occ_atoms.PDB_ins_code 
_pdbx_unobs_or_zero_occ_atoms.auth_atom_id 
_pdbx_unobs_or_zero_occ_atoms.label_alt_id 
_pdbx_unobs_or_zero_occ_atoms.label_asym_id 
_pdbx_unobs_or_zero_occ_atoms.label_comp_id 
_pdbx_unobs_or_zero_occ_atoms.label_seq_id 
_pdbx_unobs_or_zero_occ_atoms.label_atom_id 
1  1 Y 1 A GLN 0   ? CG  ? A GLN 20  CG  
2  1 Y 1 A GLN 0   ? CD  ? A GLN 20  CD  
3  1 Y 1 A GLN 0   ? OE1 ? A GLN 20  OE1 
4  1 Y 1 A GLN 0   ? NE2 ? A GLN 20  NE2 
5  1 Y 1 A LEU 3   ? CG  ? A LEU 23  CG  
6  1 Y 1 A LEU 3   ? CD1 ? A LEU 23  CD1 
7  1 Y 1 A LEU 3   ? CD2 ? A LEU 23  CD2 
8  1 Y 1 A LYS 4   ? CG  ? A LYS 24  CG  
9  1 Y 1 A LYS 4   ? CD  ? A LYS 24  CD  
10 1 Y 1 A LYS 4   ? CE  ? A LYS 24  CE  
11 1 Y 1 A LYS 4   ? NZ  ? A LYS 24  NZ  
12 1 Y 1 A LYS 8   ? CD  ? A LYS 28  CD  
13 1 Y 1 A LYS 8   ? CE  ? A LYS 28  CE  
14 1 Y 1 A LYS 8   ? NZ  ? A LYS 28  NZ  
15 1 Y 1 A LEU 10  ? CG  ? A LEU 30  CG  
16 1 Y 1 A LEU 10  ? CD1 ? A LEU 30  CD1 
17 1 Y 1 A LEU 10  ? CD2 ? A LEU 30  CD2 
18 1 Y 1 A ASN 11  ? CG  ? A ASN 31  CG  
19 1 Y 1 A ASN 11  ? OD1 ? A ASN 31  OD1 
20 1 Y 1 A ASN 11  ? ND2 ? A ASN 31  ND2 
21 1 Y 1 A LEU 13  ? CD1 ? A LEU 33  CD1 
22 1 Y 1 A LEU 13  ? CD2 ? A LEU 33  CD2 
23 1 Y 1 A LYS 15  ? CD  ? A LYS 35  CD  
24 1 Y 1 A LYS 15  ? CE  ? A LYS 35  CE  
25 1 Y 1 A LYS 15  ? NZ  ? A LYS 35  NZ  
26 1 Y 1 A ASP 28  ? CG  ? A ASP 48  CG  
27 1 Y 1 A ASP 28  ? OD1 ? A ASP 48  OD1 
28 1 Y 1 A ASP 28  ? OD2 ? A ASP 48  OD2 
29 1 Y 1 A GLU 41  ? CD  ? A GLU 61  CD  
30 1 Y 1 A GLU 41  ? OE1 ? A GLU 61  OE1 
31 1 Y 1 A GLU 41  ? OE2 ? A GLU 61  OE2 
32 1 Y 1 A LYS 66  ? CD  ? A LYS 86  CD  
33 1 Y 1 A LYS 66  ? CE  ? A LYS 86  CE  
34 1 Y 1 A LYS 66  ? NZ  ? A LYS 86  NZ  
35 1 Y 1 A LYS 128 ? CD  ? A LYS 148 CD  
36 1 Y 1 A LYS 128 ? CE  ? A LYS 148 CE  
37 1 Y 1 A LYS 128 ? NZ  ? A LYS 148 NZ  
38 1 Y 1 A ARG 133 ? CG  ? A ARG 153 CG  
39 1 Y 1 A ARG 133 ? CD  ? A ARG 153 CD  
40 1 Y 1 A ARG 133 ? NE  ? A ARG 153 NE  
41 1 Y 1 A ARG 133 ? CZ  ? A ARG 153 CZ  
42 1 Y 1 A ARG 133 ? NH1 ? A ARG 153 NH1 
43 1 Y 1 A ARG 133 ? NH2 ? A ARG 153 NH2 
44 1 Y 1 A LYS 144 ? CG  ? A LYS 164 CG  
45 1 Y 1 A LYS 144 ? CD  ? A LYS 164 CD  
46 1 Y 1 A LYS 144 ? CE  ? A LYS 164 CE  
47 1 Y 1 A LYS 144 ? NZ  ? A LYS 164 NZ  
# 
loop_
_pdbx_unobs_or_zero_occ_residues.id 
_pdbx_unobs_or_zero_occ_residues.PDB_model_num 
_pdbx_unobs_or_zero_occ_residues.polymer_flag 
_pdbx_unobs_or_zero_occ_residues.occupancy_flag 
_pdbx_unobs_or_zero_occ_residues.auth_asym_id 
_pdbx_unobs_or_zero_occ_residues.auth_comp_id 
_pdbx_unobs_or_zero_occ_residues.auth_seq_id 
_pdbx_unobs_or_zero_occ_residues.PDB_ins_code 
_pdbx_unobs_or_zero_occ_residues.label_asym_id 
_pdbx_unobs_or_zero_occ_residues.label_comp_id 
_pdbx_unobs_or_zero_occ_residues.label_seq_id 
1  1 Y 1 A MET -19 ? A MET 1  
2  1 Y 1 A GLY -18 ? A GLY 2  
3  1 Y 1 A SER -17 ? A SER 3  
4  1 Y 1 A SER -16 ? A SER 4  
5  1 Y 1 A HIS -15 ? A HIS 5  
6  1 Y 1 A HIS -14 ? A HIS 6  
7  1 Y 1 A HIS -13 ? A HIS 7  
8  1 Y 1 A HIS -12 ? A HIS 8  
9  1 Y 1 A HIS -11 ? A HIS 9  
10 1 Y 1 A HIS -10 ? A HIS 10 
11 1 Y 1 A SER -9  ? A SER 11 
12 1 Y 1 A SER -8  ? A SER 12 
13 1 Y 1 A GLY -7  ? A GLY 13 
14 1 Y 1 A ARG -6  ? A ARG 14 
15 1 Y 1 A GLU -5  ? A GLU 15 
16 1 Y 1 A ASN -4  ? A ASN 16 
17 1 Y 1 A LEU -3  ? A LEU 17 
18 1 Y 1 A TYR -2  ? A TYR 18 
# 
loop_
_chem_comp_atom.comp_id 
_chem_comp_atom.atom_id 
_chem_comp_atom.type_symbol 
_chem_comp_atom.pdbx_aromatic_flag 
_chem_comp_atom.pdbx_stereo_config 
_chem_comp_atom.pdbx_ordinal 
ALA N    N N N 1   
ALA CA   C N S 2   
ALA C    C N N 3   
ALA O    O N N 4   
ALA CB   C N N 5   
ALA OXT  O N N 6   
ALA H    H N N 7   
ALA H2   H N N 8   
ALA HA   H N N 9   
ALA HB1  H N N 10  
ALA HB2  H N N 11  
ALA HB3  H N N 12  
ALA HXT  H N N 13  
ARG N    N N N 14  
ARG CA   C N S 15  
ARG C    C N N 16  
ARG O    O N N 17  
ARG CB   C N N 18  
ARG CG   C N N 19  
ARG CD   C N N 20  
ARG NE   N N N 21  
ARG CZ   C N N 22  
ARG NH1  N N N 23  
ARG NH2  N N N 24  
ARG OXT  O N N 25  
ARG H    H N N 26  
ARG H2   H N N 27  
ARG HA   H N N 28  
ARG HB2  H N N 29  
ARG HB3  H N N 30  
ARG HG2  H N N 31  
ARG HG3  H N N 32  
ARG HD2  H N N 33  
ARG HD3  H N N 34  
ARG HE   H N N 35  
ARG HH11 H N N 36  
ARG HH12 H N N 37  
ARG HH21 H N N 38  
ARG HH22 H N N 39  
ARG HXT  H N N 40  
ASN N    N N N 41  
ASN CA   C N S 42  
ASN C    C N N 43  
ASN O    O N N 44  
ASN CB   C N N 45  
ASN CG   C N N 46  
ASN OD1  O N N 47  
ASN ND2  N N N 48  
ASN OXT  O N N 49  
ASN H    H N N 50  
ASN H2   H N N 51  
ASN HA   H N N 52  
ASN HB2  H N N 53  
ASN HB3  H N N 54  
ASN HD21 H N N 55  
ASN HD22 H N N 56  
ASN HXT  H N N 57  
ASP N    N N N 58  
ASP CA   C N S 59  
ASP C    C N N 60  
ASP O    O N N 61  
ASP CB   C N N 62  
ASP CG   C N N 63  
ASP OD1  O N N 64  
ASP OD2  O N N 65  
ASP OXT  O N N 66  
ASP H    H N N 67  
ASP H2   H N N 68  
ASP HA   H N N 69  
ASP HB2  H N N 70  
ASP HB3  H N N 71  
ASP HD2  H N N 72  
ASP HXT  H N N 73  
CYS N    N N N 74  
CYS CA   C N R 75  
CYS C    C N N 76  
CYS O    O N N 77  
CYS CB   C N N 78  
CYS SG   S N N 79  
CYS OXT  O N N 80  
CYS H    H N N 81  
CYS H2   H N N 82  
CYS HA   H N N 83  
CYS HB2  H N N 84  
CYS HB3  H N N 85  
CYS HG   H N N 86  
CYS HXT  H N N 87  
GLN N    N N N 88  
GLN CA   C N S 89  
GLN C    C N N 90  
GLN O    O N N 91  
GLN CB   C N N 92  
GLN CG   C N N 93  
GLN CD   C N N 94  
GLN OE1  O N N 95  
GLN NE2  N N N 96  
GLN OXT  O N N 97  
GLN H    H N N 98  
GLN H2   H N N 99  
GLN HA   H N N 100 
GLN HB2  H N N 101 
GLN HB3  H N N 102 
GLN HG2  H N N 103 
GLN HG3  H N N 104 
GLN HE21 H N N 105 
GLN HE22 H N N 106 
GLN HXT  H N N 107 
GLU N    N N N 108 
GLU CA   C N S 109 
GLU C    C N N 110 
GLU O    O N N 111 
GLU CB   C N N 112 
GLU CG   C N N 113 
GLU CD   C N N 114 
GLU OE1  O N N 115 
GLU OE2  O N N 116 
GLU OXT  O N N 117 
GLU H    H N N 118 
GLU H2   H N N 119 
GLU HA   H N N 120 
GLU HB2  H N N 121 
GLU HB3  H N N 122 
GLU HG2  H N N 123 
GLU HG3  H N N 124 
GLU HE2  H N N 125 
GLU HXT  H N N 126 
GLY N    N N N 127 
GLY CA   C N N 128 
GLY C    C N N 129 
GLY O    O N N 130 
GLY OXT  O N N 131 
GLY H    H N N 132 
GLY H2   H N N 133 
GLY HA2  H N N 134 
GLY HA3  H N N 135 
GLY HXT  H N N 136 
HIS N    N N N 137 
HIS CA   C N S 138 
HIS C    C N N 139 
HIS O    O N N 140 
HIS CB   C N N 141 
HIS CG   C Y N 142 
HIS ND1  N Y N 143 
HIS CD2  C Y N 144 
HIS CE1  C Y N 145 
HIS NE2  N Y N 146 
HIS OXT  O N N 147 
HIS H    H N N 148 
HIS H2   H N N 149 
HIS HA   H N N 150 
HIS HB2  H N N 151 
HIS HB3  H N N 152 
HIS HD1  H N N 153 
HIS HD2  H N N 154 
HIS HE1  H N N 155 
HIS HE2  H N N 156 
HIS HXT  H N N 157 
HOH O    O N N 158 
HOH H1   H N N 159 
HOH H2   H N N 160 
ILE N    N N N 161 
ILE CA   C N S 162 
ILE C    C N N 163 
ILE O    O N N 164 
ILE CB   C N S 165 
ILE CG1  C N N 166 
ILE CG2  C N N 167 
ILE CD1  C N N 168 
ILE OXT  O N N 169 
ILE H    H N N 170 
ILE H2   H N N 171 
ILE HA   H N N 172 
ILE HB   H N N 173 
ILE HG12 H N N 174 
ILE HG13 H N N 175 
ILE HG21 H N N 176 
ILE HG22 H N N 177 
ILE HG23 H N N 178 
ILE HD11 H N N 179 
ILE HD12 H N N 180 
ILE HD13 H N N 181 
ILE HXT  H N N 182 
LEU N    N N N 183 
LEU CA   C N S 184 
LEU C    C N N 185 
LEU O    O N N 186 
LEU CB   C N N 187 
LEU CG   C N N 188 
LEU CD1  C N N 189 
LEU CD2  C N N 190 
LEU OXT  O N N 191 
LEU H    H N N 192 
LEU H2   H N N 193 
LEU HA   H N N 194 
LEU HB2  H N N 195 
LEU HB3  H N N 196 
LEU HG   H N N 197 
LEU HD11 H N N 198 
LEU HD12 H N N 199 
LEU HD13 H N N 200 
LEU HD21 H N N 201 
LEU HD22 H N N 202 
LEU HD23 H N N 203 
LEU HXT  H N N 204 
LYS N    N N N 205 
LYS CA   C N S 206 
LYS C    C N N 207 
LYS O    O N N 208 
LYS CB   C N N 209 
LYS CG   C N N 210 
LYS CD   C N N 211 
LYS CE   C N N 212 
LYS NZ   N N N 213 
LYS OXT  O N N 214 
LYS H    H N N 215 
LYS H2   H N N 216 
LYS HA   H N N 217 
LYS HB2  H N N 218 
LYS HB3  H N N 219 
LYS HG2  H N N 220 
LYS HG3  H N N 221 
LYS HD2  H N N 222 
LYS HD3  H N N 223 
LYS HE2  H N N 224 
LYS HE3  H N N 225 
LYS HZ1  H N N 226 
LYS HZ2  H N N 227 
LYS HZ3  H N N 228 
LYS HXT  H N N 229 
MET N    N N N 230 
MET CA   C N S 231 
MET C    C N N 232 
MET O    O N N 233 
MET CB   C N N 234 
MET CG   C N N 235 
MET SD   S N N 236 
MET CE   C N N 237 
MET OXT  O N N 238 
MET H    H N N 239 
MET H2   H N N 240 
MET HA   H N N 241 
MET HB2  H N N 242 
MET HB3  H N N 243 
MET HG2  H N N 244 
MET HG3  H N N 245 
MET HE1  H N N 246 
MET HE2  H N N 247 
MET HE3  H N N 248 
MET HXT  H N N 249 
PHE N    N N N 250 
PHE CA   C N S 251 
PHE C    C N N 252 
PHE O    O N N 253 
PHE CB   C N N 254 
PHE CG   C Y N 255 
PHE CD1  C Y N 256 
PHE CD2  C Y N 257 
PHE CE1  C Y N 258 
PHE CE2  C Y N 259 
PHE CZ   C Y N 260 
PHE OXT  O N N 261 
PHE H    H N N 262 
PHE H2   H N N 263 
PHE HA   H N N 264 
PHE HB2  H N N 265 
PHE HB3  H N N 266 
PHE HD1  H N N 267 
PHE HD2  H N N 268 
PHE HE1  H N N 269 
PHE HE2  H N N 270 
PHE HZ   H N N 271 
PHE HXT  H N N 272 
PRO N    N N N 273 
PRO CA   C N S 274 
PRO C    C N N 275 
PRO O    O N N 276 
PRO CB   C N N 277 
PRO CG   C N N 278 
PRO CD   C N N 279 
PRO OXT  O N N 280 
PRO H    H N N 281 
PRO HA   H N N 282 
PRO HB2  H N N 283 
PRO HB3  H N N 284 
PRO HG2  H N N 285 
PRO HG3  H N N 286 
PRO HD2  H N N 287 
PRO HD3  H N N 288 
PRO HXT  H N N 289 
SER N    N N N 290 
SER CA   C N S 291 
SER C    C N N 292 
SER O    O N N 293 
SER CB   C N N 294 
SER OG   O N N 295 
SER OXT  O N N 296 
SER H    H N N 297 
SER H2   H N N 298 
SER HA   H N N 299 
SER HB2  H N N 300 
SER HB3  H N N 301 
SER HG   H N N 302 
SER HXT  H N N 303 
THR N    N N N 304 
THR CA   C N S 305 
THR C    C N N 306 
THR O    O N N 307 
THR CB   C N R 308 
THR OG1  O N N 309 
THR CG2  C N N 310 
THR OXT  O N N 311 
THR H    H N N 312 
THR H2   H N N 313 
THR HA   H N N 314 
THR HB   H N N 315 
THR HG1  H N N 316 
THR HG21 H N N 317 
THR HG22 H N N 318 
THR HG23 H N N 319 
THR HXT  H N N 320 
TRP N    N N N 321 
TRP CA   C N S 322 
TRP C    C N N 323 
TRP O    O N N 324 
TRP CB   C N N 325 
TRP CG   C Y N 326 
TRP CD1  C Y N 327 
TRP CD2  C Y N 328 
TRP NE1  N Y N 329 
TRP CE2  C Y N 330 
TRP CE3  C Y N 331 
TRP CZ2  C Y N 332 
TRP CZ3  C Y N 333 
TRP CH2  C Y N 334 
TRP OXT  O N N 335 
TRP H    H N N 336 
TRP H2   H N N 337 
TRP HA   H N N 338 
TRP HB2  H N N 339 
TRP HB3  H N N 340 
TRP HD1  H N N 341 
TRP HE1  H N N 342 
TRP HE3  H N N 343 
TRP HZ2  H N N 344 
TRP HZ3  H N N 345 
TRP HH2  H N N 346 
TRP HXT  H N N 347 
TYR N    N N N 348 
TYR CA   C N S 349 
TYR C    C N N 350 
TYR O    O N N 351 
TYR CB   C N N 352 
TYR CG   C Y N 353 
TYR CD1  C Y N 354 
TYR CD2  C Y N 355 
TYR CE1  C Y N 356 
TYR CE2  C Y N 357 
TYR CZ   C Y N 358 
TYR OH   O N N 359 
TYR OXT  O N N 360 
TYR H    H N N 361 
TYR H2   H N N 362 
TYR HA   H N N 363 
TYR HB2  H N N 364 
TYR HB3  H N N 365 
TYR HD1  H N N 366 
TYR HD2  H N N 367 
TYR HE1  H N N 368 
TYR HE2  H N N 369 
TYR HH   H N N 370 
TYR HXT  H N N 371 
VAL N    N N N 372 
VAL CA   C N S 373 
VAL C    C N N 374 
VAL O    O N N 375 
VAL CB   C N N 376 
VAL CG1  C N N 377 
VAL CG2  C N N 378 
VAL OXT  O N N 379 
VAL H    H N N 380 
VAL H2   H N N 381 
VAL HA   H N N 382 
VAL HB   H N N 383 
VAL HG11 H N N 384 
VAL HG12 H N N 385 
VAL HG13 H N N 386 
VAL HG21 H N N 387 
VAL HG22 H N N 388 
VAL HG23 H N N 389 
VAL HXT  H N N 390 
# 
loop_
_chem_comp_bond.comp_id 
_chem_comp_bond.atom_id_1 
_chem_comp_bond.atom_id_2 
_chem_comp_bond.value_order 
_chem_comp_bond.pdbx_aromatic_flag 
_chem_comp_bond.pdbx_stereo_config 
_chem_comp_bond.pdbx_ordinal 
ALA N   CA   sing N N 1   
ALA N   H    sing N N 2   
ALA N   H2   sing N N 3   
ALA CA  C    sing N N 4   
ALA CA  CB   sing N N 5   
ALA CA  HA   sing N N 6   
ALA C   O    doub N N 7   
ALA C   OXT  sing N N 8   
ALA CB  HB1  sing N N 9   
ALA CB  HB2  sing N N 10  
ALA CB  HB3  sing N N 11  
ALA OXT HXT  sing N N 12  
ARG N   CA   sing N N 13  
ARG N   H    sing N N 14  
ARG N   H2   sing N N 15  
ARG CA  C    sing N N 16  
ARG CA  CB   sing N N 17  
ARG CA  HA   sing N N 18  
ARG C   O    doub N N 19  
ARG C   OXT  sing N N 20  
ARG CB  CG   sing N N 21  
ARG CB  HB2  sing N N 22  
ARG CB  HB3  sing N N 23  
ARG CG  CD   sing N N 24  
ARG CG  HG2  sing N N 25  
ARG CG  HG3  sing N N 26  
ARG CD  NE   sing N N 27  
ARG CD  HD2  sing N N 28  
ARG CD  HD3  sing N N 29  
ARG NE  CZ   sing N N 30  
ARG NE  HE   sing N N 31  
ARG CZ  NH1  sing N N 32  
ARG CZ  NH2  doub N N 33  
ARG NH1 HH11 sing N N 34  
ARG NH1 HH12 sing N N 35  
ARG NH2 HH21 sing N N 36  
ARG NH2 HH22 sing N N 37  
ARG OXT HXT  sing N N 38  
ASN N   CA   sing N N 39  
ASN N   H    sing N N 40  
ASN N   H2   sing N N 41  
ASN CA  C    sing N N 42  
ASN CA  CB   sing N N 43  
ASN CA  HA   sing N N 44  
ASN C   O    doub N N 45  
ASN C   OXT  sing N N 46  
ASN CB  CG   sing N N 47  
ASN CB  HB2  sing N N 48  
ASN CB  HB3  sing N N 49  
ASN CG  OD1  doub N N 50  
ASN CG  ND2  sing N N 51  
ASN ND2 HD21 sing N N 52  
ASN ND2 HD22 sing N N 53  
ASN OXT HXT  sing N N 54  
ASP N   CA   sing N N 55  
ASP N   H    sing N N 56  
ASP N   H2   sing N N 57  
ASP CA  C    sing N N 58  
ASP CA  CB   sing N N 59  
ASP CA  HA   sing N N 60  
ASP C   O    doub N N 61  
ASP C   OXT  sing N N 62  
ASP CB  CG   sing N N 63  
ASP CB  HB2  sing N N 64  
ASP CB  HB3  sing N N 65  
ASP CG  OD1  doub N N 66  
ASP CG  OD2  sing N N 67  
ASP OD2 HD2  sing N N 68  
ASP OXT HXT  sing N N 69  
CYS N   CA   sing N N 70  
CYS N   H    sing N N 71  
CYS N   H2   sing N N 72  
CYS CA  C    sing N N 73  
CYS CA  CB   sing N N 74  
CYS CA  HA   sing N N 75  
CYS C   O    doub N N 76  
CYS C   OXT  sing N N 77  
CYS CB  SG   sing N N 78  
CYS CB  HB2  sing N N 79  
CYS CB  HB3  sing N N 80  
CYS SG  HG   sing N N 81  
CYS OXT HXT  sing N N 82  
GLN N   CA   sing N N 83  
GLN N   H    sing N N 84  
GLN N   H2   sing N N 85  
GLN CA  C    sing N N 86  
GLN CA  CB   sing N N 87  
GLN CA  HA   sing N N 88  
GLN C   O    doub N N 89  
GLN C   OXT  sing N N 90  
GLN CB  CG   sing N N 91  
GLN CB  HB2  sing N N 92  
GLN CB  HB3  sing N N 93  
GLN CG  CD   sing N N 94  
GLN CG  HG2  sing N N 95  
GLN CG  HG3  sing N N 96  
GLN CD  OE1  doub N N 97  
GLN CD  NE2  sing N N 98  
GLN NE2 HE21 sing N N 99  
GLN NE2 HE22 sing N N 100 
GLN OXT HXT  sing N N 101 
GLU N   CA   sing N N 102 
GLU N   H    sing N N 103 
GLU N   H2   sing N N 104 
GLU CA  C    sing N N 105 
GLU CA  CB   sing N N 106 
GLU CA  HA   sing N N 107 
GLU C   O    doub N N 108 
GLU C   OXT  sing N N 109 
GLU CB  CG   sing N N 110 
GLU CB  HB2  sing N N 111 
GLU CB  HB3  sing N N 112 
GLU CG  CD   sing N N 113 
GLU CG  HG2  sing N N 114 
GLU CG  HG3  sing N N 115 
GLU CD  OE1  doub N N 116 
GLU CD  OE2  sing N N 117 
GLU OE2 HE2  sing N N 118 
GLU OXT HXT  sing N N 119 
GLY N   CA   sing N N 120 
GLY N   H    sing N N 121 
GLY N   H2   sing N N 122 
GLY CA  C    sing N N 123 
GLY CA  HA2  sing N N 124 
GLY CA  HA3  sing N N 125 
GLY C   O    doub N N 126 
GLY C   OXT  sing N N 127 
GLY OXT HXT  sing N N 128 
HIS N   CA   sing N N 129 
HIS N   H    sing N N 130 
HIS N   H2   sing N N 131 
HIS CA  C    sing N N 132 
HIS CA  CB   sing N N 133 
HIS CA  HA   sing N N 134 
HIS C   O    doub N N 135 
HIS C   OXT  sing N N 136 
HIS CB  CG   sing N N 137 
HIS CB  HB2  sing N N 138 
HIS CB  HB3  sing N N 139 
HIS CG  ND1  sing Y N 140 
HIS CG  CD2  doub Y N 141 
HIS ND1 CE1  doub Y N 142 
HIS ND1 HD1  sing N N 143 
HIS CD2 NE2  sing Y N 144 
HIS CD2 HD2  sing N N 145 
HIS CE1 NE2  sing Y N 146 
HIS CE1 HE1  sing N N 147 
HIS NE2 HE2  sing N N 148 
HIS OXT HXT  sing N N 149 
HOH O   H1   sing N N 150 
HOH O   H2   sing N N 151 
ILE N   CA   sing N N 152 
ILE N   H    sing N N 153 
ILE N   H2   sing N N 154 
ILE CA  C    sing N N 155 
ILE CA  CB   sing N N 156 
ILE CA  HA   sing N N 157 
ILE C   O    doub N N 158 
ILE C   OXT  sing N N 159 
ILE CB  CG1  sing N N 160 
ILE CB  CG2  sing N N 161 
ILE CB  HB   sing N N 162 
ILE CG1 CD1  sing N N 163 
ILE CG1 HG12 sing N N 164 
ILE CG1 HG13 sing N N 165 
ILE CG2 HG21 sing N N 166 
ILE CG2 HG22 sing N N 167 
ILE CG2 HG23 sing N N 168 
ILE CD1 HD11 sing N N 169 
ILE CD1 HD12 sing N N 170 
ILE CD1 HD13 sing N N 171 
ILE OXT HXT  sing N N 172 
LEU N   CA   sing N N 173 
LEU N   H    sing N N 174 
LEU N   H2   sing N N 175 
LEU CA  C    sing N N 176 
LEU CA  CB   sing N N 177 
LEU CA  HA   sing N N 178 
LEU C   O    doub N N 179 
LEU C   OXT  sing N N 180 
LEU CB  CG   sing N N 181 
LEU CB  HB2  sing N N 182 
LEU CB  HB3  sing N N 183 
LEU CG  CD1  sing N N 184 
LEU CG  CD2  sing N N 185 
LEU CG  HG   sing N N 186 
LEU CD1 HD11 sing N N 187 
LEU CD1 HD12 sing N N 188 
LEU CD1 HD13 sing N N 189 
LEU CD2 HD21 sing N N 190 
LEU CD2 HD22 sing N N 191 
LEU CD2 HD23 sing N N 192 
LEU OXT HXT  sing N N 193 
LYS N   CA   sing N N 194 
LYS N   H    sing N N 195 
LYS N   H2   sing N N 196 
LYS CA  C    sing N N 197 
LYS CA  CB   sing N N 198 
LYS CA  HA   sing N N 199 
LYS C   O    doub N N 200 
LYS C   OXT  sing N N 201 
LYS CB  CG   sing N N 202 
LYS CB  HB2  sing N N 203 
LYS CB  HB3  sing N N 204 
LYS CG  CD   sing N N 205 
LYS CG  HG2  sing N N 206 
LYS CG  HG3  sing N N 207 
LYS CD  CE   sing N N 208 
LYS CD  HD2  sing N N 209 
LYS CD  HD3  sing N N 210 
LYS CE  NZ   sing N N 211 
LYS CE  HE2  sing N N 212 
LYS CE  HE3  sing N N 213 
LYS NZ  HZ1  sing N N 214 
LYS NZ  HZ2  sing N N 215 
LYS NZ  HZ3  sing N N 216 
LYS OXT HXT  sing N N 217 
MET N   CA   sing N N 218 
MET N   H    sing N N 219 
MET N   H2   sing N N 220 
MET CA  C    sing N N 221 
MET CA  CB   sing N N 222 
MET CA  HA   sing N N 223 
MET C   O    doub N N 224 
MET C   OXT  sing N N 225 
MET CB  CG   sing N N 226 
MET CB  HB2  sing N N 227 
MET CB  HB3  sing N N 228 
MET CG  SD   sing N N 229 
MET CG  HG2  sing N N 230 
MET CG  HG3  sing N N 231 
MET SD  CE   sing N N 232 
MET CE  HE1  sing N N 233 
MET CE  HE2  sing N N 234 
MET CE  HE3  sing N N 235 
MET OXT HXT  sing N N 236 
PHE N   CA   sing N N 237 
PHE N   H    sing N N 238 
PHE N   H2   sing N N 239 
PHE CA  C    sing N N 240 
PHE CA  CB   sing N N 241 
PHE CA  HA   sing N N 242 
PHE C   O    doub N N 243 
PHE C   OXT  sing N N 244 
PHE CB  CG   sing N N 245 
PHE CB  HB2  sing N N 246 
PHE CB  HB3  sing N N 247 
PHE CG  CD1  doub Y N 248 
PHE CG  CD2  sing Y N 249 
PHE CD1 CE1  sing Y N 250 
PHE CD1 HD1  sing N N 251 
PHE CD2 CE2  doub Y N 252 
PHE CD2 HD2  sing N N 253 
PHE CE1 CZ   doub Y N 254 
PHE CE1 HE1  sing N N 255 
PHE CE2 CZ   sing Y N 256 
PHE CE2 HE2  sing N N 257 
PHE CZ  HZ   sing N N 258 
PHE OXT HXT  sing N N 259 
PRO N   CA   sing N N 260 
PRO N   CD   sing N N 261 
PRO N   H    sing N N 262 
PRO CA  C    sing N N 263 
PRO CA  CB   sing N N 264 
PRO CA  HA   sing N N 265 
PRO C   O    doub N N 266 
PRO C   OXT  sing N N 267 
PRO CB  CG   sing N N 268 
PRO CB  HB2  sing N N 269 
PRO CB  HB3  sing N N 270 
PRO CG  CD   sing N N 271 
PRO CG  HG2  sing N N 272 
PRO CG  HG3  sing N N 273 
PRO CD  HD2  sing N N 274 
PRO CD  HD3  sing N N 275 
PRO OXT HXT  sing N N 276 
SER N   CA   sing N N 277 
SER N   H    sing N N 278 
SER N   H2   sing N N 279 
SER CA  C    sing N N 280 
SER CA  CB   sing N N 281 
SER CA  HA   sing N N 282 
SER C   O    doub N N 283 
SER C   OXT  sing N N 284 
SER CB  OG   sing N N 285 
SER CB  HB2  sing N N 286 
SER CB  HB3  sing N N 287 
SER OG  HG   sing N N 288 
SER OXT HXT  sing N N 289 
THR N   CA   sing N N 290 
THR N   H    sing N N 291 
THR N   H2   sing N N 292 
THR CA  C    sing N N 293 
THR CA  CB   sing N N 294 
THR CA  HA   sing N N 295 
THR C   O    doub N N 296 
THR C   OXT  sing N N 297 
THR CB  OG1  sing N N 298 
THR CB  CG2  sing N N 299 
THR CB  HB   sing N N 300 
THR OG1 HG1  sing N N 301 
THR CG2 HG21 sing N N 302 
THR CG2 HG22 sing N N 303 
THR CG2 HG23 sing N N 304 
THR OXT HXT  sing N N 305 
TRP N   CA   sing N N 306 
TRP N   H    sing N N 307 
TRP N   H2   sing N N 308 
TRP CA  C    sing N N 309 
TRP CA  CB   sing N N 310 
TRP CA  HA   sing N N 311 
TRP C   O    doub N N 312 
TRP C   OXT  sing N N 313 
TRP CB  CG   sing N N 314 
TRP CB  HB2  sing N N 315 
TRP CB  HB3  sing N N 316 
TRP CG  CD1  doub Y N 317 
TRP CG  CD2  sing Y N 318 
TRP CD1 NE1  sing Y N 319 
TRP CD1 HD1  sing N N 320 
TRP CD2 CE2  doub Y N 321 
TRP CD2 CE3  sing Y N 322 
TRP NE1 CE2  sing Y N 323 
TRP NE1 HE1  sing N N 324 
TRP CE2 CZ2  sing Y N 325 
TRP CE3 CZ3  doub Y N 326 
TRP CE3 HE3  sing N N 327 
TRP CZ2 CH2  doub Y N 328 
TRP CZ2 HZ2  sing N N 329 
TRP CZ3 CH2  sing Y N 330 
TRP CZ3 HZ3  sing N N 331 
TRP CH2 HH2  sing N N 332 
TRP OXT HXT  sing N N 333 
TYR N   CA   sing N N 334 
TYR N   H    sing N N 335 
TYR N   H2   sing N N 336 
TYR CA  C    sing N N 337 
TYR CA  CB   sing N N 338 
TYR CA  HA   sing N N 339 
TYR C   O    doub N N 340 
TYR C   OXT  sing N N 341 
TYR CB  CG   sing N N 342 
TYR CB  HB2  sing N N 343 
TYR CB  HB3  sing N N 344 
TYR CG  CD1  doub Y N 345 
TYR CG  CD2  sing Y N 346 
TYR CD1 CE1  sing Y N 347 
TYR CD1 HD1  sing N N 348 
TYR CD2 CE2  doub Y N 349 
TYR CD2 HD2  sing N N 350 
TYR CE1 CZ   doub Y N 351 
TYR CE1 HE1  sing N N 352 
TYR CE2 CZ   sing Y N 353 
TYR CE2 HE2  sing N N 354 
TYR CZ  OH   sing N N 355 
TYR OH  HH   sing N N 356 
TYR OXT HXT  sing N N 357 
VAL N   CA   sing N N 358 
VAL N   H    sing N N 359 
VAL N   H2   sing N N 360 
VAL CA  C    sing N N 361 
VAL CA  CB   sing N N 362 
VAL CA  HA   sing N N 363 
VAL C   O    doub N N 364 
VAL C   OXT  sing N N 365 
VAL CB  CG1  sing N N 366 
VAL CB  CG2  sing N N 367 
VAL CB  HB   sing N N 368 
VAL CG1 HG11 sing N N 369 
VAL CG1 HG12 sing N N 370 
VAL CG1 HG13 sing N N 371 
VAL CG2 HG21 sing N N 372 
VAL CG2 HG22 sing N N 373 
VAL CG2 HG23 sing N N 374 
VAL OXT HXT  sing N N 375 
# 
loop_
_pdbx_entity_nonpoly.entity_id 
_pdbx_entity_nonpoly.name 
_pdbx_entity_nonpoly.comp_id 
2 'UNKNOWN ATOM OR ION' UNX 
3 water                 HOH 
# 
_pdbx_initial_refinement_model.id               1 
_pdbx_initial_refinement_model.entity_id_list   ? 
_pdbx_initial_refinement_model.type             'experimental model' 
_pdbx_initial_refinement_model.source_name      PDB 
_pdbx_initial_refinement_model.accession_code   1X23 
_pdbx_initial_refinement_model.details          ? 
# 
